data_4UME
# 
_entry.id   4UME 
# 
_audit_conform.dict_name       mmcif_pdbx.dic 
_audit_conform.dict_version    5.383 
_audit_conform.dict_location   http://mmcif.pdb.org/dictionaries/ascii/mmcif_pdbx.dic 
# 
loop_
_database_2.database_id 
_database_2.database_code 
_database_2.pdbx_database_accession 
_database_2.pdbx_DOI 
PDB   4UME         pdb_00004ume 10.2210/pdb4ume/pdb 
PDBE  EBI-60598    ?            ?                   
WWPDB D_1290060598 ?            ?                   
# 
loop_
_pdbx_audit_revision_history.ordinal 
_pdbx_audit_revision_history.data_content_type 
_pdbx_audit_revision_history.major_revision 
_pdbx_audit_revision_history.minor_revision 
_pdbx_audit_revision_history.revision_date 
1 'Structure model' 1 0 2015-02-11 
2 'Structure model' 1 1 2015-02-25 
3 'Structure model' 1 2 2020-07-29 
4 'Structure model' 1 3 2024-01-10 
# 
loop_
_pdbx_audit_revision_details.ordinal 
_pdbx_audit_revision_details.revision_ordinal 
_pdbx_audit_revision_details.data_content_type 
_pdbx_audit_revision_details.provider 
_pdbx_audit_revision_details.type 
_pdbx_audit_revision_details.description 
_pdbx_audit_revision_details.details 
1 1 'Structure model' repository 'Initial release' ?                          ? 
2 3 'Structure model' repository Remediation       'Carbohydrate remediation' ? 
# 
loop_
_pdbx_audit_revision_group.ordinal 
_pdbx_audit_revision_group.revision_ordinal 
_pdbx_audit_revision_group.data_content_type 
_pdbx_audit_revision_group.group 
1 2 'Structure model' 'Database references'    
2 3 'Structure model' 'Data collection'        
3 3 'Structure model' 'Derived calculations'   
4 3 'Structure model' Other                    
5 3 'Structure model' 'Structure summary'      
6 4 'Structure model' 'Data collection'        
7 4 'Structure model' 'Database references'    
8 4 'Structure model' 'Refinement description' 
9 4 'Structure model' 'Structure summary'      
# 
loop_
_pdbx_audit_revision_category.ordinal 
_pdbx_audit_revision_category.revision_ordinal 
_pdbx_audit_revision_category.data_content_type 
_pdbx_audit_revision_category.category 
1  3 'Structure model' chem_comp                     
2  3 'Structure model' entity                        
3  3 'Structure model' pdbx_chem_comp_identifier     
4  3 'Structure model' pdbx_database_status          
5  3 'Structure model' pdbx_entity_nonpoly           
6  3 'Structure model' pdbx_struct_conn_angle        
7  3 'Structure model' struct_conn                   
8  3 'Structure model' struct_site                   
9  3 'Structure model' struct_site_gen               
10 4 'Structure model' chem_comp                     
11 4 'Structure model' chem_comp_atom                
12 4 'Structure model' chem_comp_bond                
13 4 'Structure model' database_2                    
14 4 'Structure model' pdbx_initial_refinement_model 
# 
loop_
_pdbx_audit_revision_item.ordinal 
_pdbx_audit_revision_item.revision_ordinal 
_pdbx_audit_revision_item.data_content_type 
_pdbx_audit_revision_item.item 
1  3 'Structure model' '_chem_comp.name'                             
2  3 'Structure model' '_chem_comp.type'                             
3  3 'Structure model' '_entity.pdbx_description'                    
4  3 'Structure model' '_pdbx_database_status.status_code_sf'        
5  3 'Structure model' '_pdbx_entity_nonpoly.name'                   
6  3 'Structure model' '_pdbx_struct_conn_angle.ptnr1_auth_comp_id'  
7  3 'Structure model' '_pdbx_struct_conn_angle.ptnr1_auth_seq_id'   
8  3 'Structure model' '_pdbx_struct_conn_angle.ptnr1_label_asym_id' 
9  3 'Structure model' '_pdbx_struct_conn_angle.ptnr1_label_atom_id' 
10 3 'Structure model' '_pdbx_struct_conn_angle.ptnr1_label_comp_id' 
11 3 'Structure model' '_pdbx_struct_conn_angle.ptnr1_label_seq_id'  
12 3 'Structure model' '_pdbx_struct_conn_angle.ptnr1_symmetry'      
13 3 'Structure model' '_pdbx_struct_conn_angle.ptnr3_auth_comp_id'  
14 3 'Structure model' '_pdbx_struct_conn_angle.ptnr3_auth_seq_id'   
15 3 'Structure model' '_pdbx_struct_conn_angle.ptnr3_label_asym_id' 
16 3 'Structure model' '_pdbx_struct_conn_angle.ptnr3_label_atom_id' 
17 3 'Structure model' '_pdbx_struct_conn_angle.ptnr3_label_comp_id' 
18 3 'Structure model' '_pdbx_struct_conn_angle.ptnr3_label_seq_id'  
19 3 'Structure model' '_pdbx_struct_conn_angle.ptnr3_symmetry'      
20 3 'Structure model' '_pdbx_struct_conn_angle.value'               
21 3 'Structure model' '_struct_conn.pdbx_dist_value'                
22 3 'Structure model' '_struct_conn.ptnr1_auth_comp_id'             
23 3 'Structure model' '_struct_conn.ptnr1_auth_seq_id'              
24 3 'Structure model' '_struct_conn.ptnr1_label_asym_id'            
25 3 'Structure model' '_struct_conn.ptnr1_label_atom_id'            
26 3 'Structure model' '_struct_conn.ptnr1_label_comp_id'            
27 3 'Structure model' '_struct_conn.ptnr1_label_seq_id'             
28 3 'Structure model' '_struct_conn.ptnr2_auth_comp_id'             
29 3 'Structure model' '_struct_conn.ptnr2_auth_seq_id'              
30 3 'Structure model' '_struct_conn.ptnr2_label_asym_id'            
31 3 'Structure model' '_struct_conn.ptnr2_label_atom_id'            
32 3 'Structure model' '_struct_conn.ptnr2_label_comp_id'            
33 3 'Structure model' '_struct_conn.ptnr2_label_seq_id'             
34 3 'Structure model' '_struct_conn.ptnr2_symmetry'                 
35 4 'Structure model' '_chem_comp.pdbx_synonyms'                    
36 4 'Structure model' '_database_2.pdbx_DOI'                        
37 4 'Structure model' '_database_2.pdbx_database_accession'         
# 
_pdbx_database_status.status_code                     REL 
_pdbx_database_status.entry_id                        4UME 
_pdbx_database_status.deposit_site                    PDBE 
_pdbx_database_status.process_site                    PDBE 
_pdbx_database_status.SG_entry                        . 
_pdbx_database_status.recvd_initial_deposition_date   2014-05-16 
_pdbx_database_status.pdb_format_compatible           Y 
_pdbx_database_status.status_code_sf                  REL 
_pdbx_database_status.status_code_mr                  ? 
_pdbx_database_status.status_code_cs                  ? 
_pdbx_database_status.methods_development_category    ? 
_pdbx_database_status.status_code_nmr_data            ? 
# 
loop_
_pdbx_database_related.db_name 
_pdbx_database_related.db_id 
_pdbx_database_related.content_type 
_pdbx_database_related.details 
PDB 4UM5 unspecified 
;CRYSTAL STRUCTURE OF 3-DEOXY-D-MANNO-OCTULOSONATE 8- PHOSPHATE PHOSPHATASE FROM MORAXELLA CATARRHALIS IN COMPLEX WITH MAGNESIUM ION AND PHOSPHATE ION
;
PDB 4UM6 unspecified 
'CRYSTAL STRUCTURE OF 11S GLOBULIN FROM WRIGHTIA TINCTORIA IN COMPLEX WITH INDOLE-3-ACETYL-EPSILON- LYSINE CONJUGATE' 
PDB 4UM7 unspecified 
;CRYSTAL STRUCTURE OF 3-DEOXY-D-MANNO-OCTULOSONATE 8- PHOSPHATE PHOSPHATASE (KDSC) FROM MORAXELLA CATARRHALIS IN COMPLEX WITH MAGNESIUM ION
;
PDB 4UMD unspecified 
'CRYSTAL STRUCTURE OF 3-DEOXY-D-MANNO-OCTULOSONATE 8- PHOSPHATE PHOSPHATASE FROM MORAXELLA CATARRHALIS IN COMPLEX WITH CITRATE' 
PDB 4UMF unspecified 
;CRYSTAL STRUCTURE OF 3-DEOXY-D-MANNO-OCTULOSONATE 8- PHOSPHATE PHOSPHATASE FROM MORAXELLA CATARRHALIS IN COMPLEX WITH MAGNESIUM ION, PHOSPHATE ION AND KDO MOLECULE
;
# 
loop_
_audit_author.name 
_audit_author.pdbx_ordinal 
'Dhindwal, S.' 1 
'Tomar, S.'    2 
'Kumar, P.'    3 
# 
_citation.id                        primary 
_citation.title                     
;Ligand-Bound Structures of 3-Deoxy-D-Manno-Octulosonate 8-Phosphate Phosphatase from Moraxella Catarrhalis Reveal a Water Channel Connecting to the Active Site for the Second Step of Catalysis
;
_citation.journal_abbrev            'Acta Crystallogr.,Sect.D' 
_citation.journal_volume            71 
_citation.page_first                239 
_citation.page_last                 ? 
_citation.year                      2015 
_citation.journal_id_ASTM           ABCRE6 
_citation.country                   DK 
_citation.journal_id_ISSN           0907-4449 
_citation.journal_id_CSD            0766 
_citation.book_publisher            ? 
_citation.pdbx_database_id_PubMed   25664734 
_citation.pdbx_database_id_DOI      10.1107/S1399004714025218 
# 
loop_
_citation_author.citation_id 
_citation_author.name 
_citation_author.ordinal 
_citation_author.identifier_ORCID 
primary 'Dhindwal, S.'      1 ? 
primary 'Priyadarshini, P.' 2 ? 
primary 'Patil, D.N.'       3 ? 
primary 'Tapas, S.'         4 ? 
primary 'Kumar, P.'         5 ? 
primary 'Tomar, S.'         6 ? 
primary 'Kumar, P.'         7 ? 
# 
loop_
_entity.id 
_entity.type 
_entity.src_method 
_entity.pdbx_description 
_entity.formula_weight 
_entity.pdbx_number_of_molecules 
_entity.pdbx_ec 
_entity.pdbx_mutation 
_entity.pdbx_fragment 
_entity.details 
1 polymer     man '3-DEOXY-D-MANNO-OCTULOSONATE 8-PHOSPHATE PHOSPHATASE KDSC' 21084.877 1  3.1.3.45 ? ? ? 
2 non-polymer man '3-deoxy-alpha-D-manno-oct-2-ulopyranosonic acid'           238.192   1  ?        ? ? ? 
3 non-polymer syn 'MAGNESIUM ION'                                             24.305    4  ?        ? ? ? 
4 water       nat water                                                       18.015    86 ?        ? ? ? 
# 
_entity_name_com.entity_id   1 
_entity_name_com.name        '3-DEOXY-D-MANNO-OCTULOSONATE 8-PHOSPHATE PHOSPHATASE' 
# 
_entity_poly.entity_id                      1 
_entity_poly.type                           'polypeptide(L)' 
_entity_poly.nstd_linkage                   no 
_entity_poly.nstd_monomer                   no 
_entity_poly.pdbx_seq_one_letter_code       
;MGSSHHHHHHSSENLYFQGHMNEIYQKAKHIKLFAMDVDGILSDGQIIYNSEGTETKAFYVQDGLGLQALKQSGIILAII
TGRSSAMVDRRAKELGISHIIQGQDDKLTALVGLTKKLGIELSHCAYIGDDLPDLKAVREAGFGISVPNGCEQTRAVSDY
ITTKTGGNGAVREVCELILKAQNNFDAFIATFQ
;
_entity_poly.pdbx_seq_one_letter_code_can   
;MGSSHHHHHHSSENLYFQGHMNEIYQKAKHIKLFAMDVDGILSDGQIIYNSEGTETKAFYVQDGLGLQALKQSGIILAII
TGRSSAMVDRRAKELGISHIIQGQDDKLTALVGLTKKLGIELSHCAYIGDDLPDLKAVREAGFGISVPNGCEQTRAVSDY
ITTKTGGNGAVREVCELILKAQNNFDAFIATFQ
;
_entity_poly.pdbx_strand_id                 A 
_entity_poly.pdbx_target_identifier         ? 
# 
loop_
_pdbx_entity_nonpoly.entity_id 
_pdbx_entity_nonpoly.name 
_pdbx_entity_nonpoly.comp_id 
2 '3-deoxy-alpha-D-manno-oct-2-ulopyranosonic acid' KDO 
3 'MAGNESIUM ION'                                   MG  
4 water                                             HOH 
# 
loop_
_entity_poly_seq.entity_id 
_entity_poly_seq.num 
_entity_poly_seq.mon_id 
_entity_poly_seq.hetero 
1 1   MET n 
1 2   GLY n 
1 3   SER n 
1 4   SER n 
1 5   HIS n 
1 6   HIS n 
1 7   HIS n 
1 8   HIS n 
1 9   HIS n 
1 10  HIS n 
1 11  SER n 
1 12  SER n 
1 13  GLU n 
1 14  ASN n 
1 15  LEU n 
1 16  TYR n 
1 17  PHE n 
1 18  GLN n 
1 19  GLY n 
1 20  HIS n 
1 21  MET n 
1 22  ASN n 
1 23  GLU n 
1 24  ILE n 
1 25  TYR n 
1 26  GLN n 
1 27  LYS n 
1 28  ALA n 
1 29  LYS n 
1 30  HIS n 
1 31  ILE n 
1 32  LYS n 
1 33  LEU n 
1 34  PHE n 
1 35  ALA n 
1 36  MET n 
1 37  ASP n 
1 38  VAL n 
1 39  ASP n 
1 40  GLY n 
1 41  ILE n 
1 42  LEU n 
1 43  SER n 
1 44  ASP n 
1 45  GLY n 
1 46  GLN n 
1 47  ILE n 
1 48  ILE n 
1 49  TYR n 
1 50  ASN n 
1 51  SER n 
1 52  GLU n 
1 53  GLY n 
1 54  THR n 
1 55  GLU n 
1 56  THR n 
1 57  LYS n 
1 58  ALA n 
1 59  PHE n 
1 60  TYR n 
1 61  VAL n 
1 62  GLN n 
1 63  ASP n 
1 64  GLY n 
1 65  LEU n 
1 66  GLY n 
1 67  LEU n 
1 68  GLN n 
1 69  ALA n 
1 70  LEU n 
1 71  LYS n 
1 72  GLN n 
1 73  SER n 
1 74  GLY n 
1 75  ILE n 
1 76  ILE n 
1 77  LEU n 
1 78  ALA n 
1 79  ILE n 
1 80  ILE n 
1 81  THR n 
1 82  GLY n 
1 83  ARG n 
1 84  SER n 
1 85  SER n 
1 86  ALA n 
1 87  MET n 
1 88  VAL n 
1 89  ASP n 
1 90  ARG n 
1 91  ARG n 
1 92  ALA n 
1 93  LYS n 
1 94  GLU n 
1 95  LEU n 
1 96  GLY n 
1 97  ILE n 
1 98  SER n 
1 99  HIS n 
1 100 ILE n 
1 101 ILE n 
1 102 GLN n 
1 103 GLY n 
1 104 GLN n 
1 105 ASP n 
1 106 ASP n 
1 107 LYS n 
1 108 LEU n 
1 109 THR n 
1 110 ALA n 
1 111 LEU n 
1 112 VAL n 
1 113 GLY n 
1 114 LEU n 
1 115 THR n 
1 116 LYS n 
1 117 LYS n 
1 118 LEU n 
1 119 GLY n 
1 120 ILE n 
1 121 GLU n 
1 122 LEU n 
1 123 SER n 
1 124 HIS n 
1 125 CYS n 
1 126 ALA n 
1 127 TYR n 
1 128 ILE n 
1 129 GLY n 
1 130 ASP n 
1 131 ASP n 
1 132 LEU n 
1 133 PRO n 
1 134 ASP n 
1 135 LEU n 
1 136 LYS n 
1 137 ALA n 
1 138 VAL n 
1 139 ARG n 
1 140 GLU n 
1 141 ALA n 
1 142 GLY n 
1 143 PHE n 
1 144 GLY n 
1 145 ILE n 
1 146 SER n 
1 147 VAL n 
1 148 PRO n 
1 149 ASN n 
1 150 GLY n 
1 151 CYS n 
1 152 GLU n 
1 153 GLN n 
1 154 THR n 
1 155 ARG n 
1 156 ALA n 
1 157 VAL n 
1 158 SER n 
1 159 ASP n 
1 160 TYR n 
1 161 ILE n 
1 162 THR n 
1 163 THR n 
1 164 LYS n 
1 165 THR n 
1 166 GLY n 
1 167 GLY n 
1 168 ASN n 
1 169 GLY n 
1 170 ALA n 
1 171 VAL n 
1 172 ARG n 
1 173 GLU n 
1 174 VAL n 
1 175 CYS n 
1 176 GLU n 
1 177 LEU n 
1 178 ILE n 
1 179 LEU n 
1 180 LYS n 
1 181 ALA n 
1 182 GLN n 
1 183 ASN n 
1 184 ASN n 
1 185 PHE n 
1 186 ASP n 
1 187 ALA n 
1 188 PHE n 
1 189 ILE n 
1 190 ALA n 
1 191 THR n 
1 192 PHE n 
1 193 GLN n 
# 
_entity_src_gen.entity_id                          1 
_entity_src_gen.pdbx_src_id                        1 
_entity_src_gen.pdbx_alt_source_flag               sample 
_entity_src_gen.pdbx_seq_type                      ? 
_entity_src_gen.pdbx_beg_seq_num                   ? 
_entity_src_gen.pdbx_end_seq_num                   ? 
_entity_src_gen.gene_src_common_name               ? 
_entity_src_gen.gene_src_genus                     ? 
_entity_src_gen.pdbx_gene_src_gene                 ? 
_entity_src_gen.gene_src_species                   ? 
_entity_src_gen.gene_src_strain                    ? 
_entity_src_gen.gene_src_tissue                    ? 
_entity_src_gen.gene_src_tissue_fraction           ? 
_entity_src_gen.gene_src_details                   ? 
_entity_src_gen.pdbx_gene_src_fragment             ? 
_entity_src_gen.pdbx_gene_src_scientific_name      'MORAXELLA CATARRHALIS BC8' 
_entity_src_gen.pdbx_gene_src_ncbi_taxonomy_id     857574 
_entity_src_gen.pdbx_gene_src_variant              ? 
_entity_src_gen.pdbx_gene_src_cell_line            ? 
_entity_src_gen.pdbx_gene_src_atcc                 ? 
_entity_src_gen.pdbx_gene_src_organ                ? 
_entity_src_gen.pdbx_gene_src_organelle            ? 
_entity_src_gen.pdbx_gene_src_cell                 ? 
_entity_src_gen.pdbx_gene_src_cellular_location    ? 
_entity_src_gen.host_org_common_name               ? 
_entity_src_gen.pdbx_host_org_scientific_name      'ESCHERICHIA COLI' 
_entity_src_gen.pdbx_host_org_ncbi_taxonomy_id     469008 
_entity_src_gen.host_org_genus                     ? 
_entity_src_gen.pdbx_host_org_gene                 ? 
_entity_src_gen.pdbx_host_org_organ                ? 
_entity_src_gen.host_org_species                   ? 
_entity_src_gen.pdbx_host_org_tissue               ? 
_entity_src_gen.pdbx_host_org_tissue_fraction      ? 
_entity_src_gen.pdbx_host_org_strain               'BL21(DE3)' 
_entity_src_gen.pdbx_host_org_variant              ? 
_entity_src_gen.pdbx_host_org_cell_line            ? 
_entity_src_gen.pdbx_host_org_atcc                 ? 
_entity_src_gen.pdbx_host_org_culture_collection   ? 
_entity_src_gen.pdbx_host_org_cell                 ? 
_entity_src_gen.pdbx_host_org_organelle            ? 
_entity_src_gen.pdbx_host_org_cellular_location    ? 
_entity_src_gen.pdbx_host_org_vector_type          PLASMID 
_entity_src_gen.pdbx_host_org_vector               PET28C 
_entity_src_gen.host_org_details                   ? 
_entity_src_gen.expression_system_id               ? 
_entity_src_gen.plasmid_name                       ? 
_entity_src_gen.plasmid_details                    ? 
_entity_src_gen.pdbx_description                   ? 
# 
loop_
_chem_comp.id 
_chem_comp.type 
_chem_comp.mon_nstd_flag 
_chem_comp.name 
_chem_comp.pdbx_synonyms 
_chem_comp.formula 
_chem_comp.formula_weight 
ALA 'L-peptide linking'           y ALANINE                                           ? 'C3 H7 N O2'     89.093  
ARG 'L-peptide linking'           y ARGININE                                          ? 'C6 H15 N4 O2 1' 175.209 
ASN 'L-peptide linking'           y ASPARAGINE                                        ? 'C4 H8 N2 O3'    132.118 
ASP 'L-peptide linking'           y 'ASPARTIC ACID'                                   ? 'C4 H7 N O4'     133.103 
CYS 'L-peptide linking'           y CYSTEINE                                          ? 'C3 H7 N O2 S'   121.158 
GLN 'L-peptide linking'           y GLUTAMINE                                         ? 'C5 H10 N2 O3'   146.144 
GLU 'L-peptide linking'           y 'GLUTAMIC ACID'                                   ? 'C5 H9 N O4'     147.129 
GLY 'peptide linking'             y GLYCINE                                           ? 'C2 H5 N O2'     75.067  
HIS 'L-peptide linking'           y HISTIDINE                                         ? 'C6 H10 N3 O2 1' 156.162 
HOH non-polymer                   . WATER                                             ? 'H2 O'           18.015  
ILE 'L-peptide linking'           y ISOLEUCINE                                        ? 'C6 H13 N O2'    131.173 
KDO 'D-saccharide, alpha linking' . '3-deoxy-alpha-D-manno-oct-2-ulopyranosonic acid' 
;3-deoxy-d-manno-oct-2-ulopyranosonic acid; 2-keto-3-deoxy-D-mannooctanoic acid; 3-deoxy-alpha-D-manno-oct-2-ulosonic acid; 3-deoxy-D-manno-oct-2-ulosonic acid; 3-deoxy-manno-oct-2-ulosonic acid
;
'C8 H14 O8'      238.192 
LEU 'L-peptide linking'           y LEUCINE                                           ? 'C6 H13 N O2'    131.173 
LYS 'L-peptide linking'           y LYSINE                                            ? 'C6 H15 N2 O2 1' 147.195 
MET 'L-peptide linking'           y METHIONINE                                        ? 'C5 H11 N O2 S'  149.211 
MG  non-polymer                   . 'MAGNESIUM ION'                                   ? 'Mg 2'           24.305  
PHE 'L-peptide linking'           y PHENYLALANINE                                     ? 'C9 H11 N O2'    165.189 
PRO 'L-peptide linking'           y PROLINE                                           ? 'C5 H9 N O2'     115.130 
SER 'L-peptide linking'           y SERINE                                            ? 'C3 H7 N O3'     105.093 
THR 'L-peptide linking'           y THREONINE                                         ? 'C4 H9 N O3'     119.119 
TYR 'L-peptide linking'           y TYROSINE                                          ? 'C9 H11 N O3'    181.189 
VAL 'L-peptide linking'           y VALINE                                            ? 'C5 H11 N O2'    117.146 
# 
loop_
_pdbx_chem_comp_identifier.comp_id 
_pdbx_chem_comp_identifier.type 
_pdbx_chem_comp_identifier.program 
_pdbx_chem_comp_identifier.program_version 
_pdbx_chem_comp_identifier.identifier 
KDO 'CONDENSED IUPAC CARBOHYDRATE SYMBOL' GMML     1.0 DKdopa   
KDO 'IUPAC CARBOHYDRATE SYMBOL'           PDB-CARE 1.0 a-D-Kdop 
KDO 'SNFG CARBOHYDRATE SYMBOL'            GMML     1.0 Kdo      
# 
loop_
_pdbx_poly_seq_scheme.asym_id 
_pdbx_poly_seq_scheme.entity_id 
_pdbx_poly_seq_scheme.seq_id 
_pdbx_poly_seq_scheme.mon_id 
_pdbx_poly_seq_scheme.ndb_seq_num 
_pdbx_poly_seq_scheme.pdb_seq_num 
_pdbx_poly_seq_scheme.auth_seq_num 
_pdbx_poly_seq_scheme.pdb_mon_id 
_pdbx_poly_seq_scheme.auth_mon_id 
_pdbx_poly_seq_scheme.pdb_strand_id 
_pdbx_poly_seq_scheme.pdb_ins_code 
_pdbx_poly_seq_scheme.hetero 
A 1 1   MET 1   -19 ?   ?   ?   A . n 
A 1 2   GLY 2   -18 ?   ?   ?   A . n 
A 1 3   SER 3   -17 ?   ?   ?   A . n 
A 1 4   SER 4   -16 ?   ?   ?   A . n 
A 1 5   HIS 5   -15 ?   ?   ?   A . n 
A 1 6   HIS 6   -14 ?   ?   ?   A . n 
A 1 7   HIS 7   -13 ?   ?   ?   A . n 
A 1 8   HIS 8   -12 ?   ?   ?   A . n 
A 1 9   HIS 9   -11 ?   ?   ?   A . n 
A 1 10  HIS 10  -10 ?   ?   ?   A . n 
A 1 11  SER 11  -9  ?   ?   ?   A . n 
A 1 12  SER 12  -8  ?   ?   ?   A . n 
A 1 13  GLU 13  -7  ?   ?   ?   A . n 
A 1 14  ASN 14  -6  ?   ?   ?   A . n 
A 1 15  LEU 15  -5  ?   ?   ?   A . n 
A 1 16  TYR 16  -4  ?   ?   ?   A . n 
A 1 17  PHE 17  -3  ?   ?   ?   A . n 
A 1 18  GLN 18  -2  ?   ?   ?   A . n 
A 1 19  GLY 19  -1  ?   ?   ?   A . n 
A 1 20  HIS 20  0   0   HIS HIS A . n 
A 1 21  MET 21  1   1   MET MET A . n 
A 1 22  ASN 22  2   2   ASN ASN A . n 
A 1 23  GLU 23  3   3   GLU GLU A . n 
A 1 24  ILE 24  4   4   ILE ILE A . n 
A 1 25  TYR 25  5   5   TYR TYR A . n 
A 1 26  GLN 26  6   6   GLN GLN A . n 
A 1 27  LYS 27  7   7   LYS LYS A . n 
A 1 28  ALA 28  8   8   ALA ALA A . n 
A 1 29  LYS 29  9   9   LYS LYS A . n 
A 1 30  HIS 30  10  10  HIS HIS A . n 
A 1 31  ILE 31  11  11  ILE ILE A . n 
A 1 32  LYS 32  12  12  LYS LYS A . n 
A 1 33  LEU 33  13  13  LEU LEU A . n 
A 1 34  PHE 34  14  14  PHE PHE A . n 
A 1 35  ALA 35  15  15  ALA ALA A . n 
A 1 36  MET 36  16  16  MET MET A . n 
A 1 37  ASP 37  17  17  ASP ASP A . n 
A 1 38  VAL 38  18  18  VAL VAL A . n 
A 1 39  ASP 39  19  19  ASP ASP A . n 
A 1 40  GLY 40  20  20  GLY GLY A . n 
A 1 41  ILE 41  21  21  ILE ILE A . n 
A 1 42  LEU 42  22  22  LEU LEU A . n 
A 1 43  SER 43  23  23  SER SER A . n 
A 1 44  ASP 44  24  24  ASP ASP A . n 
A 1 45  GLY 45  25  25  GLY GLY A . n 
A 1 46  GLN 46  26  26  GLN GLN A . n 
A 1 47  ILE 47  27  27  ILE ILE A . n 
A 1 48  ILE 48  28  28  ILE ILE A . n 
A 1 49  TYR 49  29  29  TYR TYR A . n 
A 1 50  ASN 50  30  30  ASN ASN A . n 
A 1 51  SER 51  31  31  SER SER A . n 
A 1 52  GLU 52  32  32  GLU GLU A . n 
A 1 53  GLY 53  33  33  GLY GLY A . n 
A 1 54  THR 54  34  34  THR THR A . n 
A 1 55  GLU 55  35  35  GLU GLU A . n 
A 1 56  THR 56  36  36  THR THR A . n 
A 1 57  LYS 57  37  37  LYS LYS A . n 
A 1 58  ALA 58  38  38  ALA ALA A . n 
A 1 59  PHE 59  39  39  PHE PHE A . n 
A 1 60  TYR 60  40  40  TYR TYR A . n 
A 1 61  VAL 61  41  41  VAL VAL A . n 
A 1 62  GLN 62  42  42  GLN GLN A . n 
A 1 63  ASP 63  43  43  ASP ASP A . n 
A 1 64  GLY 64  44  44  GLY GLY A . n 
A 1 65  LEU 65  45  45  LEU LEU A . n 
A 1 66  GLY 66  46  46  GLY GLY A . n 
A 1 67  LEU 67  47  47  LEU LEU A . n 
A 1 68  GLN 68  48  48  GLN GLN A . n 
A 1 69  ALA 69  49  49  ALA ALA A . n 
A 1 70  LEU 70  50  50  LEU LEU A . n 
A 1 71  LYS 71  51  51  LYS LYS A . n 
A 1 72  GLN 72  52  52  GLN GLN A . n 
A 1 73  SER 73  53  53  SER SER A . n 
A 1 74  GLY 74  54  54  GLY GLY A . n 
A 1 75  ILE 75  55  55  ILE ILE A . n 
A 1 76  ILE 76  56  56  ILE ILE A . n 
A 1 77  LEU 77  57  57  LEU LEU A . n 
A 1 78  ALA 78  58  58  ALA ALA A . n 
A 1 79  ILE 79  59  59  ILE ILE A . n 
A 1 80  ILE 80  60  60  ILE ILE A . n 
A 1 81  THR 81  61  61  THR THR A . n 
A 1 82  GLY 82  62  62  GLY GLY A . n 
A 1 83  ARG 83  63  63  ARG ARG A . n 
A 1 84  SER 84  64  64  SER SER A . n 
A 1 85  SER 85  65  65  SER SER A . n 
A 1 86  ALA 86  66  66  ALA ALA A . n 
A 1 87  MET 87  67  67  MET MET A . n 
A 1 88  VAL 88  68  68  VAL VAL A . n 
A 1 89  ASP 89  69  69  ASP ASP A . n 
A 1 90  ARG 90  70  70  ARG ARG A . n 
A 1 91  ARG 91  71  71  ARG ARG A . n 
A 1 92  ALA 92  72  72  ALA ALA A . n 
A 1 93  LYS 93  73  73  LYS LYS A . n 
A 1 94  GLU 94  74  74  GLU GLU A . n 
A 1 95  LEU 95  75  75  LEU LEU A . n 
A 1 96  GLY 96  76  76  GLY GLY A . n 
A 1 97  ILE 97  77  77  ILE ILE A . n 
A 1 98  SER 98  78  78  SER SER A . n 
A 1 99  HIS 99  79  79  HIS HIS A . n 
A 1 100 ILE 100 80  80  ILE ILE A . n 
A 1 101 ILE 101 81  81  ILE ILE A . n 
A 1 102 GLN 102 82  82  GLN GLN A . n 
A 1 103 GLY 103 83  83  GLY GLY A . n 
A 1 104 GLN 104 84  84  GLN GLN A . n 
A 1 105 ASP 105 85  85  ASP ASP A . n 
A 1 106 ASP 106 86  86  ASP ASP A . n 
A 1 107 LYS 107 87  87  LYS LYS A . n 
A 1 108 LEU 108 88  88  LEU LEU A . n 
A 1 109 THR 109 89  89  THR THR A . n 
A 1 110 ALA 110 90  90  ALA ALA A . n 
A 1 111 LEU 111 91  91  LEU LEU A . n 
A 1 112 VAL 112 92  92  VAL VAL A . n 
A 1 113 GLY 113 93  93  GLY GLY A . n 
A 1 114 LEU 114 94  94  LEU LEU A . n 
A 1 115 THR 115 95  95  THR THR A . n 
A 1 116 LYS 116 96  96  LYS LYS A . n 
A 1 117 LYS 117 97  97  LYS LYS A . n 
A 1 118 LEU 118 98  98  LEU LEU A . n 
A 1 119 GLY 119 99  99  GLY GLY A . n 
A 1 120 ILE 120 100 100 ILE ILE A . n 
A 1 121 GLU 121 101 101 GLU GLU A . n 
A 1 122 LEU 122 102 102 LEU LEU A . n 
A 1 123 SER 123 103 103 SER SER A . n 
A 1 124 HIS 124 104 104 HIS HIS A . n 
A 1 125 CYS 125 105 105 CYS CYS A . n 
A 1 126 ALA 126 106 106 ALA ALA A . n 
A 1 127 TYR 127 107 107 TYR TYR A . n 
A 1 128 ILE 128 108 108 ILE ILE A . n 
A 1 129 GLY 129 109 109 GLY GLY A . n 
A 1 130 ASP 130 110 110 ASP ASP A . n 
A 1 131 ASP 131 111 111 ASP ASP A . n 
A 1 132 LEU 132 112 112 LEU LEU A . n 
A 1 133 PRO 133 113 113 PRO PRO A . n 
A 1 134 ASP 134 114 114 ASP ASP A . n 
A 1 135 LEU 135 115 115 LEU LEU A . n 
A 1 136 LYS 136 116 116 LYS LYS A . n 
A 1 137 ALA 137 117 117 ALA ALA A . n 
A 1 138 VAL 138 118 118 VAL VAL A . n 
A 1 139 ARG 139 119 119 ARG ARG A . n 
A 1 140 GLU 140 120 120 GLU GLU A . n 
A 1 141 ALA 141 121 121 ALA ALA A . n 
A 1 142 GLY 142 122 122 GLY GLY A . n 
A 1 143 PHE 143 123 123 PHE PHE A . n 
A 1 144 GLY 144 124 124 GLY GLY A . n 
A 1 145 ILE 145 125 125 ILE ILE A . n 
A 1 146 SER 146 126 126 SER SER A . n 
A 1 147 VAL 147 127 127 VAL VAL A . n 
A 1 148 PRO 148 128 128 PRO PRO A . n 
A 1 149 ASN 149 129 129 ASN ASN A . n 
A 1 150 GLY 150 130 130 GLY GLY A . n 
A 1 151 CYS 151 131 131 CYS CYS A . n 
A 1 152 GLU 152 132 132 GLU GLU A . n 
A 1 153 GLN 153 133 133 GLN GLN A . n 
A 1 154 THR 154 134 134 THR THR A . n 
A 1 155 ARG 155 135 135 ARG ARG A . n 
A 1 156 ALA 156 136 136 ALA ALA A . n 
A 1 157 VAL 157 137 137 VAL VAL A . n 
A 1 158 SER 158 138 138 SER SER A . n 
A 1 159 ASP 159 139 139 ASP ASP A . n 
A 1 160 TYR 160 140 140 TYR TYR A . n 
A 1 161 ILE 161 141 141 ILE ILE A . n 
A 1 162 THR 162 142 142 THR THR A . n 
A 1 163 THR 163 143 143 THR THR A . n 
A 1 164 LYS 164 144 144 LYS LYS A . n 
A 1 165 THR 165 145 145 THR THR A . n 
A 1 166 GLY 166 146 146 GLY GLY A . n 
A 1 167 GLY 167 147 147 GLY GLY A . n 
A 1 168 ASN 168 148 148 ASN ASN A . n 
A 1 169 GLY 169 149 149 GLY GLY A . n 
A 1 170 ALA 170 150 150 ALA ALA A . n 
A 1 171 VAL 171 151 151 VAL VAL A . n 
A 1 172 ARG 172 152 152 ARG ARG A . n 
A 1 173 GLU 173 153 153 GLU GLU A . n 
A 1 174 VAL 174 154 154 VAL VAL A . n 
A 1 175 CYS 175 155 155 CYS CYS A . n 
A 1 176 GLU 176 156 156 GLU GLU A . n 
A 1 177 LEU 177 157 157 LEU LEU A . n 
A 1 178 ILE 178 158 158 ILE ILE A . n 
A 1 179 LEU 179 159 159 LEU LEU A . n 
A 1 180 LYS 180 160 160 LYS LYS A . n 
A 1 181 ALA 181 161 161 ALA ALA A . n 
A 1 182 GLN 182 162 162 GLN GLN A . n 
A 1 183 ASN 183 163 163 ASN ASN A . n 
A 1 184 ASN 184 164 164 ASN ASN A . n 
A 1 185 PHE 185 165 165 PHE PHE A . n 
A 1 186 ASP 186 166 166 ASP ASP A . n 
A 1 187 ALA 187 167 167 ALA ALA A . n 
A 1 188 PHE 188 168 168 PHE PHE A . n 
A 1 189 ILE 189 169 169 ILE ILE A . n 
A 1 190 ALA 190 170 170 ALA ALA A . n 
A 1 191 THR 191 171 171 THR THR A . n 
A 1 192 PHE 192 172 172 PHE PHE A . n 
A 1 193 GLN 193 173 173 GLN GLN A . n 
# 
loop_
_pdbx_nonpoly_scheme.asym_id 
_pdbx_nonpoly_scheme.entity_id 
_pdbx_nonpoly_scheme.mon_id 
_pdbx_nonpoly_scheme.ndb_seq_num 
_pdbx_nonpoly_scheme.pdb_seq_num 
_pdbx_nonpoly_scheme.auth_seq_num 
_pdbx_nonpoly_scheme.pdb_mon_id 
_pdbx_nonpoly_scheme.auth_mon_id 
_pdbx_nonpoly_scheme.pdb_strand_id 
_pdbx_nonpoly_scheme.pdb_ins_code 
B 2 KDO 1  1174 1174 KDO KDO A . 
C 3 MG  1  1175 1175 MG  MG  A . 
D 3 MG  1  1176 1176 MG  MG  A . 
E 3 MG  1  1177 1177 MG  MG  A . 
F 3 MG  1  1178 1178 MG  MG  A . 
G 4 HOH 1  2001 2001 HOH HOH A . 
G 4 HOH 2  2002 2002 HOH HOH A . 
G 4 HOH 3  2003 2003 HOH HOH A . 
G 4 HOH 4  2004 2004 HOH HOH A . 
G 4 HOH 5  2005 2005 HOH HOH A . 
G 4 HOH 6  2006 2006 HOH HOH A . 
G 4 HOH 7  2007 2007 HOH HOH A . 
G 4 HOH 8  2008 2008 HOH HOH A . 
G 4 HOH 9  2009 2009 HOH HOH A . 
G 4 HOH 10 2010 2010 HOH HOH A . 
G 4 HOH 11 2011 2011 HOH HOH A . 
G 4 HOH 12 2012 2012 HOH HOH A . 
G 4 HOH 13 2013 2013 HOH HOH A . 
G 4 HOH 14 2014 2014 HOH HOH A . 
G 4 HOH 15 2015 2015 HOH HOH A . 
G 4 HOH 16 2016 2016 HOH HOH A . 
G 4 HOH 17 2017 2017 HOH HOH A . 
G 4 HOH 18 2018 2018 HOH HOH A . 
G 4 HOH 19 2019 2019 HOH HOH A . 
G 4 HOH 20 2020 2020 HOH HOH A . 
G 4 HOH 21 2021 2021 HOH HOH A . 
G 4 HOH 22 2022 2022 HOH HOH A . 
G 4 HOH 23 2023 2023 HOH HOH A . 
G 4 HOH 24 2024 2024 HOH HOH A . 
G 4 HOH 25 2025 2025 HOH HOH A . 
G 4 HOH 26 2026 2026 HOH HOH A . 
G 4 HOH 27 2027 2027 HOH HOH A . 
G 4 HOH 28 2028 2028 HOH HOH A . 
G 4 HOH 29 2029 2029 HOH HOH A . 
G 4 HOH 30 2030 2030 HOH HOH A . 
G 4 HOH 31 2031 2031 HOH HOH A . 
G 4 HOH 32 2032 2032 HOH HOH A . 
G 4 HOH 33 2033 2033 HOH HOH A . 
G 4 HOH 34 2034 2034 HOH HOH A . 
G 4 HOH 35 2035 2035 HOH HOH A . 
G 4 HOH 36 2036 2036 HOH HOH A . 
G 4 HOH 37 2037 2037 HOH HOH A . 
G 4 HOH 38 2038 2038 HOH HOH A . 
G 4 HOH 39 2039 2039 HOH HOH A . 
G 4 HOH 40 2040 2040 HOH HOH A . 
G 4 HOH 41 2041 2041 HOH HOH A . 
G 4 HOH 42 2042 2042 HOH HOH A . 
G 4 HOH 43 2043 2043 HOH HOH A . 
G 4 HOH 44 2044 2044 HOH HOH A . 
G 4 HOH 45 2045 2045 HOH HOH A . 
G 4 HOH 46 2046 2046 HOH HOH A . 
G 4 HOH 47 2047 2047 HOH HOH A . 
G 4 HOH 48 2048 2048 HOH HOH A . 
G 4 HOH 49 2049 2049 HOH HOH A . 
G 4 HOH 50 2050 2050 HOH HOH A . 
G 4 HOH 51 2051 2051 HOH HOH A . 
G 4 HOH 52 2052 2052 HOH HOH A . 
G 4 HOH 53 2053 2053 HOH HOH A . 
G 4 HOH 54 2054 2054 HOH HOH A . 
G 4 HOH 55 2055 2055 HOH HOH A . 
G 4 HOH 56 2056 2056 HOH HOH A . 
G 4 HOH 57 2057 2057 HOH HOH A . 
G 4 HOH 58 2058 2058 HOH HOH A . 
G 4 HOH 59 2059 2059 HOH HOH A . 
G 4 HOH 60 2060 2060 HOH HOH A . 
G 4 HOH 61 2061 2061 HOH HOH A . 
G 4 HOH 62 2062 2062 HOH HOH A . 
G 4 HOH 63 2063 2063 HOH HOH A . 
G 4 HOH 64 2064 2064 HOH HOH A . 
G 4 HOH 65 2065 2065 HOH HOH A . 
G 4 HOH 66 2066 2066 HOH HOH A . 
G 4 HOH 67 2067 2067 HOH HOH A . 
G 4 HOH 68 2068 2068 HOH HOH A . 
G 4 HOH 69 2069 2069 HOH HOH A . 
G 4 HOH 70 2070 2070 HOH HOH A . 
G 4 HOH 71 2071 2071 HOH HOH A . 
G 4 HOH 72 2072 2072 HOH HOH A . 
G 4 HOH 73 2073 2073 HOH HOH A . 
G 4 HOH 74 2074 2074 HOH HOH A . 
G 4 HOH 75 2075 2075 HOH HOH A . 
G 4 HOH 76 2076 2076 HOH HOH A . 
G 4 HOH 77 2077 2077 HOH HOH A . 
G 4 HOH 78 2078 2078 HOH HOH A . 
G 4 HOH 79 2079 2079 HOH HOH A . 
G 4 HOH 80 2080 2080 HOH HOH A . 
G 4 HOH 81 2081 2081 HOH HOH A . 
G 4 HOH 82 2082 2082 HOH HOH A . 
G 4 HOH 83 2083 2083 HOH HOH A . 
G 4 HOH 84 2084 2084 HOH HOH A . 
G 4 HOH 85 2085 2085 HOH HOH A . 
G 4 HOH 86 2086 2086 HOH HOH A . 
# 
loop_
_software.name 
_software.classification 
_software.version 
_software.citation_id 
_software.pdbx_ordinal 
REFMAC refinement       5.7.0032 ? 1 
MOSFLM 'data reduction' .        ? 2 
SCALA  'data scaling'   .        ? 3 
MOLREP phasing          .        ? 4 
# 
_cell.entry_id           4UME 
_cell.length_a           86.610 
_cell.length_b           86.610 
_cell.length_c           41.400 
_cell.angle_alpha        90.00 
_cell.angle_beta         90.00 
_cell.angle_gamma        90.00 
_cell.Z_PDB              8 
_cell.pdbx_unique_axis   ? 
# 
_symmetry.entry_id                         4UME 
_symmetry.space_group_name_H-M             'I 4' 
_symmetry.pdbx_full_space_group_name_H-M   ? 
_symmetry.cell_setting                     ? 
_symmetry.Int_Tables_number                79 
# 
_exptl.entry_id          4UME 
_exptl.method            'X-RAY DIFFRACTION' 
_exptl.crystals_number   1 
# 
_exptl_crystal.id                    1 
_exptl_crystal.density_meas          ? 
_exptl_crystal.density_Matthews      1.85 
_exptl_crystal.density_percent_sol   33.45 
_exptl_crystal.description           NONE 
# 
_exptl_crystal_grow.crystal_id      1 
_exptl_crystal_grow.method          ? 
_exptl_crystal_grow.temp            ? 
_exptl_crystal_grow.temp_details    ? 
_exptl_crystal_grow.pH              7.0 
_exptl_crystal_grow.pdbx_pH_range   ? 
_exptl_crystal_grow.pdbx_details    '100 MM MG FORMATE, 100 MM BIS-TRIS PROPANE (PH 5.0), 28% W/V PEG 3350, KDO, NA PHOSPHATE' 
# 
_diffrn.id                     1 
_diffrn.ambient_temp           100 
_diffrn.ambient_temp_details   ? 
_diffrn.crystal_id             1 
# 
_diffrn_detector.diffrn_id              1 
_diffrn_detector.detector               'IMAGE PLATE' 
_diffrn_detector.type                   MARRESEARCH 
_diffrn_detector.pdbx_collection_date   2013-05-10 
_diffrn_detector.details                MIRROR 
# 
_diffrn_radiation.diffrn_id                        1 
_diffrn_radiation.wavelength_id                    1 
_diffrn_radiation.pdbx_monochromatic_or_laue_m_l   M 
_diffrn_radiation.monochromator                    GRAPHITE 
_diffrn_radiation.pdbx_diffrn_protocol             'SINGLE WAVELENGTH' 
_diffrn_radiation.pdbx_scattering_type             x-ray 
# 
_diffrn_radiation_wavelength.id           1 
_diffrn_radiation_wavelength.wavelength   1.5418 
_diffrn_radiation_wavelength.wt           1.0 
# 
_diffrn_source.diffrn_id                   1 
_diffrn_source.source                      'ROTATING ANODE' 
_diffrn_source.type                        'BRUKER AXS MICROSTAR-H' 
_diffrn_source.pdbx_synchrotron_site       ? 
_diffrn_source.pdbx_synchrotron_beamline   ? 
_diffrn_source.pdbx_wavelength             1.5418 
_diffrn_source.pdbx_wavelength_list        ? 
# 
_reflns.pdbx_diffrn_id               1 
_reflns.pdbx_ordinal                 1 
_reflns.entry_id                     4UME 
_reflns.observed_criterion_sigma_I   2.0 
_reflns.observed_criterion_sigma_F   ? 
_reflns.d_resolution_low             43.31 
_reflns.d_resolution_high            2.07 
_reflns.number_obs                   9166 
_reflns.number_all                   ? 
_reflns.percent_possible_obs         96.2 
_reflns.pdbx_Rmerge_I_obs            0.18 
_reflns.pdbx_Rsym_value              ? 
_reflns.pdbx_netI_over_sigmaI        7.80 
_reflns.B_iso_Wilson_estimate        ? 
_reflns.pdbx_redundancy              4.9 
# 
_reflns_shell.pdbx_diffrn_id         1 
_reflns_shell.pdbx_ordinal           1 
_reflns_shell.d_res_high             2.07 
_reflns_shell.d_res_low              2.18 
_reflns_shell.percent_possible_all   77.4 
_reflns_shell.Rmerge_I_obs           0.41 
_reflns_shell.pdbx_Rsym_value        ? 
_reflns_shell.meanI_over_sigI_obs    4.00 
_reflns_shell.pdbx_redundancy        4.4 
# 
_refine.pdbx_refine_id                           'X-RAY DIFFRACTION' 
_refine.entry_id                                 4UME 
_refine.pdbx_diffrn_id                           1 
_refine.pdbx_TLS_residual_ADP_flag               ? 
_refine.ls_number_reflns_obs                     8733 
_refine.ls_number_reflns_all                     ? 
_refine.pdbx_ls_sigma_I                          ? 
_refine.pdbx_ls_sigma_F                          . 
_refine.pdbx_data_cutoff_high_absF               ? 
_refine.pdbx_data_cutoff_low_absF                ? 
_refine.pdbx_data_cutoff_high_rms_absF           ? 
_refine.ls_d_res_low                             37.38 
_refine.ls_d_res_high                            2.09 
_refine.ls_percent_reflns_obs                    98.77 
_refine.ls_R_factor_obs                          0.19314 
_refine.ls_R_factor_all                          ? 
_refine.ls_R_factor_R_work                       0.19015 
_refine.ls_R_factor_R_free                       0.25844 
_refine.ls_R_factor_R_free_error                 ? 
_refine.ls_R_factor_R_free_error_details         ? 
_refine.ls_percent_reflns_R_free                 4.7 
_refine.ls_number_reflns_R_free                  431 
_refine.ls_number_parameters                     ? 
_refine.ls_number_restraints                     ? 
_refine.occupancy_min                            ? 
_refine.occupancy_max                            ? 
_refine.correlation_coeff_Fo_to_Fc               0.934 
_refine.correlation_coeff_Fo_to_Fc_free          0.879 
_refine.B_iso_mean                               19.361 
_refine.aniso_B[1][1]                            -0.86 
_refine.aniso_B[2][2]                            -0.86 
_refine.aniso_B[3][3]                            1.71 
_refine.aniso_B[1][2]                            0.00 
_refine.aniso_B[1][3]                            0.00 
_refine.aniso_B[2][3]                            0.00 
_refine.solvent_model_details                    MASK 
_refine.solvent_model_param_ksol                 ? 
_refine.solvent_model_param_bsol                 ? 
_refine.pdbx_solvent_vdw_probe_radii             1.20 
_refine.pdbx_solvent_ion_probe_radii             0.80 
_refine.pdbx_solvent_shrinkage_radii             0.80 
_refine.pdbx_ls_cross_valid_method               THROUGHOUT 
_refine.details                                  'HYDROGENS HAVE BEEN ADDED IN THE RIDING POSITIONS.' 
_refine.pdbx_starting_model                      'PDB ENTRY 3N1U' 
_refine.pdbx_method_to_determine_struct          'MOLECULAR REPLACEMENT' 
_refine.pdbx_isotropic_thermal_model             ? 
_refine.pdbx_stereochemistry_target_values       'MAXIMUM LIKELIHOOD' 
_refine.pdbx_stereochem_target_val_spec_case     ? 
_refine.pdbx_R_Free_selection_details            RANDOM 
_refine.pdbx_overall_ESU_R                       0.278 
_refine.pdbx_overall_ESU_R_Free                  0.223 
_refine.overall_SU_ML                            0.156 
_refine.pdbx_overall_phase_error                 ? 
_refine.overall_SU_B                             6.014 
_refine.overall_SU_R_Cruickshank_DPI             ? 
_refine.pdbx_overall_SU_R_free_Cruickshank_DPI   ? 
_refine.pdbx_overall_SU_R_Blow_DPI               ? 
_refine.pdbx_overall_SU_R_free_Blow_DPI          ? 
# 
_refine_hist.pdbx_refine_id                   'X-RAY DIFFRACTION' 
_refine_hist.cycle_id                         LAST 
_refine_hist.pdbx_number_atoms_protein        1322 
_refine_hist.pdbx_number_atoms_nucleic_acid   0 
_refine_hist.pdbx_number_atoms_ligand         20 
_refine_hist.number_atoms_solvent             86 
_refine_hist.number_atoms_total               1428 
_refine_hist.d_res_high                       2.09 
_refine_hist.d_res_low                        37.38 
# 
loop_
_refine_ls_restr.type 
_refine_ls_restr.dev_ideal 
_refine_ls_restr.dev_ideal_target 
_refine_ls_restr.weight 
_refine_ls_restr.number 
_refine_ls_restr.pdbx_refine_id 
_refine_ls_restr.pdbx_restraint_function 
r_bond_refined_d             0.007  0.019  ? 1354 'X-RAY DIFFRACTION' ? 
r_bond_other_d               ?      ?      ? ?    'X-RAY DIFFRACTION' ? 
r_angle_refined_deg          1.259  1.977  ? 1825 'X-RAY DIFFRACTION' ? 
r_angle_other_deg            ?      ?      ? ?    'X-RAY DIFFRACTION' ? 
r_dihedral_angle_1_deg       5.668  5.000  ? 173  'X-RAY DIFFRACTION' ? 
r_dihedral_angle_2_deg       39.014 25.345 ? 58   'X-RAY DIFFRACTION' ? 
r_dihedral_angle_3_deg       17.623 15.000 ? 245  'X-RAY DIFFRACTION' ? 
r_dihedral_angle_4_deg       19.816 15.000 ? 6    'X-RAY DIFFRACTION' ? 
r_chiral_restr               0.085  0.200  ? 214  'X-RAY DIFFRACTION' ? 
r_gen_planes_refined         0.004  0.020  ? 988  'X-RAY DIFFRACTION' ? 
r_gen_planes_other           ?      ?      ? ?    'X-RAY DIFFRACTION' ? 
r_nbd_refined                ?      ?      ? ?    'X-RAY DIFFRACTION' ? 
r_nbd_other                  ?      ?      ? ?    'X-RAY DIFFRACTION' ? 
r_nbtor_refined              ?      ?      ? ?    'X-RAY DIFFRACTION' ? 
r_nbtor_other                ?      ?      ? ?    'X-RAY DIFFRACTION' ? 
r_xyhbond_nbd_refined        ?      ?      ? ?    'X-RAY DIFFRACTION' ? 
r_xyhbond_nbd_other          ?      ?      ? ?    'X-RAY DIFFRACTION' ? 
r_metal_ion_refined          ?      ?      ? ?    'X-RAY DIFFRACTION' ? 
r_metal_ion_other            ?      ?      ? ?    'X-RAY DIFFRACTION' ? 
r_symmetry_vdw_refined       ?      ?      ? ?    'X-RAY DIFFRACTION' ? 
r_symmetry_vdw_other         ?      ?      ? ?    'X-RAY DIFFRACTION' ? 
r_symmetry_hbond_refined     ?      ?      ? ?    'X-RAY DIFFRACTION' ? 
r_symmetry_hbond_other       ?      ?      ? ?    'X-RAY DIFFRACTION' ? 
r_symmetry_metal_ion_refined ?      ?      ? ?    'X-RAY DIFFRACTION' ? 
r_symmetry_metal_ion_other   ?      ?      ? ?    'X-RAY DIFFRACTION' ? 
r_mcbond_it                  0.662  1.798  ? 695  'X-RAY DIFFRACTION' ? 
r_mcbond_other               ?      ?      ? ?    'X-RAY DIFFRACTION' ? 
r_mcangle_it                 1.120  2.691  ? 867  'X-RAY DIFFRACTION' ? 
r_mcangle_other              ?      ?      ? ?    'X-RAY DIFFRACTION' ? 
r_scbond_it                  0.935  1.992  ? 659  'X-RAY DIFFRACTION' ? 
r_scbond_other               ?      ?      ? ?    'X-RAY DIFFRACTION' ? 
r_scangle_it                 ?      ?      ? ?    'X-RAY DIFFRACTION' ? 
r_scangle_other              ?      ?      ? ?    'X-RAY DIFFRACTION' ? 
r_long_range_B_refined       ?      ?      ? ?    'X-RAY DIFFRACTION' ? 
r_long_range_B_other         ?      ?      ? ?    'X-RAY DIFFRACTION' ? 
r_rigid_bond_restr           ?      ?      ? ?    'X-RAY DIFFRACTION' ? 
r_sphericity_free            ?      ?      ? ?    'X-RAY DIFFRACTION' ? 
r_sphericity_bonded          ?      ?      ? ?    'X-RAY DIFFRACTION' ? 
# 
_refine_ls_shell.pdbx_refine_id                   'X-RAY DIFFRACTION' 
_refine_ls_shell.pdbx_total_number_of_bins_used   20 
_refine_ls_shell.d_res_high                       2.087 
_refine_ls_shell.d_res_low                        2.141 
_refine_ls_shell.number_reflns_R_work             588 
_refine_ls_shell.R_factor_R_work                  0.320 
_refine_ls_shell.percent_reflns_obs               92.74 
_refine_ls_shell.R_factor_R_free                  0.406 
_refine_ls_shell.R_factor_R_free_error            ? 
_refine_ls_shell.percent_reflns_R_free            ? 
_refine_ls_shell.number_reflns_R_free             25 
_refine_ls_shell.number_reflns_all                ? 
_refine_ls_shell.R_factor_all                     ? 
# 
_struct.entry_id                  4UME 
_struct.title                     
;Crystal structure of 3-deoxy-D-manno-octulosonate 8-phosphate phosphatase from Moraxella catarrhalis in complex with Magnesium ion and KDO molecule
;
_struct.pdbx_model_details        ? 
_struct.pdbx_CASP_flag            ? 
_struct.pdbx_model_type_details   ? 
# 
_struct_keywords.entry_id        4UME 
_struct_keywords.pdbx_keywords   HYDROLASE 
_struct_keywords.text            'HYDROLASE, HAD SUPERFAMILY' 
# 
loop_
_struct_asym.id 
_struct_asym.pdbx_blank_PDB_chainid_flag 
_struct_asym.pdbx_modified 
_struct_asym.entity_id 
_struct_asym.details 
A N N 1 ? 
B N N 2 ? 
C N N 3 ? 
D N N 3 ? 
E N N 3 ? 
F N N 3 ? 
G N N 4 ? 
# 
_struct_ref.id                         1 
_struct_ref.db_name                    UNP 
_struct_ref.db_code                    F1X4B5_MORCA 
_struct_ref.entity_id                  1 
_struct_ref.pdbx_seq_one_letter_code   ? 
_struct_ref.pdbx_align_begin           ? 
_struct_ref.pdbx_db_accession          F1X4B5 
_struct_ref.pdbx_db_isoform            ? 
# 
_struct_ref_seq.align_id                      1 
_struct_ref_seq.ref_id                        1 
_struct_ref_seq.pdbx_PDB_id_code              4UME 
_struct_ref_seq.pdbx_strand_id                A 
_struct_ref_seq.seq_align_beg                 21 
_struct_ref_seq.pdbx_seq_align_beg_ins_code   ? 
_struct_ref_seq.seq_align_end                 193 
_struct_ref_seq.pdbx_seq_align_end_ins_code   ? 
_struct_ref_seq.pdbx_db_accession             F1X4B5 
_struct_ref_seq.db_align_beg                  1 
_struct_ref_seq.pdbx_db_align_beg_ins_code    ? 
_struct_ref_seq.db_align_end                  173 
_struct_ref_seq.pdbx_db_align_end_ins_code    ? 
_struct_ref_seq.pdbx_auth_seq_align_beg       1 
_struct_ref_seq.pdbx_auth_seq_align_end       173 
# 
loop_
_struct_ref_seq_dif.align_id 
_struct_ref_seq_dif.pdbx_pdb_id_code 
_struct_ref_seq_dif.mon_id 
_struct_ref_seq_dif.pdbx_pdb_strand_id 
_struct_ref_seq_dif.seq_num 
_struct_ref_seq_dif.pdbx_pdb_ins_code 
_struct_ref_seq_dif.pdbx_seq_db_name 
_struct_ref_seq_dif.pdbx_seq_db_accession_code 
_struct_ref_seq_dif.db_mon_id 
_struct_ref_seq_dif.pdbx_seq_db_seq_num 
_struct_ref_seq_dif.details 
_struct_ref_seq_dif.pdbx_auth_seq_num 
_struct_ref_seq_dif.pdbx_ordinal 
1 4UME MET A 1  ? UNP F1X4B5 ? ? 'expression tag' -19 1  
1 4UME GLY A 2  ? UNP F1X4B5 ? ? 'expression tag' -18 2  
1 4UME SER A 3  ? UNP F1X4B5 ? ? 'expression tag' -17 3  
1 4UME SER A 4  ? UNP F1X4B5 ? ? 'expression tag' -16 4  
1 4UME HIS A 5  ? UNP F1X4B5 ? ? 'expression tag' -15 5  
1 4UME HIS A 6  ? UNP F1X4B5 ? ? 'expression tag' -14 6  
1 4UME HIS A 7  ? UNP F1X4B5 ? ? 'expression tag' -13 7  
1 4UME HIS A 8  ? UNP F1X4B5 ? ? 'expression tag' -12 8  
1 4UME HIS A 9  ? UNP F1X4B5 ? ? 'expression tag' -11 9  
1 4UME HIS A 10 ? UNP F1X4B5 ? ? 'expression tag' -10 10 
1 4UME SER A 11 ? UNP F1X4B5 ? ? 'expression tag' -9  11 
1 4UME SER A 12 ? UNP F1X4B5 ? ? 'expression tag' -8  12 
1 4UME GLU A 13 ? UNP F1X4B5 ? ? 'expression tag' -7  13 
1 4UME ASN A 14 ? UNP F1X4B5 ? ? 'expression tag' -6  14 
1 4UME LEU A 15 ? UNP F1X4B5 ? ? 'expression tag' -5  15 
1 4UME TYR A 16 ? UNP F1X4B5 ? ? 'expression tag' -4  16 
1 4UME PHE A 17 ? UNP F1X4B5 ? ? 'expression tag' -3  17 
1 4UME GLN A 18 ? UNP F1X4B5 ? ? 'expression tag' -2  18 
1 4UME GLY A 19 ? UNP F1X4B5 ? ? 'expression tag' -1  19 
1 4UME HIS A 20 ? UNP F1X4B5 ? ? 'expression tag' 0   20 
# 
_pdbx_struct_assembly.id                   1 
_pdbx_struct_assembly.details              author_and_software_defined_assembly 
_pdbx_struct_assembly.method_details       PISA 
_pdbx_struct_assembly.oligomeric_details   tetrameric 
_pdbx_struct_assembly.oligomeric_count     4 
# 
loop_
_pdbx_struct_assembly_prop.biol_id 
_pdbx_struct_assembly_prop.type 
_pdbx_struct_assembly_prop.value 
_pdbx_struct_assembly_prop.details 
1 'ABSA (A^2)' 11230 ? 
1 MORE         -92.1 ? 
1 'SSA (A^2)'  24540 ? 
# 
_pdbx_struct_assembly_gen.assembly_id       1 
_pdbx_struct_assembly_gen.oper_expression   1,2,3,4 
_pdbx_struct_assembly_gen.asym_id_list      A,B,C,D,E,F,G 
# 
loop_
_pdbx_struct_oper_list.id 
_pdbx_struct_oper_list.type 
_pdbx_struct_oper_list.name 
_pdbx_struct_oper_list.symmetry_operation 
_pdbx_struct_oper_list.matrix[1][1] 
_pdbx_struct_oper_list.matrix[1][2] 
_pdbx_struct_oper_list.matrix[1][3] 
_pdbx_struct_oper_list.vector[1] 
_pdbx_struct_oper_list.matrix[2][1] 
_pdbx_struct_oper_list.matrix[2][2] 
_pdbx_struct_oper_list.matrix[2][3] 
_pdbx_struct_oper_list.vector[2] 
_pdbx_struct_oper_list.matrix[3][1] 
_pdbx_struct_oper_list.matrix[3][2] 
_pdbx_struct_oper_list.matrix[3][3] 
_pdbx_struct_oper_list.vector[3] 
1 'identity operation'         1_555 x,y,z   1.0000000000  0.0000000000 0.0000000000  0.0000000000   0.0000000000 1.0000000000 0.0000000000  0.0000000000   0.0000000000  0.0000000000  1.0000000000  0.0000000000   
2 'crystal symmetry operation' 3_555 -y,x,z  0.2338023238  0.2151310983 -0.9481851528 -24.8527172164 0.6095960885 0.7272970191 0.3153278531  10.5635459806  0.7574490625  -0.6517343451 0.0389006571  -15.2525015743 
3 'crystal symmetry operation' 4_555 y,-x,z  0.2338023238  0.6095960885 0.7574490625  10.9241197458  0.2151310983 0.7272970191 -0.6517343451 -12.2768222772 -0.9481851528 0.3153278531  0.0389006571  -26.3026254118 
4 'crystal symmetry operation' 2_555 -x,-y,z -0.5323953524 0.8247271868 -0.1907360903 -13.9285974706 0.8247271868 0.4545940381 -0.3364064920 -1.7132762966  -0.1907360903 -0.3364064920 -0.9221986857 -41.5551269861 
# 
_struct_biol.id   1 
# 
loop_
_struct_conf.conf_type_id 
_struct_conf.id 
_struct_conf.pdbx_PDB_helix_id 
_struct_conf.beg_label_comp_id 
_struct_conf.beg_label_asym_id 
_struct_conf.beg_label_seq_id 
_struct_conf.pdbx_beg_PDB_ins_code 
_struct_conf.end_label_comp_id 
_struct_conf.end_label_asym_id 
_struct_conf.end_label_seq_id 
_struct_conf.pdbx_end_PDB_ins_code 
_struct_conf.beg_auth_comp_id 
_struct_conf.beg_auth_asym_id 
_struct_conf.beg_auth_seq_id 
_struct_conf.end_auth_comp_id 
_struct_conf.end_auth_asym_id 
_struct_conf.end_auth_seq_id 
_struct_conf.pdbx_PDB_helix_class 
_struct_conf.details 
_struct_conf.pdbx_PDB_helix_length 
HELX_P HELX_P1  1  MET A 21  ? LYS A 29  ? MET A 1   LYS A 9   1 ? 9  
HELX_P HELX_P2  2  TYR A 60  ? SER A 73  ? TYR A 40  SER A 53  1 ? 14 
HELX_P HELX_P3  3  SER A 85  ? GLY A 96  ? SER A 65  GLY A 76  1 ? 12 
HELX_P HELX_P4  4  ASP A 106 ? GLY A 119 ? ASP A 86  GLY A 99  1 ? 14 
HELX_P HELX_P5  5  GLU A 121 ? SER A 123 ? GLU A 101 SER A 103 5 ? 3  
HELX_P HELX_P6  6  ASP A 131 ? PRO A 133 ? ASP A 111 PRO A 113 5 ? 3  
HELX_P HELX_P7  7  ASP A 134 ? ALA A 141 ? ASP A 114 ALA A 121 1 ? 8  
HELX_P HELX_P8  8  CYS A 151 ? VAL A 157 ? CYS A 131 VAL A 137 1 ? 7  
HELX_P HELX_P9  9  GLY A 169 ? GLN A 182 ? GLY A 149 GLN A 162 1 ? 14 
HELX_P HELX_P10 10 ASN A 184 ? THR A 191 ? ASN A 164 THR A 171 1 ? 8  
# 
_struct_conf_type.id          HELX_P 
_struct_conf_type.criteria    ? 
_struct_conf_type.reference   ? 
# 
loop_
_struct_conn.id 
_struct_conn.conn_type_id 
_struct_conn.pdbx_leaving_atom_flag 
_struct_conn.pdbx_PDB_id 
_struct_conn.ptnr1_label_asym_id 
_struct_conn.ptnr1_label_comp_id 
_struct_conn.ptnr1_label_seq_id 
_struct_conn.ptnr1_label_atom_id 
_struct_conn.pdbx_ptnr1_label_alt_id 
_struct_conn.pdbx_ptnr1_PDB_ins_code 
_struct_conn.pdbx_ptnr1_standard_comp_id 
_struct_conn.ptnr1_symmetry 
_struct_conn.ptnr2_label_asym_id 
_struct_conn.ptnr2_label_comp_id 
_struct_conn.ptnr2_label_seq_id 
_struct_conn.ptnr2_label_atom_id 
_struct_conn.pdbx_ptnr2_label_alt_id 
_struct_conn.pdbx_ptnr2_PDB_ins_code 
_struct_conn.ptnr1_auth_asym_id 
_struct_conn.ptnr1_auth_comp_id 
_struct_conn.ptnr1_auth_seq_id 
_struct_conn.ptnr2_auth_asym_id 
_struct_conn.ptnr2_auth_comp_id 
_struct_conn.ptnr2_auth_seq_id 
_struct_conn.ptnr2_symmetry 
_struct_conn.pdbx_ptnr3_label_atom_id 
_struct_conn.pdbx_ptnr3_label_seq_id 
_struct_conn.pdbx_ptnr3_label_comp_id 
_struct_conn.pdbx_ptnr3_label_asym_id 
_struct_conn.pdbx_ptnr3_label_alt_id 
_struct_conn.pdbx_ptnr3_PDB_ins_code 
_struct_conn.details 
_struct_conn.pdbx_dist_value 
_struct_conn.pdbx_value_order 
_struct_conn.pdbx_role 
metalc1  metalc ? ? A ASP 37  OD2 ? ? ? 1_555 C MG  . MG ? ? A ASP 17   A MG  1175 1_555 ? ? ? ? ? ? ? 1.959 ? ? 
metalc2  metalc ? ? A ASP 39  O   ? ? ? 1_555 C MG  . MG ? ? A ASP 19   A MG  1175 1_555 ? ? ? ? ? ? ? 2.170 ? ? 
metalc3  metalc ? ? A ASP 130 OD1 ? ? ? 1_555 C MG  . MG ? ? A ASP 110  A MG  1175 1_555 ? ? ? ? ? ? ? 2.017 ? ? 
metalc4  metalc ? ? C MG  .   MG  ? ? ? 1_555 G HOH . O  ? ? A MG  1175 A HOH 2006 1_555 ? ? ? ? ? ? ? 2.083 ? ? 
metalc5  metalc ? ? C MG  .   MG  ? ? ? 1_555 G HOH . O  ? ? A MG  1175 A HOH 2007 1_555 ? ? ? ? ? ? ? 2.051 ? ? 
metalc6  metalc ? ? C MG  .   MG  ? ? ? 1_555 G HOH . O  ? ? A MG  1175 A HOH 2009 1_555 ? ? ? ? ? ? ? 2.074 ? ? 
metalc7  metalc ? ? D MG  .   MG  ? ? ? 1_555 G HOH . O  ? ? A MG  1176 A HOH 2085 4_555 ? ? ? ? ? ? ? 2.316 ? ? 
metalc8  metalc ? ? D MG  .   MG  ? ? ? 1_555 G HOH . O  ? ? A MG  1176 A HOH 2085 3_555 ? ? ? ? ? ? ? 2.316 ? ? 
metalc9  metalc ? ? D MG  .   MG  ? ? ? 1_555 G HOH . O  ? ? A MG  1176 A HOH 2085 2_555 ? ? ? ? ? ? ? 2.316 ? ? 
metalc10 metalc ? ? D MG  .   MG  ? ? ? 1_555 G HOH . O  ? ? A MG  1176 A HOH 2085 1_555 ? ? ? ? ? ? ? 2.316 ? ? 
metalc11 metalc ? ? D MG  .   MG  ? ? ? 1_555 G HOH . O  ? ? A MG  1176 A HOH 2086 1_555 ? ? ? ? ? ? ? 2.497 ? ? 
metalc12 metalc ? ? D MG  .   MG  ? ? ? 1_555 G HOH . O  ? ? A MG  1176 A HOH 2086 3_555 ? ? ? ? ? ? ? 2.497 ? ? 
metalc13 metalc ? ? D MG  .   MG  ? ? ? 1_555 G HOH . O  ? ? A MG  1176 A HOH 2086 4_555 ? ? ? ? ? ? ? 2.497 ? ? 
metalc14 metalc ? ? D MG  .   MG  ? ? ? 1_555 G HOH . O  ? ? A MG  1176 A HOH 2086 2_555 ? ? ? ? ? ? ? 2.497 ? ? 
metalc15 metalc ? ? E MG  .   MG  ? ? ? 1_555 G HOH . O  ? ? A MG  1177 A HOH 2084 3_555 ? ? ? ? ? ? ? 2.820 ? ? 
metalc16 metalc ? ? E MG  .   MG  ? ? ? 1_555 G HOH . O  ? ? A MG  1177 A HOH 2084 4_555 ? ? ? ? ? ? ? 2.820 ? ? 
metalc17 metalc ? ? E MG  .   MG  ? ? ? 1_555 G HOH . O  ? ? A MG  1177 A HOH 2084 2_555 ? ? ? ? ? ? ? 2.820 ? ? 
metalc18 metalc ? ? E MG  .   MG  ? ? ? 1_555 G HOH . O  ? ? A MG  1177 A HOH 2084 1_555 ? ? ? ? ? ? ? 2.820 ? ? 
# 
_struct_conn_type.id          metalc 
_struct_conn_type.criteria    ? 
_struct_conn_type.reference   ? 
# 
loop_
_pdbx_struct_conn_angle.id 
_pdbx_struct_conn_angle.ptnr1_label_atom_id 
_pdbx_struct_conn_angle.ptnr1_label_alt_id 
_pdbx_struct_conn_angle.ptnr1_label_asym_id 
_pdbx_struct_conn_angle.ptnr1_label_comp_id 
_pdbx_struct_conn_angle.ptnr1_label_seq_id 
_pdbx_struct_conn_angle.ptnr1_auth_atom_id 
_pdbx_struct_conn_angle.ptnr1_auth_asym_id 
_pdbx_struct_conn_angle.ptnr1_auth_comp_id 
_pdbx_struct_conn_angle.ptnr1_auth_seq_id 
_pdbx_struct_conn_angle.ptnr1_PDB_ins_code 
_pdbx_struct_conn_angle.ptnr1_symmetry 
_pdbx_struct_conn_angle.ptnr2_label_atom_id 
_pdbx_struct_conn_angle.ptnr2_label_alt_id 
_pdbx_struct_conn_angle.ptnr2_label_asym_id 
_pdbx_struct_conn_angle.ptnr2_label_comp_id 
_pdbx_struct_conn_angle.ptnr2_label_seq_id 
_pdbx_struct_conn_angle.ptnr2_auth_atom_id 
_pdbx_struct_conn_angle.ptnr2_auth_asym_id 
_pdbx_struct_conn_angle.ptnr2_auth_comp_id 
_pdbx_struct_conn_angle.ptnr2_auth_seq_id 
_pdbx_struct_conn_angle.ptnr2_PDB_ins_code 
_pdbx_struct_conn_angle.ptnr2_symmetry 
_pdbx_struct_conn_angle.ptnr3_label_atom_id 
_pdbx_struct_conn_angle.ptnr3_label_alt_id 
_pdbx_struct_conn_angle.ptnr3_label_asym_id 
_pdbx_struct_conn_angle.ptnr3_label_comp_id 
_pdbx_struct_conn_angle.ptnr3_label_seq_id 
_pdbx_struct_conn_angle.ptnr3_auth_atom_id 
_pdbx_struct_conn_angle.ptnr3_auth_asym_id 
_pdbx_struct_conn_angle.ptnr3_auth_comp_id 
_pdbx_struct_conn_angle.ptnr3_auth_seq_id 
_pdbx_struct_conn_angle.ptnr3_PDB_ins_code 
_pdbx_struct_conn_angle.ptnr3_symmetry 
_pdbx_struct_conn_angle.value 
_pdbx_struct_conn_angle.value_esd 
1  OD2 ? A ASP 37  ? A ASP 17   ? 1_555 MG ? C MG . ? A MG 1175 ? 1_555 O   ? A ASP 39  ? A ASP 19   ? 1_555 95.6  ? 
2  OD2 ? A ASP 37  ? A ASP 17   ? 1_555 MG ? C MG . ? A MG 1175 ? 1_555 OD1 ? A ASP 130 ? A ASP 110  ? 1_555 90.5  ? 
3  O   ? A ASP 39  ? A ASP 19   ? 1_555 MG ? C MG . ? A MG 1175 ? 1_555 OD1 ? A ASP 130 ? A ASP 110  ? 1_555 89.3  ? 
4  OD2 ? A ASP 37  ? A ASP 17   ? 1_555 MG ? C MG . ? A MG 1175 ? 1_555 O   ? G HOH .   ? A HOH 2006 ? 1_555 87.6  ? 
5  O   ? A ASP 39  ? A ASP 19   ? 1_555 MG ? C MG . ? A MG 1175 ? 1_555 O   ? G HOH .   ? A HOH 2006 ? 1_555 84.9  ? 
6  OD1 ? A ASP 130 ? A ASP 110  ? 1_555 MG ? C MG . ? A MG 1175 ? 1_555 O   ? G HOH .   ? A HOH 2006 ? 1_555 173.6 ? 
7  OD2 ? A ASP 37  ? A ASP 17   ? 1_555 MG ? C MG . ? A MG 1175 ? 1_555 O   ? G HOH .   ? A HOH 2007 ? 1_555 91.0  ? 
8  O   ? A ASP 39  ? A ASP 19   ? 1_555 MG ? C MG . ? A MG 1175 ? 1_555 O   ? G HOH .   ? A HOH 2007 ? 1_555 172.4 ? 
9  OD1 ? A ASP 130 ? A ASP 110  ? 1_555 MG ? C MG . ? A MG 1175 ? 1_555 O   ? G HOH .   ? A HOH 2007 ? 1_555 86.8  ? 
10 O   ? G HOH .   ? A HOH 2006 ? 1_555 MG ? C MG . ? A MG 1175 ? 1_555 O   ? G HOH .   ? A HOH 2007 ? 1_555 99.2  ? 
11 OD2 ? A ASP 37  ? A ASP 17   ? 1_555 MG ? C MG . ? A MG 1175 ? 1_555 O   ? G HOH .   ? A HOH 2009 ? 1_555 174.2 ? 
12 O   ? A ASP 39  ? A ASP 19   ? 1_555 MG ? C MG . ? A MG 1175 ? 1_555 O   ? G HOH .   ? A HOH 2009 ? 1_555 81.8  ? 
13 OD1 ? A ASP 130 ? A ASP 110  ? 1_555 MG ? C MG . ? A MG 1175 ? 1_555 O   ? G HOH .   ? A HOH 2009 ? 1_555 84.4  ? 
14 O   ? G HOH .   ? A HOH 2006 ? 1_555 MG ? C MG . ? A MG 1175 ? 1_555 O   ? G HOH .   ? A HOH 2009 ? 1_555 97.3  ? 
15 O   ? G HOH .   ? A HOH 2007 ? 1_555 MG ? C MG . ? A MG 1175 ? 1_555 O   ? G HOH .   ? A HOH 2009 ? 1_555 91.3  ? 
16 O   ? G HOH .   ? A HOH 2085 ? 4_555 MG ? D MG . ? A MG 1176 ? 1_555 O   ? G HOH .   ? A HOH 2085 ? 3_555 160.1 ? 
17 O   ? G HOH .   ? A HOH 2085 ? 4_555 MG ? D MG . ? A MG 1176 ? 1_555 O   ? G HOH .   ? A HOH 2085 ? 2_555 88.3  ? 
18 O   ? G HOH .   ? A HOH 2085 ? 3_555 MG ? D MG . ? A MG 1176 ? 1_555 O   ? G HOH .   ? A HOH 2085 ? 2_555 88.3  ? 
19 O   ? G HOH .   ? A HOH 2085 ? 4_555 MG ? D MG . ? A MG 1176 ? 1_555 O   ? G HOH .   ? A HOH 2085 ? 1_555 88.3  ? 
20 O   ? G HOH .   ? A HOH 2085 ? 3_555 MG ? D MG . ? A MG 1176 ? 1_555 O   ? G HOH .   ? A HOH 2085 ? 1_555 88.3  ? 
21 O   ? G HOH .   ? A HOH 2085 ? 2_555 MG ? D MG . ? A MG 1176 ? 1_555 O   ? G HOH .   ? A HOH 2085 ? 1_555 160.1 ? 
22 O   ? G HOH .   ? A HOH 2085 ? 4_555 MG ? D MG . ? A MG 1176 ? 1_555 O   ? G HOH .   ? A HOH 2086 ? 1_555 132.5 ? 
23 O   ? G HOH .   ? A HOH 2085 ? 3_555 MG ? D MG . ? A MG 1176 ? 1_555 O   ? G HOH .   ? A HOH 2086 ? 1_555 65.5  ? 
24 O   ? G HOH .   ? A HOH 2085 ? 2_555 MG ? D MG . ? A MG 1176 ? 1_555 O   ? G HOH .   ? A HOH 2086 ? 1_555 117.9 ? 
25 O   ? G HOH .   ? A HOH 2085 ? 1_555 MG ? D MG . ? A MG 1176 ? 1_555 O   ? G HOH .   ? A HOH 2086 ? 1_555 78.1  ? 
26 O   ? G HOH .   ? A HOH 2085 ? 4_555 MG ? D MG . ? A MG 1176 ? 1_555 O   ? G HOH .   ? A HOH 2086 ? 3_555 117.9 ? 
27 O   ? G HOH .   ? A HOH 2085 ? 3_555 MG ? D MG . ? A MG 1176 ? 1_555 O   ? G HOH .   ? A HOH 2086 ? 3_555 78.1  ? 
28 O   ? G HOH .   ? A HOH 2085 ? 2_555 MG ? D MG . ? A MG 1176 ? 1_555 O   ? G HOH .   ? A HOH 2086 ? 3_555 65.5  ? 
29 O   ? G HOH .   ? A HOH 2085 ? 1_555 MG ? D MG . ? A MG 1176 ? 1_555 O   ? G HOH .   ? A HOH 2086 ? 3_555 132.5 ? 
30 O   ? G HOH .   ? A HOH 2086 ? 1_555 MG ? D MG . ? A MG 1176 ? 1_555 O   ? G HOH .   ? A HOH 2086 ? 3_555 54.8  ? 
31 O   ? G HOH .   ? A HOH 2085 ? 4_555 MG ? D MG . ? A MG 1176 ? 1_555 O   ? G HOH .   ? A HOH 2086 ? 4_555 78.1  ? 
32 O   ? G HOH .   ? A HOH 2085 ? 3_555 MG ? D MG . ? A MG 1176 ? 1_555 O   ? G HOH .   ? A HOH 2086 ? 4_555 117.9 ? 
33 O   ? G HOH .   ? A HOH 2085 ? 2_555 MG ? D MG . ? A MG 1176 ? 1_555 O   ? G HOH .   ? A HOH 2086 ? 4_555 132.5 ? 
34 O   ? G HOH .   ? A HOH 2085 ? 1_555 MG ? D MG . ? A MG 1176 ? 1_555 O   ? G HOH .   ? A HOH 2086 ? 4_555 65.5  ? 
35 O   ? G HOH .   ? A HOH 2086 ? 1_555 MG ? D MG . ? A MG 1176 ? 1_555 O   ? G HOH .   ? A HOH 2086 ? 4_555 54.8  ? 
36 O   ? G HOH .   ? A HOH 2086 ? 3_555 MG ? D MG . ? A MG 1176 ? 1_555 O   ? G HOH .   ? A HOH 2086 ? 4_555 81.2  ? 
37 O   ? G HOH .   ? A HOH 2085 ? 4_555 MG ? D MG . ? A MG 1176 ? 1_555 O   ? G HOH .   ? A HOH 2086 ? 2_555 65.5  ? 
38 O   ? G HOH .   ? A HOH 2085 ? 3_555 MG ? D MG . ? A MG 1176 ? 1_555 O   ? G HOH .   ? A HOH 2086 ? 2_555 132.5 ? 
39 O   ? G HOH .   ? A HOH 2085 ? 2_555 MG ? D MG . ? A MG 1176 ? 1_555 O   ? G HOH .   ? A HOH 2086 ? 2_555 78.1  ? 
40 O   ? G HOH .   ? A HOH 2085 ? 1_555 MG ? D MG . ? A MG 1176 ? 1_555 O   ? G HOH .   ? A HOH 2086 ? 2_555 117.9 ? 
41 O   ? G HOH .   ? A HOH 2086 ? 1_555 MG ? D MG . ? A MG 1176 ? 1_555 O   ? G HOH .   ? A HOH 2086 ? 2_555 81.2  ? 
42 O   ? G HOH .   ? A HOH 2086 ? 3_555 MG ? D MG . ? A MG 1176 ? 1_555 O   ? G HOH .   ? A HOH 2086 ? 2_555 54.8  ? 
43 O   ? G HOH .   ? A HOH 2086 ? 4_555 MG ? D MG . ? A MG 1176 ? 1_555 O   ? G HOH .   ? A HOH 2086 ? 2_555 54.8  ? 
44 O   ? G HOH .   ? A HOH 2084 ? 3_555 MG ? E MG . ? A MG 1177 ? 1_555 O   ? G HOH .   ? A HOH 2084 ? 4_555 71.3  ? 
45 O   ? G HOH .   ? A HOH 2084 ? 3_555 MG ? E MG . ? A MG 1177 ? 1_555 O   ? G HOH .   ? A HOH 2084 ? 2_555 48.7  ? 
46 O   ? G HOH .   ? A HOH 2084 ? 4_555 MG ? E MG . ? A MG 1177 ? 1_555 O   ? G HOH .   ? A HOH 2084 ? 2_555 48.7  ? 
47 O   ? G HOH .   ? A HOH 2084 ? 3_555 MG ? E MG . ? A MG 1177 ? 1_555 O   ? G HOH .   ? A HOH 2084 ? 1_555 48.7  ? 
48 O   ? G HOH .   ? A HOH 2084 ? 4_555 MG ? E MG . ? A MG 1177 ? 1_555 O   ? G HOH .   ? A HOH 2084 ? 1_555 48.7  ? 
49 O   ? G HOH .   ? A HOH 2084 ? 2_555 MG ? E MG . ? A MG 1177 ? 1_555 O   ? G HOH .   ? A HOH 2084 ? 1_555 71.3  ? 
# 
loop_
_struct_sheet.id 
_struct_sheet.type 
_struct_sheet.number_strands 
_struct_sheet.details 
AA ? 6 ? 
AB ? 2 ? 
# 
loop_
_struct_sheet_order.sheet_id 
_struct_sheet_order.range_id_1 
_struct_sheet_order.range_id_2 
_struct_sheet_order.offset 
_struct_sheet_order.sense 
AA 1 2 ? parallel      
AA 2 3 ? parallel      
AA 3 4 ? parallel      
AA 4 5 ? parallel      
AA 5 6 ? parallel      
AB 1 2 ? anti-parallel 
# 
loop_
_struct_sheet_range.sheet_id 
_struct_sheet_range.id 
_struct_sheet_range.beg_label_comp_id 
_struct_sheet_range.beg_label_asym_id 
_struct_sheet_range.beg_label_seq_id 
_struct_sheet_range.pdbx_beg_PDB_ins_code 
_struct_sheet_range.end_label_comp_id 
_struct_sheet_range.end_label_asym_id 
_struct_sheet_range.end_label_seq_id 
_struct_sheet_range.pdbx_end_PDB_ins_code 
_struct_sheet_range.beg_auth_comp_id 
_struct_sheet_range.beg_auth_asym_id 
_struct_sheet_range.beg_auth_seq_id 
_struct_sheet_range.end_auth_comp_id 
_struct_sheet_range.end_auth_asym_id 
_struct_sheet_range.end_auth_seq_id 
AA 1 HIS A 99  ? ILE A 101 ? HIS A 79  ILE A 81  
AA 2 ILE A 76  ? ILE A 80  ? ILE A 56  ILE A 60  
AA 3 LEU A 33  ? MET A 36  ? LEU A 13  MET A 16  
AA 4 CYS A 125 ? ILE A 128 ? CYS A 105 ILE A 108 
AA 5 PHE A 143 ? SER A 146 ? PHE A 123 SER A 126 
AA 6 TYR A 160 ? ILE A 161 ? TYR A 140 ILE A 141 
AB 1 ILE A 48  ? TYR A 49  ? ILE A 28  TYR A 29  
AB 2 GLU A 55  ? THR A 56  ? GLU A 35  THR A 36  
# 
loop_
_pdbx_struct_sheet_hbond.sheet_id 
_pdbx_struct_sheet_hbond.range_id_1 
_pdbx_struct_sheet_hbond.range_id_2 
_pdbx_struct_sheet_hbond.range_1_label_atom_id 
_pdbx_struct_sheet_hbond.range_1_label_comp_id 
_pdbx_struct_sheet_hbond.range_1_label_asym_id 
_pdbx_struct_sheet_hbond.range_1_label_seq_id 
_pdbx_struct_sheet_hbond.range_1_PDB_ins_code 
_pdbx_struct_sheet_hbond.range_1_auth_atom_id 
_pdbx_struct_sheet_hbond.range_1_auth_comp_id 
_pdbx_struct_sheet_hbond.range_1_auth_asym_id 
_pdbx_struct_sheet_hbond.range_1_auth_seq_id 
_pdbx_struct_sheet_hbond.range_2_label_atom_id 
_pdbx_struct_sheet_hbond.range_2_label_comp_id 
_pdbx_struct_sheet_hbond.range_2_label_asym_id 
_pdbx_struct_sheet_hbond.range_2_label_seq_id 
_pdbx_struct_sheet_hbond.range_2_PDB_ins_code 
_pdbx_struct_sheet_hbond.range_2_auth_atom_id 
_pdbx_struct_sheet_hbond.range_2_auth_comp_id 
_pdbx_struct_sheet_hbond.range_2_auth_asym_id 
_pdbx_struct_sheet_hbond.range_2_auth_seq_id 
AA 1 2 N ILE A 101 ? N ILE A 81  O ILE A 79  ? O ILE A 59  
AA 2 3 N ALA A 78  ? N ALA A 58  O PHE A 34  ? O PHE A 14  
AA 3 4 N ALA A 35  ? N ALA A 15  O ALA A 126 ? O ALA A 106 
AA 4 5 N TYR A 127 ? N TYR A 107 O PHE A 143 ? O PHE A 123 
AA 5 6 N SER A 146 ? N SER A 126 O TYR A 160 ? O TYR A 140 
AB 1 2 N ILE A 48  ? N ILE A 28  O THR A 56  ? O THR A 36  
# 
_pdbx_validate_rmsd_angle.id                         1 
_pdbx_validate_rmsd_angle.PDB_model_num              1 
_pdbx_validate_rmsd_angle.auth_atom_id_1             CA 
_pdbx_validate_rmsd_angle.auth_asym_id_1             A 
_pdbx_validate_rmsd_angle.auth_comp_id_1             LEU 
_pdbx_validate_rmsd_angle.auth_seq_id_1              115 
_pdbx_validate_rmsd_angle.PDB_ins_code_1             ? 
_pdbx_validate_rmsd_angle.label_alt_id_1             ? 
_pdbx_validate_rmsd_angle.auth_atom_id_2             CB 
_pdbx_validate_rmsd_angle.auth_asym_id_2             A 
_pdbx_validate_rmsd_angle.auth_comp_id_2             LEU 
_pdbx_validate_rmsd_angle.auth_seq_id_2              115 
_pdbx_validate_rmsd_angle.PDB_ins_code_2             ? 
_pdbx_validate_rmsd_angle.label_alt_id_2             ? 
_pdbx_validate_rmsd_angle.auth_atom_id_3             CG 
_pdbx_validate_rmsd_angle.auth_asym_id_3             A 
_pdbx_validate_rmsd_angle.auth_comp_id_3             LEU 
_pdbx_validate_rmsd_angle.auth_seq_id_3              115 
_pdbx_validate_rmsd_angle.PDB_ins_code_3             ? 
_pdbx_validate_rmsd_angle.label_alt_id_3             ? 
_pdbx_validate_rmsd_angle.angle_value                132.67 
_pdbx_validate_rmsd_angle.angle_target_value         115.30 
_pdbx_validate_rmsd_angle.angle_deviation            17.37 
_pdbx_validate_rmsd_angle.angle_standard_deviation   2.30 
_pdbx_validate_rmsd_angle.linker_flag                N 
# 
loop_
_pdbx_validate_torsion.id 
_pdbx_validate_torsion.PDB_model_num 
_pdbx_validate_torsion.auth_comp_id 
_pdbx_validate_torsion.auth_asym_id 
_pdbx_validate_torsion.auth_seq_id 
_pdbx_validate_torsion.PDB_ins_code 
_pdbx_validate_torsion.label_alt_id 
_pdbx_validate_torsion.phi 
_pdbx_validate_torsion.psi 
1 1 VAL A 18  ? ? -94.27  -68.08 
2 1 ASN A 148 ? ? -140.68 18.22  
# 
loop_
_pdbx_struct_special_symmetry.id 
_pdbx_struct_special_symmetry.PDB_model_num 
_pdbx_struct_special_symmetry.auth_asym_id 
_pdbx_struct_special_symmetry.auth_comp_id 
_pdbx_struct_special_symmetry.auth_seq_id 
_pdbx_struct_special_symmetry.PDB_ins_code 
_pdbx_struct_special_symmetry.label_asym_id 
_pdbx_struct_special_symmetry.label_comp_id 
_pdbx_struct_special_symmetry.label_seq_id 
1 1 A MG  1176 ? D MG  . 
2 1 A MG  1177 ? E MG  . 
3 1 A MG  1178 ? F MG  . 
4 1 A HOH 2025 ? G HOH . 
# 
_pdbx_distant_solvent_atoms.id                                1 
_pdbx_distant_solvent_atoms.PDB_model_num                     1 
_pdbx_distant_solvent_atoms.auth_atom_id                      O 
_pdbx_distant_solvent_atoms.label_alt_id                      ? 
_pdbx_distant_solvent_atoms.auth_asym_id                      A 
_pdbx_distant_solvent_atoms.auth_comp_id                      HOH 
_pdbx_distant_solvent_atoms.auth_seq_id                       2032 
_pdbx_distant_solvent_atoms.PDB_ins_code                      ? 
_pdbx_distant_solvent_atoms.neighbor_macromolecule_distance   6.17 
_pdbx_distant_solvent_atoms.neighbor_ligand_distance          . 
# 
loop_
_pdbx_unobs_or_zero_occ_residues.id 
_pdbx_unobs_or_zero_occ_residues.PDB_model_num 
_pdbx_unobs_or_zero_occ_residues.polymer_flag 
_pdbx_unobs_or_zero_occ_residues.occupancy_flag 
_pdbx_unobs_or_zero_occ_residues.auth_asym_id 
_pdbx_unobs_or_zero_occ_residues.auth_comp_id 
_pdbx_unobs_or_zero_occ_residues.auth_seq_id 
_pdbx_unobs_or_zero_occ_residues.PDB_ins_code 
_pdbx_unobs_or_zero_occ_residues.label_asym_id 
_pdbx_unobs_or_zero_occ_residues.label_comp_id 
_pdbx_unobs_or_zero_occ_residues.label_seq_id 
1  1 Y 1 A MET -19 ? A MET 1  
2  1 Y 1 A GLY -18 ? A GLY 2  
3  1 Y 1 A SER -17 ? A SER 3  
4  1 Y 1 A SER -16 ? A SER 4  
5  1 Y 1 A HIS -15 ? A HIS 5  
6  1 Y 1 A HIS -14 ? A HIS 6  
7  1 Y 1 A HIS -13 ? A HIS 7  
8  1 Y 1 A HIS -12 ? A HIS 8  
9  1 Y 1 A HIS -11 ? A HIS 9  
10 1 Y 1 A HIS -10 ? A HIS 10 
11 1 Y 1 A SER -9  ? A SER 11 
12 1 Y 1 A SER -8  ? A SER 12 
13 1 Y 1 A GLU -7  ? A GLU 13 
14 1 Y 1 A ASN -6  ? A ASN 14 
15 1 Y 1 A LEU -5  ? A LEU 15 
16 1 Y 1 A TYR -4  ? A TYR 16 
17 1 Y 1 A PHE -3  ? A PHE 17 
18 1 Y 1 A GLN -2  ? A GLN 18 
19 1 Y 1 A GLY -1  ? A GLY 19 
# 
loop_
_chem_comp_atom.comp_id 
_chem_comp_atom.atom_id 
_chem_comp_atom.type_symbol 
_chem_comp_atom.pdbx_aromatic_flag 
_chem_comp_atom.pdbx_stereo_config 
_chem_comp_atom.pdbx_ordinal 
ALA N    N  N N 1   
ALA CA   C  N S 2   
ALA C    C  N N 3   
ALA O    O  N N 4   
ALA CB   C  N N 5   
ALA OXT  O  N N 6   
ALA H    H  N N 7   
ALA H2   H  N N 8   
ALA HA   H  N N 9   
ALA HB1  H  N N 10  
ALA HB2  H  N N 11  
ALA HB3  H  N N 12  
ALA HXT  H  N N 13  
ARG N    N  N N 14  
ARG CA   C  N S 15  
ARG C    C  N N 16  
ARG O    O  N N 17  
ARG CB   C  N N 18  
ARG CG   C  N N 19  
ARG CD   C  N N 20  
ARG NE   N  N N 21  
ARG CZ   C  N N 22  
ARG NH1  N  N N 23  
ARG NH2  N  N N 24  
ARG OXT  O  N N 25  
ARG H    H  N N 26  
ARG H2   H  N N 27  
ARG HA   H  N N 28  
ARG HB2  H  N N 29  
ARG HB3  H  N N 30  
ARG HG2  H  N N 31  
ARG HG3  H  N N 32  
ARG HD2  H  N N 33  
ARG HD3  H  N N 34  
ARG HE   H  N N 35  
ARG HH11 H  N N 36  
ARG HH12 H  N N 37  
ARG HH21 H  N N 38  
ARG HH22 H  N N 39  
ARG HXT  H  N N 40  
ASN N    N  N N 41  
ASN CA   C  N S 42  
ASN C    C  N N 43  
ASN O    O  N N 44  
ASN CB   C  N N 45  
ASN CG   C  N N 46  
ASN OD1  O  N N 47  
ASN ND2  N  N N 48  
ASN OXT  O  N N 49  
ASN H    H  N N 50  
ASN H2   H  N N 51  
ASN HA   H  N N 52  
ASN HB2  H  N N 53  
ASN HB3  H  N N 54  
ASN HD21 H  N N 55  
ASN HD22 H  N N 56  
ASN HXT  H  N N 57  
ASP N    N  N N 58  
ASP CA   C  N S 59  
ASP C    C  N N 60  
ASP O    O  N N 61  
ASP CB   C  N N 62  
ASP CG   C  N N 63  
ASP OD1  O  N N 64  
ASP OD2  O  N N 65  
ASP OXT  O  N N 66  
ASP H    H  N N 67  
ASP H2   H  N N 68  
ASP HA   H  N N 69  
ASP HB2  H  N N 70  
ASP HB3  H  N N 71  
ASP HD2  H  N N 72  
ASP HXT  H  N N 73  
CYS N    N  N N 74  
CYS CA   C  N R 75  
CYS C    C  N N 76  
CYS O    O  N N 77  
CYS CB   C  N N 78  
CYS SG   S  N N 79  
CYS OXT  O  N N 80  
CYS H    H  N N 81  
CYS H2   H  N N 82  
CYS HA   H  N N 83  
CYS HB2  H  N N 84  
CYS HB3  H  N N 85  
CYS HG   H  N N 86  
CYS HXT  H  N N 87  
GLN N    N  N N 88  
GLN CA   C  N S 89  
GLN C    C  N N 90  
GLN O    O  N N 91  
GLN CB   C  N N 92  
GLN CG   C  N N 93  
GLN CD   C  N N 94  
GLN OE1  O  N N 95  
GLN NE2  N  N N 96  
GLN OXT  O  N N 97  
GLN H    H  N N 98  
GLN H2   H  N N 99  
GLN HA   H  N N 100 
GLN HB2  H  N N 101 
GLN HB3  H  N N 102 
GLN HG2  H  N N 103 
GLN HG3  H  N N 104 
GLN HE21 H  N N 105 
GLN HE22 H  N N 106 
GLN HXT  H  N N 107 
GLU N    N  N N 108 
GLU CA   C  N S 109 
GLU C    C  N N 110 
GLU O    O  N N 111 
GLU CB   C  N N 112 
GLU CG   C  N N 113 
GLU CD   C  N N 114 
GLU OE1  O  N N 115 
GLU OE2  O  N N 116 
GLU OXT  O  N N 117 
GLU H    H  N N 118 
GLU H2   H  N N 119 
GLU HA   H  N N 120 
GLU HB2  H  N N 121 
GLU HB3  H  N N 122 
GLU HG2  H  N N 123 
GLU HG3  H  N N 124 
GLU HE2  H  N N 125 
GLU HXT  H  N N 126 
GLY N    N  N N 127 
GLY CA   C  N N 128 
GLY C    C  N N 129 
GLY O    O  N N 130 
GLY OXT  O  N N 131 
GLY H    H  N N 132 
GLY H2   H  N N 133 
GLY HA2  H  N N 134 
GLY HA3  H  N N 135 
GLY HXT  H  N N 136 
HIS N    N  N N 137 
HIS CA   C  N S 138 
HIS C    C  N N 139 
HIS O    O  N N 140 
HIS CB   C  N N 141 
HIS CG   C  Y N 142 
HIS ND1  N  Y N 143 
HIS CD2  C  Y N 144 
HIS CE1  C  Y N 145 
HIS NE2  N  Y N 146 
HIS OXT  O  N N 147 
HIS H    H  N N 148 
HIS H2   H  N N 149 
HIS HA   H  N N 150 
HIS HB2  H  N N 151 
HIS HB3  H  N N 152 
HIS HD1  H  N N 153 
HIS HD2  H  N N 154 
HIS HE1  H  N N 155 
HIS HE2  H  N N 156 
HIS HXT  H  N N 157 
HOH O    O  N N 158 
HOH H1   H  N N 159 
HOH H2   H  N N 160 
ILE N    N  N N 161 
ILE CA   C  N S 162 
ILE C    C  N N 163 
ILE O    O  N N 164 
ILE CB   C  N S 165 
ILE CG1  C  N N 166 
ILE CG2  C  N N 167 
ILE CD1  C  N N 168 
ILE OXT  O  N N 169 
ILE H    H  N N 170 
ILE H2   H  N N 171 
ILE HA   H  N N 172 
ILE HB   H  N N 173 
ILE HG12 H  N N 174 
ILE HG13 H  N N 175 
ILE HG21 H  N N 176 
ILE HG22 H  N N 177 
ILE HG23 H  N N 178 
ILE HD11 H  N N 179 
ILE HD12 H  N N 180 
ILE HD13 H  N N 181 
ILE HXT  H  N N 182 
KDO C1   C  N N 183 
KDO O1A  O  N N 184 
KDO O1B  O  N N 185 
KDO C2   C  N R 186 
KDO O2   O  N N 187 
KDO C3   C  N N 188 
KDO C4   C  N R 189 
KDO O4   O  N N 190 
KDO C5   C  N R 191 
KDO O5   O  N N 192 
KDO C6   C  N R 193 
KDO O6   O  N N 194 
KDO C7   C  N R 195 
KDO O7   O  N N 196 
KDO C8   C  N N 197 
KDO O8   O  N N 198 
KDO HO1B H  N N 199 
KDO HO2  H  N N 200 
KDO H31  H  N N 201 
KDO H32  H  N N 202 
KDO H4   H  N N 203 
KDO HO4  H  N N 204 
KDO H5   H  N N 205 
KDO HO5  H  N N 206 
KDO H6   H  N N 207 
KDO H7   H  N N 208 
KDO HO7  H  N N 209 
KDO H81  H  N N 210 
KDO H82  H  N N 211 
KDO HO8  H  N N 212 
LEU N    N  N N 213 
LEU CA   C  N S 214 
LEU C    C  N N 215 
LEU O    O  N N 216 
LEU CB   C  N N 217 
LEU CG   C  N N 218 
LEU CD1  C  N N 219 
LEU CD2  C  N N 220 
LEU OXT  O  N N 221 
LEU H    H  N N 222 
LEU H2   H  N N 223 
LEU HA   H  N N 224 
LEU HB2  H  N N 225 
LEU HB3  H  N N 226 
LEU HG   H  N N 227 
LEU HD11 H  N N 228 
LEU HD12 H  N N 229 
LEU HD13 H  N N 230 
LEU HD21 H  N N 231 
LEU HD22 H  N N 232 
LEU HD23 H  N N 233 
LEU HXT  H  N N 234 
LYS N    N  N N 235 
LYS CA   C  N S 236 
LYS C    C  N N 237 
LYS O    O  N N 238 
LYS CB   C  N N 239 
LYS CG   C  N N 240 
LYS CD   C  N N 241 
LYS CE   C  N N 242 
LYS NZ   N  N N 243 
LYS OXT  O  N N 244 
LYS H    H  N N 245 
LYS H2   H  N N 246 
LYS HA   H  N N 247 
LYS HB2  H  N N 248 
LYS HB3  H  N N 249 
LYS HG2  H  N N 250 
LYS HG3  H  N N 251 
LYS HD2  H  N N 252 
LYS HD3  H  N N 253 
LYS HE2  H  N N 254 
LYS HE3  H  N N 255 
LYS HZ1  H  N N 256 
LYS HZ2  H  N N 257 
LYS HZ3  H  N N 258 
LYS HXT  H  N N 259 
MET N    N  N N 260 
MET CA   C  N S 261 
MET C    C  N N 262 
MET O    O  N N 263 
MET CB   C  N N 264 
MET CG   C  N N 265 
MET SD   S  N N 266 
MET CE   C  N N 267 
MET OXT  O  N N 268 
MET H    H  N N 269 
MET H2   H  N N 270 
MET HA   H  N N 271 
MET HB2  H  N N 272 
MET HB3  H  N N 273 
MET HG2  H  N N 274 
MET HG3  H  N N 275 
MET HE1  H  N N 276 
MET HE2  H  N N 277 
MET HE3  H  N N 278 
MET HXT  H  N N 279 
MG  MG   MG N N 280 
PHE N    N  N N 281 
PHE CA   C  N S 282 
PHE C    C  N N 283 
PHE O    O  N N 284 
PHE CB   C  N N 285 
PHE CG   C  Y N 286 
PHE CD1  C  Y N 287 
PHE CD2  C  Y N 288 
PHE CE1  C  Y N 289 
PHE CE2  C  Y N 290 
PHE CZ   C  Y N 291 
PHE OXT  O  N N 292 
PHE H    H  N N 293 
PHE H2   H  N N 294 
PHE HA   H  N N 295 
PHE HB2  H  N N 296 
PHE HB3  H  N N 297 
PHE HD1  H  N N 298 
PHE HD2  H  N N 299 
PHE HE1  H  N N 300 
PHE HE2  H  N N 301 
PHE HZ   H  N N 302 
PHE HXT  H  N N 303 
PRO N    N  N N 304 
PRO CA   C  N S 305 
PRO C    C  N N 306 
PRO O    O  N N 307 
PRO CB   C  N N 308 
PRO CG   C  N N 309 
PRO CD   C  N N 310 
PRO OXT  O  N N 311 
PRO H    H  N N 312 
PRO HA   H  N N 313 
PRO HB2  H  N N 314 
PRO HB3  H  N N 315 
PRO HG2  H  N N 316 
PRO HG3  H  N N 317 
PRO HD2  H  N N 318 
PRO HD3  H  N N 319 
PRO HXT  H  N N 320 
SER N    N  N N 321 
SER CA   C  N S 322 
SER C    C  N N 323 
SER O    O  N N 324 
SER CB   C  N N 325 
SER OG   O  N N 326 
SER OXT  O  N N 327 
SER H    H  N N 328 
SER H2   H  N N 329 
SER HA   H  N N 330 
SER HB2  H  N N 331 
SER HB3  H  N N 332 
SER HG   H  N N 333 
SER HXT  H  N N 334 
THR N    N  N N 335 
THR CA   C  N S 336 
THR C    C  N N 337 
THR O    O  N N 338 
THR CB   C  N R 339 
THR OG1  O  N N 340 
THR CG2  C  N N 341 
THR OXT  O  N N 342 
THR H    H  N N 343 
THR H2   H  N N 344 
THR HA   H  N N 345 
THR HB   H  N N 346 
THR HG1  H  N N 347 
THR HG21 H  N N 348 
THR HG22 H  N N 349 
THR HG23 H  N N 350 
THR HXT  H  N N 351 
TYR N    N  N N 352 
TYR CA   C  N S 353 
TYR C    C  N N 354 
TYR O    O  N N 355 
TYR CB   C  N N 356 
TYR CG   C  Y N 357 
TYR CD1  C  Y N 358 
TYR CD2  C  Y N 359 
TYR CE1  C  Y N 360 
TYR CE2  C  Y N 361 
TYR CZ   C  Y N 362 
TYR OH   O  N N 363 
TYR OXT  O  N N 364 
TYR H    H  N N 365 
TYR H2   H  N N 366 
TYR HA   H  N N 367 
TYR HB2  H  N N 368 
TYR HB3  H  N N 369 
TYR HD1  H  N N 370 
TYR HD2  H  N N 371 
TYR HE1  H  N N 372 
TYR HE2  H  N N 373 
TYR HH   H  N N 374 
TYR HXT  H  N N 375 
VAL N    N  N N 376 
VAL CA   C  N S 377 
VAL C    C  N N 378 
VAL O    O  N N 379 
VAL CB   C  N N 380 
VAL CG1  C  N N 381 
VAL CG2  C  N N 382 
VAL OXT  O  N N 383 
VAL H    H  N N 384 
VAL H2   H  N N 385 
VAL HA   H  N N 386 
VAL HB   H  N N 387 
VAL HG11 H  N N 388 
VAL HG12 H  N N 389 
VAL HG13 H  N N 390 
VAL HG21 H  N N 391 
VAL HG22 H  N N 392 
VAL HG23 H  N N 393 
VAL HXT  H  N N 394 
# 
loop_
_chem_comp_bond.comp_id 
_chem_comp_bond.atom_id_1 
_chem_comp_bond.atom_id_2 
_chem_comp_bond.value_order 
_chem_comp_bond.pdbx_aromatic_flag 
_chem_comp_bond.pdbx_stereo_config 
_chem_comp_bond.pdbx_ordinal 
ALA N   CA   sing N N 1   
ALA N   H    sing N N 2   
ALA N   H2   sing N N 3   
ALA CA  C    sing N N 4   
ALA CA  CB   sing N N 5   
ALA CA  HA   sing N N 6   
ALA C   O    doub N N 7   
ALA C   OXT  sing N N 8   
ALA CB  HB1  sing N N 9   
ALA CB  HB2  sing N N 10  
ALA CB  HB3  sing N N 11  
ALA OXT HXT  sing N N 12  
ARG N   CA   sing N N 13  
ARG N   H    sing N N 14  
ARG N   H2   sing N N 15  
ARG CA  C    sing N N 16  
ARG CA  CB   sing N N 17  
ARG CA  HA   sing N N 18  
ARG C   O    doub N N 19  
ARG C   OXT  sing N N 20  
ARG CB  CG   sing N N 21  
ARG CB  HB2  sing N N 22  
ARG CB  HB3  sing N N 23  
ARG CG  CD   sing N N 24  
ARG CG  HG2  sing N N 25  
ARG CG  HG3  sing N N 26  
ARG CD  NE   sing N N 27  
ARG CD  HD2  sing N N 28  
ARG CD  HD3  sing N N 29  
ARG NE  CZ   sing N N 30  
ARG NE  HE   sing N N 31  
ARG CZ  NH1  sing N N 32  
ARG CZ  NH2  doub N N 33  
ARG NH1 HH11 sing N N 34  
ARG NH1 HH12 sing N N 35  
ARG NH2 HH21 sing N N 36  
ARG NH2 HH22 sing N N 37  
ARG OXT HXT  sing N N 38  
ASN N   CA   sing N N 39  
ASN N   H    sing N N 40  
ASN N   H2   sing N N 41  
ASN CA  C    sing N N 42  
ASN CA  CB   sing N N 43  
ASN CA  HA   sing N N 44  
ASN C   O    doub N N 45  
ASN C   OXT  sing N N 46  
ASN CB  CG   sing N N 47  
ASN CB  HB2  sing N N 48  
ASN CB  HB3  sing N N 49  
ASN CG  OD1  doub N N 50  
ASN CG  ND2  sing N N 51  
ASN ND2 HD21 sing N N 52  
ASN ND2 HD22 sing N N 53  
ASN OXT HXT  sing N N 54  
ASP N   CA   sing N N 55  
ASP N   H    sing N N 56  
ASP N   H2   sing N N 57  
ASP CA  C    sing N N 58  
ASP CA  CB   sing N N 59  
ASP CA  HA   sing N N 60  
ASP C   O    doub N N 61  
ASP C   OXT  sing N N 62  
ASP CB  CG   sing N N 63  
ASP CB  HB2  sing N N 64  
ASP CB  HB3  sing N N 65  
ASP CG  OD1  doub N N 66  
ASP CG  OD2  sing N N 67  
ASP OD2 HD2  sing N N 68  
ASP OXT HXT  sing N N 69  
CYS N   CA   sing N N 70  
CYS N   H    sing N N 71  
CYS N   H2   sing N N 72  
CYS CA  C    sing N N 73  
CYS CA  CB   sing N N 74  
CYS CA  HA   sing N N 75  
CYS C   O    doub N N 76  
CYS C   OXT  sing N N 77  
CYS CB  SG   sing N N 78  
CYS CB  HB2  sing N N 79  
CYS CB  HB3  sing N N 80  
CYS SG  HG   sing N N 81  
CYS OXT HXT  sing N N 82  
GLN N   CA   sing N N 83  
GLN N   H    sing N N 84  
GLN N   H2   sing N N 85  
GLN CA  C    sing N N 86  
GLN CA  CB   sing N N 87  
GLN CA  HA   sing N N 88  
GLN C   O    doub N N 89  
GLN C   OXT  sing N N 90  
GLN CB  CG   sing N N 91  
GLN CB  HB2  sing N N 92  
GLN CB  HB3  sing N N 93  
GLN CG  CD   sing N N 94  
GLN CG  HG2  sing N N 95  
GLN CG  HG3  sing N N 96  
GLN CD  OE1  doub N N 97  
GLN CD  NE2  sing N N 98  
GLN NE2 HE21 sing N N 99  
GLN NE2 HE22 sing N N 100 
GLN OXT HXT  sing N N 101 
GLU N   CA   sing N N 102 
GLU N   H    sing N N 103 
GLU N   H2   sing N N 104 
GLU CA  C    sing N N 105 
GLU CA  CB   sing N N 106 
GLU CA  HA   sing N N 107 
GLU C   O    doub N N 108 
GLU C   OXT  sing N N 109 
GLU CB  CG   sing N N 110 
GLU CB  HB2  sing N N 111 
GLU CB  HB3  sing N N 112 
GLU CG  CD   sing N N 113 
GLU CG  HG2  sing N N 114 
GLU CG  HG3  sing N N 115 
GLU CD  OE1  doub N N 116 
GLU CD  OE2  sing N N 117 
GLU OE2 HE2  sing N N 118 
GLU OXT HXT  sing N N 119 
GLY N   CA   sing N N 120 
GLY N   H    sing N N 121 
GLY N   H2   sing N N 122 
GLY CA  C    sing N N 123 
GLY CA  HA2  sing N N 124 
GLY CA  HA3  sing N N 125 
GLY C   O    doub N N 126 
GLY C   OXT  sing N N 127 
GLY OXT HXT  sing N N 128 
HIS N   CA   sing N N 129 
HIS N   H    sing N N 130 
HIS N   H2   sing N N 131 
HIS CA  C    sing N N 132 
HIS CA  CB   sing N N 133 
HIS CA  HA   sing N N 134 
HIS C   O    doub N N 135 
HIS C   OXT  sing N N 136 
HIS CB  CG   sing N N 137 
HIS CB  HB2  sing N N 138 
HIS CB  HB3  sing N N 139 
HIS CG  ND1  sing Y N 140 
HIS CG  CD2  doub Y N 141 
HIS ND1 CE1  doub Y N 142 
HIS ND1 HD1  sing N N 143 
HIS CD2 NE2  sing Y N 144 
HIS CD2 HD2  sing N N 145 
HIS CE1 NE2  sing Y N 146 
HIS CE1 HE1  sing N N 147 
HIS NE2 HE2  sing N N 148 
HIS OXT HXT  sing N N 149 
HOH O   H1   sing N N 150 
HOH O   H2   sing N N 151 
ILE N   CA   sing N N 152 
ILE N   H    sing N N 153 
ILE N   H2   sing N N 154 
ILE CA  C    sing N N 155 
ILE CA  CB   sing N N 156 
ILE CA  HA   sing N N 157 
ILE C   O    doub N N 158 
ILE C   OXT  sing N N 159 
ILE CB  CG1  sing N N 160 
ILE CB  CG2  sing N N 161 
ILE CB  HB   sing N N 162 
ILE CG1 CD1  sing N N 163 
ILE CG1 HG12 sing N N 164 
ILE CG1 HG13 sing N N 165 
ILE CG2 HG21 sing N N 166 
ILE CG2 HG22 sing N N 167 
ILE CG2 HG23 sing N N 168 
ILE CD1 HD11 sing N N 169 
ILE CD1 HD12 sing N N 170 
ILE CD1 HD13 sing N N 171 
ILE OXT HXT  sing N N 172 
KDO C1  O1A  doub N N 173 
KDO C1  O1B  sing N N 174 
KDO C1  C2   sing N N 175 
KDO O1B HO1B sing N N 176 
KDO C2  O2   sing N N 177 
KDO C2  C3   sing N N 178 
KDO C2  O6   sing N N 179 
KDO O2  HO2  sing N N 180 
KDO C3  C4   sing N N 181 
KDO C3  H31  sing N N 182 
KDO C3  H32  sing N N 183 
KDO C4  O4   sing N N 184 
KDO C4  C5   sing N N 185 
KDO C4  H4   sing N N 186 
KDO O4  HO4  sing N N 187 
KDO C5  O5   sing N N 188 
KDO C5  C6   sing N N 189 
KDO C5  H5   sing N N 190 
KDO O5  HO5  sing N N 191 
KDO C6  O6   sing N N 192 
KDO C6  C7   sing N N 193 
KDO C6  H6   sing N N 194 
KDO C7  O7   sing N N 195 
KDO C7  C8   sing N N 196 
KDO C7  H7   sing N N 197 
KDO O7  HO7  sing N N 198 
KDO C8  O8   sing N N 199 
KDO C8  H81  sing N N 200 
KDO C8  H82  sing N N 201 
KDO O8  HO8  sing N N 202 
LEU N   CA   sing N N 203 
LEU N   H    sing N N 204 
LEU N   H2   sing N N 205 
LEU CA  C    sing N N 206 
LEU CA  CB   sing N N 207 
LEU CA  HA   sing N N 208 
LEU C   O    doub N N 209 
LEU C   OXT  sing N N 210 
LEU CB  CG   sing N N 211 
LEU CB  HB2  sing N N 212 
LEU CB  HB3  sing N N 213 
LEU CG  CD1  sing N N 214 
LEU CG  CD2  sing N N 215 
LEU CG  HG   sing N N 216 
LEU CD1 HD11 sing N N 217 
LEU CD1 HD12 sing N N 218 
LEU CD1 HD13 sing N N 219 
LEU CD2 HD21 sing N N 220 
LEU CD2 HD22 sing N N 221 
LEU CD2 HD23 sing N N 222 
LEU OXT HXT  sing N N 223 
LYS N   CA   sing N N 224 
LYS N   H    sing N N 225 
LYS N   H2   sing N N 226 
LYS CA  C    sing N N 227 
LYS CA  CB   sing N N 228 
LYS CA  HA   sing N N 229 
LYS C   O    doub N N 230 
LYS C   OXT  sing N N 231 
LYS CB  CG   sing N N 232 
LYS CB  HB2  sing N N 233 
LYS CB  HB3  sing N N 234 
LYS CG  CD   sing N N 235 
LYS CG  HG2  sing N N 236 
LYS CG  HG3  sing N N 237 
LYS CD  CE   sing N N 238 
LYS CD  HD2  sing N N 239 
LYS CD  HD3  sing N N 240 
LYS CE  NZ   sing N N 241 
LYS CE  HE2  sing N N 242 
LYS CE  HE3  sing N N 243 
LYS NZ  HZ1  sing N N 244 
LYS NZ  HZ2  sing N N 245 
LYS NZ  HZ3  sing N N 246 
LYS OXT HXT  sing N N 247 
MET N   CA   sing N N 248 
MET N   H    sing N N 249 
MET N   H2   sing N N 250 
MET CA  C    sing N N 251 
MET CA  CB   sing N N 252 
MET CA  HA   sing N N 253 
MET C   O    doub N N 254 
MET C   OXT  sing N N 255 
MET CB  CG   sing N N 256 
MET CB  HB2  sing N N 257 
MET CB  HB3  sing N N 258 
MET CG  SD   sing N N 259 
MET CG  HG2  sing N N 260 
MET CG  HG3  sing N N 261 
MET SD  CE   sing N N 262 
MET CE  HE1  sing N N 263 
MET CE  HE2  sing N N 264 
MET CE  HE3  sing N N 265 
MET OXT HXT  sing N N 266 
PHE N   CA   sing N N 267 
PHE N   H    sing N N 268 
PHE N   H2   sing N N 269 
PHE CA  C    sing N N 270 
PHE CA  CB   sing N N 271 
PHE CA  HA   sing N N 272 
PHE C   O    doub N N 273 
PHE C   OXT  sing N N 274 
PHE CB  CG   sing N N 275 
PHE CB  HB2  sing N N 276 
PHE CB  HB3  sing N N 277 
PHE CG  CD1  doub Y N 278 
PHE CG  CD2  sing Y N 279 
PHE CD1 CE1  sing Y N 280 
PHE CD1 HD1  sing N N 281 
PHE CD2 CE2  doub Y N 282 
PHE CD2 HD2  sing N N 283 
PHE CE1 CZ   doub Y N 284 
PHE CE1 HE1  sing N N 285 
PHE CE2 CZ   sing Y N 286 
PHE CE2 HE2  sing N N 287 
PHE CZ  HZ   sing N N 288 
PHE OXT HXT  sing N N 289 
PRO N   CA   sing N N 290 
PRO N   CD   sing N N 291 
PRO N   H    sing N N 292 
PRO CA  C    sing N N 293 
PRO CA  CB   sing N N 294 
PRO CA  HA   sing N N 295 
PRO C   O    doub N N 296 
PRO C   OXT  sing N N 297 
PRO CB  CG   sing N N 298 
PRO CB  HB2  sing N N 299 
PRO CB  HB3  sing N N 300 
PRO CG  CD   sing N N 301 
PRO CG  HG2  sing N N 302 
PRO CG  HG3  sing N N 303 
PRO CD  HD2  sing N N 304 
PRO CD  HD3  sing N N 305 
PRO OXT HXT  sing N N 306 
SER N   CA   sing N N 307 
SER N   H    sing N N 308 
SER N   H2   sing N N 309 
SER CA  C    sing N N 310 
SER CA  CB   sing N N 311 
SER CA  HA   sing N N 312 
SER C   O    doub N N 313 
SER C   OXT  sing N N 314 
SER CB  OG   sing N N 315 
SER CB  HB2  sing N N 316 
SER CB  HB3  sing N N 317 
SER OG  HG   sing N N 318 
SER OXT HXT  sing N N 319 
THR N   CA   sing N N 320 
THR N   H    sing N N 321 
THR N   H2   sing N N 322 
THR CA  C    sing N N 323 
THR CA  CB   sing N N 324 
THR CA  HA   sing N N 325 
THR C   O    doub N N 326 
THR C   OXT  sing N N 327 
THR CB  OG1  sing N N 328 
THR CB  CG2  sing N N 329 
THR CB  HB   sing N N 330 
THR OG1 HG1  sing N N 331 
THR CG2 HG21 sing N N 332 
THR CG2 HG22 sing N N 333 
THR CG2 HG23 sing N N 334 
THR OXT HXT  sing N N 335 
TYR N   CA   sing N N 336 
TYR N   H    sing N N 337 
TYR N   H2   sing N N 338 
TYR CA  C    sing N N 339 
TYR CA  CB   sing N N 340 
TYR CA  HA   sing N N 341 
TYR C   O    doub N N 342 
TYR C   OXT  sing N N 343 
TYR CB  CG   sing N N 344 
TYR CB  HB2  sing N N 345 
TYR CB  HB3  sing N N 346 
TYR CG  CD1  doub Y N 347 
TYR CG  CD2  sing Y N 348 
TYR CD1 CE1  sing Y N 349 
TYR CD1 HD1  sing N N 350 
TYR CD2 CE2  doub Y N 351 
TYR CD2 HD2  sing N N 352 
TYR CE1 CZ   doub Y N 353 
TYR CE1 HE1  sing N N 354 
TYR CE2 CZ   sing Y N 355 
TYR CE2 HE2  sing N N 356 
TYR CZ  OH   sing N N 357 
TYR OH  HH   sing N N 358 
TYR OXT HXT  sing N N 359 
VAL N   CA   sing N N 360 
VAL N   H    sing N N 361 
VAL N   H2   sing N N 362 
VAL CA  C    sing N N 363 
VAL CA  CB   sing N N 364 
VAL CA  HA   sing N N 365 
VAL C   O    doub N N 366 
VAL C   OXT  sing N N 367 
VAL CB  CG1  sing N N 368 
VAL CB  CG2  sing N N 369 
VAL CB  HB   sing N N 370 
VAL CG1 HG11 sing N N 371 
VAL CG1 HG12 sing N N 372 
VAL CG1 HG13 sing N N 373 
VAL CG2 HG21 sing N N 374 
VAL CG2 HG22 sing N N 375 
VAL CG2 HG23 sing N N 376 
VAL OXT HXT  sing N N 377 
# 
_pdbx_initial_refinement_model.id               1 
_pdbx_initial_refinement_model.entity_id_list   ? 
_pdbx_initial_refinement_model.type             'experimental model' 
_pdbx_initial_refinement_model.source_name      PDB 
_pdbx_initial_refinement_model.accession_code   3N1U 
_pdbx_initial_refinement_model.details          'PDB ENTRY 3N1U' 
# 
_atom_sites.entry_id                    4UME 
_atom_sites.fract_transf_matrix[1][1]   0.00651116 
_atom_sites.fract_transf_matrix[1][2]   -0.00151454 
_atom_sites.fract_transf_matrix[1][3]   0.00941388 
_atom_sites.fract_transf_matrix[2][1]   -0.00772960 
_atom_sites.fract_transf_matrix[2][2]   0.00583611 
_atom_sites.fract_transf_matrix[2][3]   0.00628516 
_atom_sites.fract_transf_matrix[3][1]   -0.01167969 
_atom_sites.fract_transf_matrix[3][2]   -0.02059980 
_atom_sites.fract_transf_matrix[3][3]   0.00476415 
_atom_sites.fract_transf_vector[1]      0.239646 
_atom_sites.fract_transf_vector[2]      0.081758 
_atom_sites.fract_transf_vector[3]      -0.019001 
# 
loop_
_atom_type.symbol 
C  
MG 
N  
O  
S  
# 
loop_
_atom_site.group_PDB 
_atom_site.id 
_atom_site.type_symbol 
_atom_site.label_atom_id 
_atom_site.label_alt_id 
_atom_site.label_comp_id 
_atom_site.label_asym_id 
_atom_site.label_entity_id 
_atom_site.label_seq_id 
_atom_site.pdbx_PDB_ins_code 
_atom_site.Cartn_x 
_atom_site.Cartn_y 
_atom_site.Cartn_z 
_atom_site.occupancy 
_atom_site.B_iso_or_equiv 
_atom_site.pdbx_formal_charge 
_atom_site.auth_seq_id 
_atom_site.auth_comp_id 
_atom_site.auth_asym_id 
_atom_site.auth_atom_id 
_atom_site.pdbx_PDB_model_num 
ATOM   1    N  N   . HIS A 1 20  ? -11.548 -17.327 7.440   1.00 48.34 ? 0    HIS A N   1 
ATOM   2    C  CA  . HIS A 1 20  ? -12.401 -16.324 8.146   1.00 49.45 ? 0    HIS A CA  1 
ATOM   3    C  C   . HIS A 1 20  ? -11.645 -15.029 8.442   1.00 46.41 ? 0    HIS A C   1 
ATOM   4    O  O   . HIS A 1 20  ? -10.472 -15.051 8.816   1.00 45.94 ? 0    HIS A O   1 
ATOM   5    C  CB  . HIS A 1 20  ? -12.982 -16.909 9.438   1.00 52.97 ? 0    HIS A CB  1 
ATOM   6    C  CG  . HIS A 1 20  ? -13.976 -16.011 10.114  1.00 57.04 ? 0    HIS A CG  1 
ATOM   7    N  ND1 . HIS A 1 20  ? -13.601 -14.990 10.964  1.00 57.40 ? 0    HIS A ND1 1 
ATOM   8    C  CD2 . HIS A 1 20  ? -15.328 -15.973 10.056  1.00 58.45 ? 0    HIS A CD2 1 
ATOM   9    C  CE1 . HIS A 1 20  ? -14.680 -14.369 11.406  1.00 57.94 ? 0    HIS A CE1 1 
ATOM   10   N  NE2 . HIS A 1 20  ? -15.741 -14.948 10.874  1.00 58.53 ? 0    HIS A NE2 1 
ATOM   11   N  N   . MET A 1 21  ? -12.353 -13.911 8.309   1.00 43.80 ? 1    MET A N   1 
ATOM   12   C  CA  . MET A 1 21  ? -11.745 -12.582 8.279   1.00 42.39 ? 1    MET A CA  1 
ATOM   13   C  C   . MET A 1 21  ? -11.157 -12.060 9.590   1.00 39.99 ? 1    MET A C   1 
ATOM   14   O  O   . MET A 1 21  ? -10.230 -11.250 9.560   1.00 38.36 ? 1    MET A O   1 
ATOM   15   C  CB  . MET A 1 21  ? -12.734 -11.565 7.708   1.00 44.52 ? 1    MET A CB  1 
ATOM   16   C  CG  . MET A 1 21  ? -12.087 -10.475 6.866   1.00 47.55 ? 1    MET A CG  1 
ATOM   17   S  SD  . MET A 1 21  ? -11.701 -10.996 5.182   1.00 50.00 ? 1    MET A SD  1 
ATOM   18   C  CE  . MET A 1 21  ? -9.995  -11.521 5.338   1.00 49.59 ? 1    MET A CE  1 
ATOM   19   N  N   . ASN A 1 22  ? -11.696 -12.498 10.732  1.00 38.82 ? 2    ASN A N   1 
ATOM   20   C  CA  . ASN A 1 22  ? -11.188 -12.044 12.036  1.00 36.62 ? 2    ASN A CA  1 
ATOM   21   C  C   . ASN A 1 22  ? -9.698  -12.321 12.218  1.00 35.42 ? 2    ASN A C   1 
ATOM   22   O  O   . ASN A 1 22  ? -8.988  -11.544 12.867  1.00 33.97 ? 2    ASN A O   1 
ATOM   23   C  CB  . ASN A 1 22  ? -11.979 -12.629 13.209  1.00 36.59 ? 2    ASN A CB  1 
ATOM   24   C  CG  . ASN A 1 22  ? -11.554 -12.034 14.548  1.00 36.28 ? 2    ASN A CG  1 
ATOM   25   O  OD1 . ASN A 1 22  ? -11.397 -10.822 14.678  1.00 35.62 ? 2    ASN A OD1 1 
ATOM   26   N  ND2 . ASN A 1 22  ? -11.356 -12.886 15.539  1.00 35.55 ? 2    ASN A ND2 1 
ATOM   27   N  N   . GLU A 1 23  ? -9.236  -13.421 11.630  1.00 35.48 ? 3    GLU A N   1 
ATOM   28   C  CA  . GLU A 1 23  ? -7.815  -13.761 11.609  1.00 36.55 ? 3    GLU A CA  1 
ATOM   29   C  C   . GLU A 1 23  ? -6.994  -12.637 10.979  1.00 34.33 ? 3    GLU A C   1 
ATOM   30   O  O   . GLU A 1 23  ? -5.891  -12.341 11.426  1.00 34.00 ? 3    GLU A O   1 
ATOM   31   C  CB  . GLU A 1 23  ? -7.580  -15.065 10.848  1.00 37.94 ? 3    GLU A CB  1 
ATOM   32   C  CG  . GLU A 1 23  ? -8.343  -16.253 11.407  1.00 40.69 ? 3    GLU A CG  1 
ATOM   33   C  CD  . GLU A 1 23  ? -7.670  -17.580 11.111  1.00 42.48 ? 3    GLU A CD  1 
ATOM   34   O  OE1 . GLU A 1 23  ? -7.462  -17.896 9.916   1.00 43.46 ? 3    GLU A OE1 1 
ATOM   35   O  OE2 . GLU A 1 23  ? -7.341  -18.303 12.081  1.00 40.81 ? 3    GLU A OE2 1 
ATOM   36   N  N   . ILE A 1 24  ? -7.552  -12.004 9.956   1.00 32.57 ? 4    ILE A N   1 
ATOM   37   C  CA  . ILE A 1 24  ? -6.868  -10.917 9.265   1.00 32.59 ? 4    ILE A CA  1 
ATOM   38   C  C   . ILE A 1 24  ? -7.000  -9.600  10.044  1.00 32.45 ? 4    ILE A C   1 
ATOM   39   O  O   . ILE A 1 24  ? -6.021  -8.852  10.183  1.00 31.49 ? 4    ILE A O   1 
ATOM   40   C  CB  . ILE A 1 24  ? -7.321  -10.821 7.785   1.00 32.86 ? 4    ILE A CB  1 
ATOM   41   C  CG1 . ILE A 1 24  ? -6.549  -11.824 6.919   1.00 34.21 ? 4    ILE A CG1 1 
ATOM   42   C  CG2 . ILE A 1 24  ? -7.046  -9.449  7.201   1.00 34.20 ? 4    ILE A CG2 1 
ATOM   43   C  CD1 . ILE A 1 24  ? -7.014  -13.264 6.995   1.00 33.68 ? 4    ILE A CD1 1 
ATOM   44   N  N   . TYR A 1 25  ? -8.200  -9.336  10.570  1.00 32.58 ? 5    TYR A N   1 
ATOM   45   C  CA  . TYR A 1 25  ? -8.441  -8.176  11.439  1.00 31.73 ? 5    TYR A CA  1 
ATOM   46   C  C   . TYR A 1 25  ? -7.513  -8.176  12.655  1.00 30.44 ? 5    TYR A C   1 
ATOM   47   O  O   . TYR A 1 25  ? -7.097  -7.115  13.128  1.00 29.20 ? 5    TYR A O   1 
ATOM   48   C  CB  . TYR A 1 25  ? -9.902  -8.125  11.913  1.00 34.80 ? 5    TYR A CB  1 
ATOM   49   C  CG  . TYR A 1 25  ? -10.941 -7.970  10.820  1.00 36.87 ? 5    TYR A CG  1 
ATOM   50   C  CD1 . TYR A 1 25  ? -10.833 -6.960  9.862   1.00 38.24 ? 5    TYR A CD1 1 
ATOM   51   C  CD2 . TYR A 1 25  ? -12.041 -8.830  10.750  1.00 37.76 ? 5    TYR A CD2 1 
ATOM   52   C  CE1 . TYR A 1 25  ? -11.782 -6.812  8.863   1.00 38.85 ? 5    TYR A CE1 1 
ATOM   53   C  CE2 . TYR A 1 25  ? -12.999 -8.688  9.757   1.00 39.31 ? 5    TYR A CE2 1 
ATOM   54   C  CZ  . TYR A 1 25  ? -12.858 -7.676  8.810   1.00 39.98 ? 5    TYR A CZ  1 
ATOM   55   O  OH  . TYR A 1 25  ? -13.794 -7.523  7.811   1.00 41.20 ? 5    TYR A OH  1 
ATOM   56   N  N   . GLN A 1 26  ? -7.196  -9.371  13.155  1.00 29.41 ? 6    GLN A N   1 
ATOM   57   C  CA  . GLN A 1 26  ? -6.236  -9.527  14.246  1.00 28.70 ? 6    GLN A CA  1 
ATOM   58   C  C   . GLN A 1 26  ? -4.874  -8.955  13.865  1.00 28.69 ? 6    GLN A C   1 
ATOM   59   O  O   . GLN A 1 26  ? -4.213  -8.325  14.692  1.00 29.35 ? 6    GLN A O   1 
ATOM   60   C  CB  . GLN A 1 26  ? -6.120  -10.999 14.675  1.00 29.35 ? 6    GLN A CB  1 
ATOM   61   C  CG  . GLN A 1 26  ? -7.272  -11.470 15.561  1.00 30.20 ? 6    GLN A CG  1 
ATOM   62   C  CD  . GLN A 1 26  ? -7.379  -12.983 15.675  1.00 31.73 ? 6    GLN A CD  1 
ATOM   63   O  OE1 . GLN A 1 26  ? -6.747  -13.727 14.918  1.00 32.26 ? 6    GLN A OE1 1 
ATOM   64   N  NE2 . GLN A 1 26  ? -8.187  -13.446 16.626  1.00 31.27 ? 6    GLN A NE2 1 
ATOM   65   N  N   . LYS A 1 27  ? -4.480  -9.145  12.606  1.00 27.82 ? 7    LYS A N   1 
ATOM   66   C  CA  . LYS A 1 27  ? -3.203  -8.634  12.108  1.00 27.26 ? 7    LYS A CA  1 
ATOM   67   C  C   . LYS A 1 27  ? -3.201  -7.130  11.808  1.00 26.80 ? 7    LYS A C   1 
ATOM   68   O  O   . LYS A 1 27  ? -2.224  -6.448  12.106  1.00 26.55 ? 7    LYS A O   1 
ATOM   69   C  CB  . LYS A 1 27  ? -2.740  -9.436  10.887  1.00 28.56 ? 7    LYS A CB  1 
ATOM   70   C  CG  . LYS A 1 27  ? -2.123  -10.776 11.251  1.00 29.48 ? 7    LYS A CG  1 
ATOM   71   C  CD  . LYS A 1 27  ? -2.076  -11.724 10.065  1.00 31.72 ? 7    LYS A CD  1 
ATOM   72   C  CE  . LYS A 1 27  ? -1.519  -13.085 10.475  1.00 32.67 ? 7    LYS A CE  1 
ATOM   73   N  NZ  . LYS A 1 27  ? -1.487  -14.057 9.342   1.00 33.56 ? 7    LYS A NZ  1 
ATOM   74   N  N   . ALA A 1 28  ? -4.290  -6.623  11.227  1.00 25.43 ? 8    ALA A N   1 
ATOM   75   C  CA  . ALA A 1 28  ? -4.414  -5.203  10.884  1.00 24.75 ? 8    ALA A CA  1 
ATOM   76   C  C   . ALA A 1 28  ? -4.714  -4.313  12.098  1.00 25.42 ? 8    ALA A C   1 
ATOM   77   O  O   . ALA A 1 28  ? -4.557  -3.083  12.042  1.00 23.42 ? 8    ALA A O   1 
ATOM   78   C  CB  . ALA A 1 28  ? -5.473  -5.016  9.808   1.00 24.50 ? 8    ALA A CB  1 
ATOM   79   N  N   . LYS A 1 29  ? -5.125  -4.959  13.192  1.00 26.88 ? 9    LYS A N   1 
ATOM   80   C  CA  . LYS A 1 29  ? -5.573  -4.319  14.436  1.00 27.79 ? 9    LYS A CA  1 
ATOM   81   C  C   . LYS A 1 29  ? -4.704  -3.157  14.930  1.00 27.72 ? 9    LYS A C   1 
ATOM   82   O  O   . LYS A 1 29  ? -5.234  -2.133  15.369  1.00 27.16 ? 9    LYS A O   1 
ATOM   83   C  CB  . LYS A 1 29  ? -5.659  -5.379  15.547  1.00 30.33 ? 9    LYS A CB  1 
ATOM   84   C  CG  . LYS A 1 29  ? -6.694  -5.110  16.630  1.00 32.08 ? 9    LYS A CG  1 
ATOM   85   C  CD  . LYS A 1 29  ? -7.901  -6.035  16.504  1.00 33.34 ? 9    LYS A CD  1 
ATOM   86   C  CE  . LYS A 1 29  ? -8.988  -5.430  15.620  1.00 33.82 ? 9    LYS A CE  1 
ATOM   87   N  NZ  . LYS A 1 29  ? -10.158 -6.314  15.345  1.00 31.73 ? 9    LYS A NZ  1 
ATOM   88   N  N   . HIS A 1 30  ? -3.382  -3.329  14.860  1.00 26.59 ? 10   HIS A N   1 
ATOM   89   C  CA  . HIS A 1 30  ? -2.432  -2.387  15.459  1.00 26.79 ? 10   HIS A CA  1 
ATOM   90   C  C   . HIS A 1 30  ? -1.536  -1.651  14.449  1.00 25.03 ? 10   HIS A C   1 
ATOM   91   O  O   . HIS A 1 30  ? -0.464  -1.138  14.809  1.00 24.31 ? 10   HIS A O   1 
ATOM   92   C  CB  . HIS A 1 30  ? -1.573  -3.100  16.528  1.00 29.44 ? 10   HIS A CB  1 
ATOM   93   C  CG  . HIS A 1 30  ? -2.353  -3.558  17.724  1.00 31.00 ? 10   HIS A CG  1 
ATOM   94   N  ND1 . HIS A 1 30  ? -3.020  -2.684  18.558  1.00 31.33 ? 10   HIS A ND1 1 
ATOM   95   C  CD2 . HIS A 1 30  ? -2.579  -4.799  18.221  1.00 31.72 ? 10   HIS A CD2 1 
ATOM   96   C  CE1 . HIS A 1 30  ? -3.624  -3.367  19.514  1.00 32.04 ? 10   HIS A CE1 1 
ATOM   97   N  NE2 . HIS A 1 30  ? -3.371  -4.652  19.335  1.00 31.32 ? 10   HIS A NE2 1 
ATOM   98   N  N   . ILE A 1 31  ? -1.979  -1.589  13.192  1.00 22.28 ? 11   ILE A N   1 
ATOM   99   C  CA  . ILE A 1 31  ? -1.219  -0.909  12.142  1.00 19.31 ? 11   ILE A CA  1 
ATOM   100  C  C   . ILE A 1 31  ? -1.189  0.591   12.396  1.00 18.66 ? 11   ILE A C   1 
ATOM   101  O  O   . ILE A 1 31  ? -2.214  1.197   12.679  1.00 18.14 ? 11   ILE A O   1 
ATOM   102  C  CB  . ILE A 1 31  ? -1.810  -1.179  10.745  1.00 18.94 ? 11   ILE A CB  1 
ATOM   103  C  CG1 . ILE A 1 31  ? -1.836  -2.686  10.428  1.00 18.66 ? 11   ILE A CG1 1 
ATOM   104  C  CG2 . ILE A 1 31  ? -1.079  -0.361  9.681   1.00 18.45 ? 11   ILE A CG2 1 
ATOM   105  C  CD1 . ILE A 1 31  ? -0.552  -3.453  10.720  1.00 18.49 ? 11   ILE A CD1 1 
ATOM   106  N  N   . LYS A 1 32  ? -0.001  1.171   12.311  1.00 17.82 ? 12   LYS A N   1 
ATOM   107  C  CA  . LYS A 1 32  ? 0.184   2.608   12.477  1.00 17.54 ? 12   LYS A CA  1 
ATOM   108  C  C   . LYS A 1 32  ? 0.669   3.216   11.179  1.00 16.42 ? 12   LYS A C   1 
ATOM   109  O  O   . LYS A 1 32  ? 0.580   4.429   10.968  1.00 15.79 ? 12   LYS A O   1 
ATOM   110  C  CB  . LYS A 1 32  ? 1.214   2.888   13.569  1.00 18.45 ? 12   LYS A CB  1 
ATOM   111  C  CG  . LYS A 1 32  ? 0.700   2.676   14.985  1.00 19.81 ? 12   LYS A CG  1 
ATOM   112  C  CD  . LYS A 1 32  ? 1.861   2.454   15.944  1.00 20.77 ? 12   LYS A CD  1 
ATOM   113  C  CE  . LYS A 1 32  ? 1.358   2.185   17.351  1.00 21.62 ? 12   LYS A CE  1 
ATOM   114  N  NZ  . LYS A 1 32  ? 0.972   3.450   18.040  1.00 22.79 ? 12   LYS A NZ  1 
ATOM   115  N  N   . LEU A 1 33  ? 1.187   2.360   10.309  1.00 15.68 ? 13   LEU A N   1 
ATOM   116  C  CA  . LEU A 1 33  ? 1.758   2.811   9.052   1.00 15.06 ? 13   LEU A CA  1 
ATOM   117  C  C   . LEU A 1 33  ? 1.402   1.849   7.948   1.00 14.26 ? 13   LEU A C   1 
ATOM   118  O  O   . LEU A 1 33  ? 1.555   0.635   8.097   1.00 14.01 ? 13   LEU A O   1 
ATOM   119  C  CB  . LEU A 1 33  ? 3.288   2.940   9.147   1.00 15.36 ? 13   LEU A CB  1 
ATOM   120  C  CG  . LEU A 1 33  ? 4.001   3.463   7.885   1.00 15.27 ? 13   LEU A CG  1 
ATOM   121  C  CD1 . LEU A 1 33  ? 5.234   4.271   8.227   1.00 15.93 ? 13   LEU A CD1 1 
ATOM   122  C  CD2 . LEU A 1 33  ? 4.378   2.333   6.946   1.00 15.65 ? 13   LEU A CD2 1 
ATOM   123  N  N   . PHE A 1 34  ? 0.956   2.416   6.832   1.00 13.55 ? 14   PHE A N   1 
ATOM   124  C  CA  . PHE A 1 34  ? 0.658   1.645   5.639   1.00 13.45 ? 14   PHE A CA  1 
ATOM   125  C  C   . PHE A 1 34  ? 1.591   2.100   4.533   1.00 13.27 ? 14   PHE A C   1 
ATOM   126  O  O   . PHE A 1 34  ? 1.565   3.282   4.108   1.00 12.88 ? 14   PHE A O   1 
ATOM   127  C  CB  . PHE A 1 34  ? -0.829  1.789   5.259   1.00 13.07 ? 14   PHE A CB  1 
ATOM   128  C  CG  . PHE A 1 34  ? -1.236  1.023   4.026   1.00 13.24 ? 14   PHE A CG  1 
ATOM   129  C  CD1 . PHE A 1 34  ? -0.792  -0.283  3.802   1.00 13.53 ? 14   PHE A CD1 1 
ATOM   130  C  CD2 . PHE A 1 34  ? -2.108  1.595   3.102   1.00 13.04 ? 14   PHE A CD2 1 
ATOM   131  C  CE1 . PHE A 1 34  ? -1.186  -0.986  2.668   1.00 13.44 ? 14   PHE A CE1 1 
ATOM   132  C  CE2 . PHE A 1 34  ? -2.510  0.897   1.974   1.00 13.33 ? 14   PHE A CE2 1 
ATOM   133  C  CZ  . PHE A 1 34  ? -2.048  -0.391  1.752   1.00 13.40 ? 14   PHE A CZ  1 
ATOM   134  N  N   . ALA A 1 35  ? 2.429   1.162   4.090   1.00 13.05 ? 15   ALA A N   1 
ATOM   135  C  CA  . ALA A 1 35  ? 3.386   1.395   3.009   1.00 13.33 ? 15   ALA A CA  1 
ATOM   136  C  C   . ALA A 1 35  ? 3.015   0.611   1.758   1.00 13.72 ? 15   ALA A C   1 
ATOM   137  O  O   . ALA A 1 35  ? 2.529   -0.535  1.826   1.00 13.40 ? 15   ALA A O   1 
ATOM   138  C  CB  . ALA A 1 35  ? 4.794   1.048   3.453   1.00 13.07 ? 15   ALA A CB  1 
ATOM   139  N  N   . MET A 1 36  ? 3.245   1.237   0.606   1.00 13.91 ? 16   MET A N   1 
ATOM   140  C  CA  . MET A 1 36  ? 2.798   0.651   -0.649  1.00 14.22 ? 16   MET A CA  1 
ATOM   141  C  C   . MET A 1 36  ? 3.886   0.660   -1.694  1.00 13.81 ? 16   MET A C   1 
ATOM   142  O  O   . MET A 1 36  ? 4.618   1.639   -1.855  1.00 13.75 ? 16   MET A O   1 
ATOM   143  C  CB  . MET A 1 36  ? 1.588   1.403   -1.212  1.00 15.07 ? 16   MET A CB  1 
ATOM   144  C  CG  . MET A 1 36  ? 0.318   1.383   -0.372  1.00 15.82 ? 16   MET A CG  1 
ATOM   145  S  SD  . MET A 1 36  ? -0.683  2.842   -0.749  1.00 16.38 ? 16   MET A SD  1 
ATOM   146  C  CE  . MET A 1 36  ? 0.104   4.079   0.295   1.00 15.94 ? 16   MET A CE  1 
ATOM   147  N  N   . ASP A 1 37  ? 3.969   -0.441  -2.418  1.00 13.77 ? 17   ASP A N   1 
ATOM   148  C  CA  . ASP A 1 37  ? 4.644   -0.454  -3.699  1.00 13.60 ? 17   ASP A CA  1 
ATOM   149  C  C   . ASP A 1 37  ? 3.746   0.280   -4.699  1.00 13.13 ? 17   ASP A C   1 
ATOM   150  O  O   . ASP A 1 37  ? 2.539   0.362   -4.488  1.00 12.82 ? 17   ASP A O   1 
ATOM   151  C  CB  . ASP A 1 37  ? 4.858   -1.895  -4.130  1.00 13.99 ? 17   ASP A CB  1 
ATOM   152  C  CG  . ASP A 1 37  ? 5.520   -2.001  -5.471  1.00 14.53 ? 17   ASP A CG  1 
ATOM   153  O  OD1 . ASP A 1 37  ? 6.478   -1.233  -5.743  1.00 14.23 ? 17   ASP A OD1 1 
ATOM   154  O  OD2 . ASP A 1 37  ? 5.060   -2.859  -6.258  1.00 15.16 ? 17   ASP A OD2 1 
ATOM   155  N  N   . VAL A 1 38  ? 4.323   0.831   -5.770  1.00 13.20 ? 18   VAL A N   1 
ATOM   156  C  CA  . VAL A 1 38  ? 3.528   1.546   -6.780  1.00 13.06 ? 18   VAL A CA  1 
ATOM   157  C  C   . VAL A 1 38  ? 3.128   0.641   -7.947  1.00 13.37 ? 18   VAL A C   1 
ATOM   158  O  O   . VAL A 1 38  ? 1.944   0.318   -8.091  1.00 13.15 ? 18   VAL A O   1 
ATOM   159  C  CB  . VAL A 1 38  ? 4.209   2.830   -7.301  1.00 12.96 ? 18   VAL A CB  1 
ATOM   160  C  CG1 . VAL A 1 38  ? 3.405   3.438   -8.444  1.00 12.62 ? 18   VAL A CG1 1 
ATOM   161  C  CG2 . VAL A 1 38  ? 4.360   3.838   -6.178  1.00 12.87 ? 18   VAL A CG2 1 
ATOM   162  N  N   . ASP A 1 39  ? 4.106   0.218   -8.754  1.00 13.54 ? 19   ASP A N   1 
ATOM   163  C  CA  . ASP A 1 39  ? 3.808   -0.513  -9.985  1.00 13.96 ? 19   ASP A CA  1 
ATOM   164  C  C   . ASP A 1 39  ? 3.243   -1.891  -9.717  1.00 13.29 ? 19   ASP A C   1 
ATOM   165  O  O   . ASP A 1 39  ? 3.885   -2.713  -9.083  1.00 13.13 ? 19   ASP A O   1 
ATOM   166  C  CB  . ASP A 1 39  ? 5.043   -0.602  -10.866 1.00 14.64 ? 19   ASP A CB  1 
ATOM   167  C  CG  . ASP A 1 39  ? 5.621   0.748   -11.166 1.00 15.70 ? 19   ASP A CG  1 
ATOM   168  O  OD1 . ASP A 1 39  ? 4.946   1.539   -11.872 1.00 16.70 ? 19   ASP A OD1 1 
ATOM   169  O  OD2 . ASP A 1 39  ? 6.743   1.032   -10.683 1.00 16.23 ? 19   ASP A OD2 1 
ATOM   170  N  N   . GLY A 1 40  ? 2.029   -2.130  -10.195 1.00 12.97 ? 20   GLY A N   1 
ATOM   171  C  CA  . GLY A 1 40  ? 1.344   -3.398  -9.980  1.00 12.66 ? 20   GLY A CA  1 
ATOM   172  C  C   . GLY A 1 40  ? 0.417   -3.401  -8.771  1.00 12.81 ? 20   GLY A C   1 
ATOM   173  O  O   . GLY A 1 40  ? -0.330  -4.370  -8.553  1.00 12.52 ? 20   GLY A O   1 
ATOM   174  N  N   . ILE A 1 41  ? 0.484   -2.328  -7.978  1.00 12.55 ? 21   ILE A N   1 
ATOM   175  C  CA  . ILE A 1 41  ? -0.328  -2.170  -6.764  1.00 12.77 ? 21   ILE A CA  1 
ATOM   176  C  C   . ILE A 1 41  ? -1.206  -0.904  -6.909  1.00 13.32 ? 21   ILE A C   1 
ATOM   177  O  O   . ILE A 1 41  ? -2.439  -0.985  -7.026  1.00 13.31 ? 21   ILE A O   1 
ATOM   178  C  CB  . ILE A 1 41  ? 0.568   -2.087  -5.482  1.00 12.70 ? 21   ILE A CB  1 
ATOM   179  C  CG1 . ILE A 1 41  ? 1.381   -3.366  -5.276  1.00 12.18 ? 21   ILE A CG1 1 
ATOM   180  C  CG2 . ILE A 1 41  ? -0.256  -1.795  -4.229  1.00 12.39 ? 21   ILE A CG2 1 
ATOM   181  C  CD1 . ILE A 1 41  ? 0.548   -4.619  -5.110  1.00 12.06 ? 21   ILE A CD1 1 
ATOM   182  N  N   . LEU A 1 42  ? -0.556  0.255   -6.924  1.00 13.00 ? 22   LEU A N   1 
ATOM   183  C  CA  . LEU A 1 42  ? -1.235  1.509   -7.171  1.00 13.22 ? 22   LEU A CA  1 
ATOM   184  C  C   . LEU A 1 42  ? -1.557  1.704   -8.653  1.00 14.15 ? 22   LEU A C   1 
ATOM   185  O  O   . LEU A 1 42  ? -2.492  2.425   -8.991  1.00 14.60 ? 22   LEU A O   1 
ATOM   186  C  CB  . LEU A 1 42  ? -0.407  2.667   -6.626  1.00 12.50 ? 22   LEU A CB  1 
ATOM   187  C  CG  . LEU A 1 42  ? -0.472  2.806   -5.099  1.00 12.24 ? 22   LEU A CG  1 
ATOM   188  C  CD1 . LEU A 1 42  ? 0.511   3.850   -4.599  1.00 12.28 ? 22   LEU A CD1 1 
ATOM   189  C  CD2 . LEU A 1 42  ? -1.878  3.134   -4.611  1.00 12.07 ? 22   LEU A CD2 1 
ATOM   190  N  N   . SER A 1 43  ? -0.773  1.080   -9.536  1.00 15.00 ? 23   SER A N   1 
ATOM   191  C  CA  . SER A 1 43  ? -1.103  1.021   -10.968 1.00 15.51 ? 23   SER A CA  1 
ATOM   192  C  C   . SER A 1 43  ? -1.350  -0.431  -11.317 1.00 15.80 ? 23   SER A C   1 
ATOM   193  O  O   . SER A 1 43  ? -1.131  -1.304  -10.475 1.00 16.03 ? 23   SER A O   1 
ATOM   194  C  CB  . SER A 1 43  ? 0.029   1.584   -11.829 1.00 15.48 ? 23   SER A CB  1 
ATOM   195  O  OG  . SER A 1 43  ? 1.187   0.761   -11.765 1.00 16.16 ? 23   SER A OG  1 
ATOM   196  N  N   . ASP A 1 44  ? -1.776  -0.700  -12.551 1.00 16.28 ? 24   ASP A N   1 
ATOM   197  C  CA  . ASP A 1 44  ? -1.941  -2.087  -13.024 1.00 15.96 ? 24   ASP A CA  1 
ATOM   198  C  C   . ASP A 1 44  ? -0.675  -2.677  -13.649 1.00 15.36 ? 24   ASP A C   1 
ATOM   199  O  O   . ASP A 1 44  ? -0.723  -3.744  -14.269 1.00 15.54 ? 24   ASP A O   1 
ATOM   200  C  CB  . ASP A 1 44  ? -3.119  -2.205  -13.995 1.00 16.63 ? 24   ASP A CB  1 
ATOM   201  C  CG  . ASP A 1 44  ? -2.853  -1.531  -15.331 1.00 17.53 ? 24   ASP A CG  1 
ATOM   202  O  OD1 . ASP A 1 44  ? -1.893  -0.726  -15.442 1.00 17.63 ? 24   ASP A OD1 1 
ATOM   203  O  OD2 . ASP A 1 44  ? -3.616  -1.821  -16.277 1.00 18.16 ? 24   ASP A OD2 1 
ATOM   204  N  N   . GLY A 1 45  ? 0.455   -1.993  -13.477 1.00 14.56 ? 25   GLY A N   1 
ATOM   205  C  CA  . GLY A 1 45  ? 1.750   -2.525  -13.901 1.00 13.96 ? 25   GLY A CA  1 
ATOM   206  C  C   . GLY A 1 45  ? 2.208   -2.028  -15.263 1.00 13.86 ? 25   GLY A C   1 
ATOM   207  O  O   . GLY A 1 45  ? 3.322   -2.308  -15.696 1.00 13.94 ? 25   GLY A O   1 
ATOM   208  N  N   . GLN A 1 46  ? 1.357   -1.288  -15.953 1.00 13.74 ? 26   GLN A N   1 
ATOM   209  C  CA  . GLN A 1 46  ? 1.771   -0.718  -17.218 1.00 13.80 ? 26   GLN A CA  1 
ATOM   210  C  C   . GLN A 1 46  ? 2.849   0.328   -17.014 1.00 13.48 ? 26   GLN A C   1 
ATOM   211  O  O   . GLN A 1 46  ? 2.731   1.175   -16.136 1.00 12.96 ? 26   GLN A O   1 
ATOM   212  C  CB  . GLN A 1 46  ? 0.579   -0.168  -18.003 1.00 14.55 ? 26   GLN A CB  1 
ATOM   213  C  CG  . GLN A 1 46  ? -0.202  -1.264  -18.704 1.00 15.53 ? 26   GLN A CG  1 
ATOM   214  C  CD  . GLN A 1 46  ? -1.416  -0.738  -19.434 1.00 16.79 ? 26   GLN A CD  1 
ATOM   215  O  OE1 . GLN A 1 46  ? -1.315  0.156   -20.266 1.00 17.39 ? 26   GLN A OE1 1 
ATOM   216  N  NE2 . GLN A 1 46  ? -2.576  -1.298  -19.130 1.00 17.70 ? 26   GLN A NE2 1 
ATOM   217  N  N   . ILE A 1 47  ? 3.920   0.210   -17.800 1.00 13.66 ? 27   ILE A N   1 
ATOM   218  C  CA  . ILE A 1 47  ? 4.965   1.235   -17.912 1.00 13.90 ? 27   ILE A CA  1 
ATOM   219  C  C   . ILE A 1 47  ? 4.865   1.814   -19.329 1.00 13.96 ? 27   ILE A C   1 
ATOM   220  O  O   . ILE A 1 47  ? 5.030   1.092   -20.333 1.00 13.85 ? 27   ILE A O   1 
ATOM   221  C  CB  . ILE A 1 47  ? 6.395   0.660   -17.697 1.00 13.92 ? 27   ILE A CB  1 
ATOM   222  C  CG1 . ILE A 1 47  ? 6.495   -0.230  -16.435 1.00 13.73 ? 27   ILE A CG1 1 
ATOM   223  C  CG2 . ILE A 1 47  ? 7.439   1.775   -17.706 1.00 13.82 ? 27   ILE A CG2 1 
ATOM   224  C  CD1 . ILE A 1 47  ? 6.275   0.481   -15.119 1.00 13.61 ? 27   ILE A CD1 1 
ATOM   225  N  N   . ILE A 1 48  ? 4.595   3.117   -19.398 1.00 14.18 ? 28   ILE A N   1 
ATOM   226  C  CA  . ILE A 1 48  ? 4.118   3.757   -20.617 1.00 13.98 ? 28   ILE A CA  1 
ATOM   227  C  C   . ILE A 1 48  ? 5.050   4.899   -21.044 1.00 14.34 ? 28   ILE A C   1 
ATOM   228  O  O   . ILE A 1 48  ? 5.266   5.849   -20.295 1.00 14.20 ? 28   ILE A O   1 
ATOM   229  C  CB  . ILE A 1 48  ? 2.687   4.300   -20.409 1.00 13.96 ? 28   ILE A CB  1 
ATOM   230  C  CG1 . ILE A 1 48  ? 1.729   3.217   -19.878 1.00 13.75 ? 28   ILE A CG1 1 
ATOM   231  C  CG2 . ILE A 1 48  ? 2.130   4.906   -21.690 1.00 13.87 ? 28   ILE A CG2 1 
ATOM   232  C  CD1 . ILE A 1 48  ? 0.501   3.784   -19.191 1.00 12.91 ? 28   ILE A CD1 1 
ATOM   233  N  N   . TYR A 1 49  ? 5.584   4.796   -22.260 1.00 14.66 ? 29   TYR A N   1 
ATOM   234  C  CA  . TYR A 1 49  ? 6.494   5.802   -22.821 1.00 14.52 ? 29   TYR A CA  1 
ATOM   235  C  C   . TYR A 1 49  ? 5.927   6.387   -24.106 1.00 15.21 ? 29   TYR A C   1 
ATOM   236  O  O   . TYR A 1 49  ? 5.174   5.719   -24.821 1.00 15.22 ? 29   TYR A O   1 
ATOM   237  C  CB  . TYR A 1 49  ? 7.862   5.186   -23.143 1.00 14.22 ? 29   TYR A CB  1 
ATOM   238  C  CG  . TYR A 1 49  ? 8.628   4.640   -21.961 1.00 13.91 ? 29   TYR A CG  1 
ATOM   239  C  CD1 . TYR A 1 49  ? 8.662   5.334   -20.752 1.00 14.34 ? 29   TYR A CD1 1 
ATOM   240  C  CD2 . TYR A 1 49  ? 9.344   3.450   -22.056 1.00 13.73 ? 29   TYR A CD2 1 
ATOM   241  C  CE1 . TYR A 1 49  ? 9.364   4.846   -19.663 1.00 14.14 ? 29   TYR A CE1 1 
ATOM   242  C  CE2 . TYR A 1 49  ? 10.057  2.952   -20.969 1.00 13.66 ? 29   TYR A CE2 1 
ATOM   243  C  CZ  . TYR A 1 49  ? 10.062  3.661   -19.777 1.00 13.83 ? 29   TYR A CZ  1 
ATOM   244  O  OH  . TYR A 1 49  ? 10.753  3.213   -18.675 1.00 13.82 ? 29   TYR A OH  1 
ATOM   245  N  N   . ASN A 1 50  ? 6.294   7.630   -24.414 1.00 15.48 ? 30   ASN A N   1 
ATOM   246  C  CA  . ASN A 1 50  ? 5.918   8.195   -25.696 1.00 15.71 ? 30   ASN A CA  1 
ATOM   247  C  C   . ASN A 1 50  ? 7.089   8.766   -26.497 1.00 15.84 ? 30   ASN A C   1 
ATOM   248  O  O   . ASN A 1 50  ? 8.213   8.862   -25.987 1.00 16.41 ? 30   ASN A O   1 
ATOM   249  C  CB  . ASN A 1 50  ? 4.717   9.152   -25.574 1.00 15.37 ? 30   ASN A CB  1 
ATOM   250  C  CG  . ASN A 1 50  ? 5.095   10.545  -25.112 1.00 15.88 ? 30   ASN A CG  1 
ATOM   251  O  OD1 . ASN A 1 50  ? 6.214   11.021  -25.329 1.00 15.52 ? 30   ASN A OD1 1 
ATOM   252  N  ND2 . ASN A 1 50  ? 4.127   11.232  -24.511 1.00 15.99 ? 30   ASN A ND2 1 
ATOM   253  N  N   . SER A 1 51  ? 6.812   9.154   -27.740 1.00 16.07 ? 31   SER A N   1 
ATOM   254  C  CA  . SER A 1 51  ? 7.859   9.497   -28.706 1.00 16.82 ? 31   SER A CA  1 
ATOM   255  C  C   . SER A 1 51  ? 8.558   10.813  -28.422 1.00 17.87 ? 31   SER A C   1 
ATOM   256  O  O   . SER A 1 51  ? 9.531   11.141  -29.085 1.00 17.94 ? 31   SER A O   1 
ATOM   257  C  CB  . SER A 1 51  ? 7.315   9.499   -30.140 1.00 16.29 ? 31   SER A CB  1 
ATOM   258  O  OG  . SER A 1 51  ? 6.320   10.491  -30.329 1.00 15.66 ? 31   SER A OG  1 
ATOM   259  N  N   . GLU A 1 52  ? 8.056   11.557  -27.439 1.00 20.05 ? 32   GLU A N   1 
ATOM   260  C  CA  . GLU A 1 52  ? 8.677   12.810  -26.994 1.00 21.43 ? 32   GLU A CA  1 
ATOM   261  C  C   . GLU A 1 52  ? 9.515   12.600  -25.739 1.00 20.94 ? 32   GLU A C   1 
ATOM   262  O  O   . GLU A 1 52  ? 10.025  13.558  -25.162 1.00 20.78 ? 32   GLU A O   1 
ATOM   263  C  CB  . GLU A 1 52  ? 7.607   13.880  -26.736 1.00 23.92 ? 32   GLU A CB  1 
ATOM   264  C  CG  . GLU A 1 52  ? 6.923   14.393  -27.999 1.00 27.66 ? 32   GLU A CG  1 
ATOM   265  C  CD  . GLU A 1 52  ? 6.052   15.616  -27.756 1.00 30.86 ? 32   GLU A CD  1 
ATOM   266  O  OE1 . GLU A 1 52  ? 5.117   15.549  -26.927 1.00 32.19 ? 32   GLU A OE1 1 
ATOM   267  O  OE2 . GLU A 1 52  ? 6.298   16.653  -28.410 1.00 33.90 ? 32   GLU A OE2 1 
ATOM   268  N  N   . GLY A 1 53  ? 9.652   11.342  -25.317 1.00 20.41 ? 33   GLY A N   1 
ATOM   269  C  CA  . GLY A 1 53  ? 10.443  10.997  -24.131 1.00 18.51 ? 33   GLY A CA  1 
ATOM   270  C  C   . GLY A 1 53  ? 9.646   11.056  -22.834 1.00 17.72 ? 33   GLY A C   1 
ATOM   271  O  O   . GLY A 1 53  ? 10.215  11.007  -21.744 1.00 17.20 ? 33   GLY A O   1 
ATOM   272  N  N   . THR A 1 54  ? 8.329   11.145  -22.951 1.00 16.94 ? 34   THR A N   1 
ATOM   273  C  CA  . THR A 1 54  ? 7.459   11.345  -21.795 1.00 16.76 ? 34   THR A CA  1 
ATOM   274  C  C   . THR A 1 54  ? 6.931   10.017  -21.248 1.00 16.02 ? 34   THR A C   1 
ATOM   275  O  O   . THR A 1 54  ? 6.563   9.127   -22.024 1.00 15.53 ? 34   THR A O   1 
ATOM   276  C  CB  . THR A 1 54  ? 6.305   12.287  -22.172 1.00 17.00 ? 34   THR A CB  1 
ATOM   277  O  OG1 . THR A 1 54  ? 6.842   13.560  -22.544 1.00 18.34 ? 34   THR A OG1 1 
ATOM   278  C  CG2 . THR A 1 54  ? 5.361   12.485  -21.023 1.00 17.36 ? 34   THR A CG2 1 
ATOM   279  N  N   . GLU A 1 55  ? 6.892   9.893   -19.920 1.00 15.18 ? 35   GLU A N   1 
ATOM   280  C  CA  . GLU A 1 55  ? 6.404   8.673   -19.255 1.00 14.56 ? 35   GLU A CA  1 
ATOM   281  C  C   . GLU A 1 55  ? 5.039   8.899   -18.631 1.00 13.96 ? 35   GLU A C   1 
ATOM   282  O  O   . GLU A 1 55  ? 4.754   9.991   -18.143 1.00 13.87 ? 35   GLU A O   1 
ATOM   283  C  CB  . GLU A 1 55  ? 7.380   8.185   -18.163 1.00 14.67 ? 35   GLU A CB  1 
ATOM   284  C  CG  . GLU A 1 55  ? 6.906   6.907   -17.461 1.00 15.31 ? 35   GLU A CG  1 
ATOM   285  C  CD  . GLU A 1 55  ? 7.880   6.335   -16.436 1.00 15.89 ? 35   GLU A CD  1 
ATOM   286  O  OE1 . GLU A 1 55  ? 8.913   6.971   -16.149 1.00 16.64 ? 35   GLU A OE1 1 
ATOM   287  O  OE2 . GLU A 1 55  ? 7.614   5.227   -15.917 1.00 16.37 ? 35   GLU A OE2 1 
ATOM   288  N  N   . THR A 1 56  ? 4.224   7.848   -18.617 1.00 13.21 ? 36   THR A N   1 
ATOM   289  C  CA  . THR A 1 56  ? 2.861   7.916   -18.116 1.00 12.80 ? 36   THR A CA  1 
ATOM   290  C  C   . THR A 1 56  ? 2.605   6.775   -17.121 1.00 12.78 ? 36   THR A C   1 
ATOM   291  O  O   . THR A 1 56  ? 3.133   5.661   -17.280 1.00 13.06 ? 36   THR A O   1 
ATOM   292  C  CB  . THR A 1 56  ? 1.859   7.903   -19.300 1.00 12.69 ? 36   THR A CB  1 
ATOM   293  O  OG1 . THR A 1 56  ? 1.999   9.120   -20.050 1.00 12.08 ? 36   THR A OG1 1 
ATOM   294  C  CG2 . THR A 1 56  ? 0.393   7.755   -18.849 1.00 12.34 ? 36   THR A CG2 1 
ATOM   295  N  N   . LYS A 1 57  ? 1.818   7.066   -16.086 1.00 12.32 ? 37   LYS A N   1 
ATOM   296  C  CA  . LYS A 1 57  ? 1.347   6.035   -15.164 1.00 12.51 ? 37   LYS A CA  1 
ATOM   297  C  C   . LYS A 1 57  ? -0.117  6.300   -14.792 1.00 12.24 ? 37   LYS A C   1 
ATOM   298  O  O   . LYS A 1 57  ? -0.537  7.456   -14.625 1.00 12.04 ? 37   LYS A O   1 
ATOM   299  C  CB  . LYS A 1 57  ? 2.226   5.963   -13.907 1.00 12.69 ? 37   LYS A CB  1 
ATOM   300  C  CG  . LYS A 1 57  ? 2.384   4.551   -13.353 1.00 13.12 ? 37   LYS A CG  1 
ATOM   301  C  CD  . LYS A 1 57  ? 3.214   4.528   -12.074 1.00 13.42 ? 37   LYS A CD  1 
ATOM   302  C  CE  . LYS A 1 57  ? 4.644   5.015   -12.305 1.00 13.51 ? 37   LYS A CE  1 
ATOM   303  N  NZ  . LYS A 1 57  ? 5.425   4.065   -13.139 1.00 13.62 ? 37   LYS A NZ  1 
ATOM   304  N  N   . ALA A 1 58  ? -0.891  5.227   -14.682 1.00 11.72 ? 38   ALA A N   1 
ATOM   305  C  CA  . ALA A 1 58  ? -2.310  5.337   -14.386 1.00 11.68 ? 38   ALA A CA  1 
ATOM   306  C  C   . ALA A 1 58  ? -2.615  4.830   -12.978 1.00 11.97 ? 38   ALA A C   1 
ATOM   307  O  O   . ALA A 1 58  ? -2.170  3.749   -12.580 1.00 11.94 ? 38   ALA A O   1 
ATOM   308  C  CB  . ALA A 1 58  ? -3.122  4.565   -15.416 1.00 11.78 ? 38   ALA A CB  1 
ATOM   309  N  N   . PHE A 1 59  ? -3.380  5.620   -12.232 1.00 12.23 ? 39   PHE A N   1 
ATOM   310  C  CA  . PHE A 1 59  ? -3.815  5.255   -10.888 1.00 12.42 ? 39   PHE A CA  1 
ATOM   311  C  C   . PHE A 1 59  ? -5.333  5.033   -10.879 1.00 12.63 ? 39   PHE A C   1 
ATOM   312  O  O   . PHE A 1 59  ? -5.996  5.291   -11.879 1.00 12.86 ? 39   PHE A O   1 
ATOM   313  C  CB  . PHE A 1 59  ? -3.399  6.339   -9.880  1.00 12.17 ? 39   PHE A CB  1 
ATOM   314  C  CG  . PHE A 1 59  ? -1.920  6.628   -9.862  1.00 12.08 ? 39   PHE A CG  1 
ATOM   315  C  CD1 . PHE A 1 59  ? -1.043  5.842   -9.101  1.00 12.27 ? 39   PHE A CD1 1 
ATOM   316  C  CD2 . PHE A 1 59  ? -1.395  7.692   -10.594 1.00 12.15 ? 39   PHE A CD2 1 
ATOM   317  C  CE1 . PHE A 1 59  ? 0.325   6.106   -9.090  1.00 12.03 ? 39   PHE A CE1 1 
ATOM   318  C  CE2 . PHE A 1 59  ? -0.029  7.968   -10.582 1.00 11.99 ? 39   PHE A CE2 1 
ATOM   319  C  CZ  . PHE A 1 59  ? 0.829   7.171   -9.834  1.00 12.29 ? 39   PHE A CZ  1 
ATOM   320  N  N   . TYR A 1 60  ? -5.876  4.563   -9.753  1.00 12.96 ? 40   TYR A N   1 
ATOM   321  C  CA  . TYR A 1 60  ? -7.307  4.310   -9.614  1.00 13.11 ? 40   TYR A CA  1 
ATOM   322  C  C   . TYR A 1 60  ? -7.962  5.231   -8.600  1.00 13.31 ? 40   TYR A C   1 
ATOM   323  O  O   . TYR A 1 60  ? -7.516  5.325   -7.450  1.00 12.95 ? 40   TYR A O   1 
ATOM   324  C  CB  . TYR A 1 60  ? -7.530  2.869   -9.194  1.00 13.32 ? 40   TYR A CB  1 
ATOM   325  C  CG  . TYR A 1 60  ? -8.955  2.383   -9.239  1.00 13.32 ? 40   TYR A CG  1 
ATOM   326  C  CD1 . TYR A 1 60  ? -9.767  2.603   -10.356 1.00 13.57 ? 40   TYR A CD1 1 
ATOM   327  C  CD2 . TYR A 1 60  ? -9.472  1.640   -8.188  1.00 13.67 ? 40   TYR A CD2 1 
ATOM   328  C  CE1 . TYR A 1 60  ? -11.069 2.113   -10.406 1.00 13.81 ? 40   TYR A CE1 1 
ATOM   329  C  CE2 . TYR A 1 60  ? -10.769 1.141   -8.226  1.00 13.85 ? 40   TYR A CE2 1 
ATOM   330  C  CZ  . TYR A 1 60  ? -11.563 1.377   -9.334  1.00 14.18 ? 40   TYR A CZ  1 
ATOM   331  O  OH  . TYR A 1 60  ? -12.849 0.869   -9.356  1.00 14.50 ? 40   TYR A OH  1 
ATOM   332  N  N   . VAL A 1 61  ? -9.043  5.876   -9.038  1.00 13.63 ? 41   VAL A N   1 
ATOM   333  C  CA  . VAL A 1 61  ? -9.787  6.886   -8.254  1.00 13.92 ? 41   VAL A CA  1 
ATOM   334  C  C   . VAL A 1 61  ? -10.329 6.392   -6.885  1.00 14.26 ? 41   VAL A C   1 
ATOM   335  O  O   . VAL A 1 61  ? -10.295 7.127   -5.894  1.00 14.57 ? 41   VAL A O   1 
ATOM   336  C  CB  . VAL A 1 61  ? -10.916 7.537   -9.117  1.00 13.31 ? 41   VAL A CB  1 
ATOM   337  C  CG1 . VAL A 1 61  ? -12.086 6.584   -9.341  1.00 13.13 ? 41   VAL A CG1 1 
ATOM   338  C  CG2 . VAL A 1 61  ? -11.406 8.824   -8.482  1.00 13.58 ? 41   VAL A CG2 1 
ATOM   339  N  N   . GLN A 1 62  ? -10.806 5.154   -6.825  1.00 14.41 ? 42   GLN A N   1 
ATOM   340  C  CA  . GLN A 1 62  ? -11.330 4.610   -5.564  1.00 15.20 ? 42   GLN A CA  1 
ATOM   341  C  C   . GLN A 1 62  ? -10.234 4.306   -4.539  1.00 14.90 ? 42   GLN A C   1 
ATOM   342  O  O   . GLN A 1 62  ? -10.493 4.287   -3.332  1.00 15.14 ? 42   GLN A O   1 
ATOM   343  C  CB  . GLN A 1 62  ? -12.180 3.379   -5.820  1.00 15.38 ? 42   GLN A CB  1 
ATOM   344  C  CG  . GLN A 1 62  ? -13.351 3.645   -6.745  1.00 16.73 ? 42   GLN A CG  1 
ATOM   345  C  CD  . GLN A 1 62  ? -14.429 2.594   -6.624  1.00 17.67 ? 42   GLN A CD  1 
ATOM   346  O  OE1 . GLN A 1 62  ? -14.292 1.646   -5.846  1.00 18.87 ? 42   GLN A OE1 1 
ATOM   347  N  NE2 . GLN A 1 62  ? -15.512 2.747   -7.395  1.00 17.95 ? 42   GLN A NE2 1 
ATOM   348  N  N   . ASP A 1 63  ? -9.011  4.085   -5.022  1.00 14.54 ? 43   ASP A N   1 
ATOM   349  C  CA  . ASP A 1 63  ? -7.850  3.911   -4.141  1.00 14.12 ? 43   ASP A CA  1 
ATOM   350  C  C   . ASP A 1 63  ? -7.550  5.188   -3.389  1.00 14.45 ? 43   ASP A C   1 
ATOM   351  O  O   . ASP A 1 63  ? -7.240  5.155   -2.193  1.00 15.18 ? 43   ASP A O   1 
ATOM   352  C  CB  . ASP A 1 63  ? -6.627  3.448   -4.933  1.00 13.46 ? 43   ASP A CB  1 
ATOM   353  C  CG  . ASP A 1 63  ? -6.785  2.037   -5.460  1.00 13.42 ? 43   ASP A CG  1 
ATOM   354  O  OD1 . ASP A 1 63  ? -7.561  1.254   -4.855  1.00 13.27 ? 43   ASP A OD1 1 
ATOM   355  O  OD2 . ASP A 1 63  ? -6.124  1.701   -6.457  1.00 12.83 ? 43   ASP A OD2 1 
ATOM   356  N  N   . GLY A 1 64  ? -7.674  6.315   -4.081  1.00 14.57 ? 44   GLY A N   1 
ATOM   357  C  CA  . GLY A 1 64  ? -7.401  7.620   -3.485  1.00 15.16 ? 44   GLY A CA  1 
ATOM   358  C  C   . GLY A 1 64  ? -8.293  7.909   -2.292  1.00 15.39 ? 44   GLY A C   1 
ATOM   359  O  O   . GLY A 1 64  ? -7.841  8.424   -1.267  1.00 15.57 ? 44   GLY A O   1 
ATOM   360  N  N   . LEU A 1 65  ? -9.566  7.566   -2.428  1.00 14.90 ? 45   LEU A N   1 
ATOM   361  C  CA  . LEU A 1 65  ? -10.532 7.870   -1.401  1.00 14.95 ? 45   LEU A CA  1 
ATOM   362  C  C   . LEU A 1 65  ? -10.339 6.929   -0.211  1.00 14.55 ? 45   LEU A C   1 
ATOM   363  O  O   . LEU A 1 65  ? -10.476 7.339   0.943   1.00 14.46 ? 45   LEU A O   1 
ATOM   364  C  CB  . LEU A 1 65  ? -11.945 7.821   -1.984  1.00 14.90 ? 45   LEU A CB  1 
ATOM   365  C  CG  . LEU A 1 65  ? -13.139 8.467   -1.269  1.00 15.72 ? 45   LEU A CG  1 
ATOM   366  C  CD1 . LEU A 1 65  ? -14.068 7.403   -0.698  1.00 15.61 ? 45   LEU A CD1 1 
ATOM   367  C  CD2 . LEU A 1 65  ? -12.757 9.520   -0.219  1.00 15.59 ? 45   LEU A CD2 1 
ATOM   368  N  N   . GLY A 1 66  ? -9.994  5.677   -0.499  1.00 14.54 ? 46   GLY A N   1 
ATOM   369  C  CA  . GLY A 1 66  ? -9.716  4.700   0.548   1.00 15.24 ? 46   GLY A CA  1 
ATOM   370  C  C   . GLY A 1 66  ? -8.469  5.055   1.332   1.00 15.57 ? 46   GLY A C   1 
ATOM   371  O  O   . GLY A 1 66  ? -8.380  4.774   2.526   1.00 14.92 ? 46   GLY A O   1 
ATOM   372  N  N   . LEU A 1 67  ? -7.511  5.687   0.652   1.00 16.24 ? 47   LEU A N   1 
ATOM   373  C  CA  . LEU A 1 67  ? -6.252  6.064   1.279   1.00 16.57 ? 47   LEU A CA  1 
ATOM   374  C  C   . LEU A 1 67  ? -6.473  7.264   2.188   1.00 16.96 ? 47   LEU A C   1 
ATOM   375  O  O   . LEU A 1 67  ? -5.908  7.330   3.275   1.00 16.39 ? 47   LEU A O   1 
ATOM   376  C  CB  . LEU A 1 67  ? -5.148  6.327   0.244   1.00 16.71 ? 47   LEU A CB  1 
ATOM   377  C  CG  . LEU A 1 67  ? -4.459  5.069   -0.330  1.00 17.09 ? 47   LEU A CG  1 
ATOM   378  C  CD1 . LEU A 1 67  ? -3.629  5.384   -1.567  1.00 17.08 ? 47   LEU A CD1 1 
ATOM   379  C  CD2 . LEU A 1 67  ? -3.606  4.359   0.710   1.00 17.07 ? 47   LEU A CD2 1 
ATOM   380  N  N   . GLN A 1 68  ? -7.313  8.196   1.757   1.00 17.46 ? 48   GLN A N   1 
ATOM   381  C  CA  . GLN A 1 68  ? -7.649  9.330   2.607   1.00 18.32 ? 48   GLN A CA  1 
ATOM   382  C  C   . GLN A 1 68  ? -8.403  8.894   3.865   1.00 17.41 ? 48   GLN A C   1 
ATOM   383  O  O   . GLN A 1 68  ? -8.111  9.388   4.948   1.00 17.03 ? 48   GLN A O   1 
ATOM   384  C  CB  . GLN A 1 68  ? -8.405  10.407  1.830   1.00 20.46 ? 48   GLN A CB  1 
ATOM   385  C  CG  . GLN A 1 68  ? -7.487  11.348  1.060   1.00 23.55 ? 48   GLN A CG  1 
ATOM   386  C  CD  . GLN A 1 68  ? -8.191  12.030  -0.099  1.00 26.39 ? 48   GLN A CD  1 
ATOM   387  O  OE1 . GLN A 1 68  ? -9.295  11.639  -0.487  1.00 28.63 ? 48   GLN A OE1 1 
ATOM   388  N  NE2 . GLN A 1 68  ? -7.553  13.039  -0.668  1.00 26.87 ? 48   GLN A NE2 1 
ATOM   389  N  N   . ALA A 1 69  ? -9.330  7.949   3.719   1.00 16.77 ? 49   ALA A N   1 
ATOM   390  C  CA  . ALA A 1 69  ? -10.029 7.348   4.855   1.00 16.78 ? 49   ALA A CA  1 
ATOM   391  C  C   . ALA A 1 69  ? -9.048  6.779   5.879   1.00 16.51 ? 49   ALA A C   1 
ATOM   392  O  O   . ALA A 1 69  ? -9.052  7.184   7.044   1.00 16.17 ? 49   ALA A O   1 
ATOM   393  C  CB  . ALA A 1 69  ? -10.984 6.275   4.381   1.00 16.84 ? 49   ALA A CB  1 
ATOM   394  N  N   . LEU A 1 70  ? -8.206  5.848   5.442   1.00 16.84 ? 50   LEU A N   1 
ATOM   395  C  CA  . LEU A 1 70  ? -7.132  5.321   6.281   1.00 16.75 ? 50   LEU A CA  1 
ATOM   396  C  C   . LEU A 1 70  ? -6.358  6.449   6.936   1.00 16.99 ? 50   LEU A C   1 
ATOM   397  O  O   . LEU A 1 70  ? -6.251  6.501   8.159   1.00 16.65 ? 50   LEU A O   1 
ATOM   398  C  CB  . LEU A 1 70  ? -6.147  4.494   5.457   1.00 16.75 ? 50   LEU A CB  1 
ATOM   399  C  CG  . LEU A 1 70  ? -6.083  2.981   5.588   1.00 16.49 ? 50   LEU A CG  1 
ATOM   400  C  CD1 . LEU A 1 70  ? -4.619  2.582   5.462   1.00 16.57 ? 50   LEU A CD1 1 
ATOM   401  C  CD2 . LEU A 1 70  ? -6.663  2.471   6.898   1.00 15.91 ? 50   LEU A CD2 1 
ATOM   402  N  N   . LYS A 1 71  ? -5.835  7.349   6.104   1.00 17.72 ? 51   LYS A N   1 
ATOM   403  C  CA  . LYS A 1 71  ? -5.023  8.480   6.555   1.00 18.88 ? 51   LYS A CA  1 
ATOM   404  C  C   . LYS A 1 71  ? -5.755  9.302   7.616   1.00 19.43 ? 51   LYS A C   1 
ATOM   405  O  O   . LYS A 1 71  ? -5.177  9.669   8.633   1.00 18.88 ? 51   LYS A O   1 
ATOM   406  C  CB  . LYS A 1 71  ? -4.635  9.342   5.356   1.00 19.27 ? 51   LYS A CB  1 
ATOM   407  C  CG  . LYS A 1 71  ? -3.702  10.511  5.656   1.00 20.27 ? 51   LYS A CG  1 
ATOM   408  C  CD  . LYS A 1 71  ? -4.467  11.799  5.886   1.00 20.75 ? 51   LYS A CD  1 
ATOM   409  C  CE  . LYS A 1 71  ? -4.920  12.434  4.576   1.00 20.99 ? 51   LYS A CE  1 
ATOM   410  N  NZ  . LYS A 1 71  ? -5.162  13.887  4.804   1.00 20.05 ? 51   LYS A NZ  1 
ATOM   411  N  N   . GLN A 1 72  ? -7.036  9.560   7.373   1.00 21.18 ? 52   GLN A N   1 
ATOM   412  C  CA  . GLN A 1 72  ? -7.897  10.298  8.299   1.00 22.40 ? 52   GLN A CA  1 
ATOM   413  C  C   . GLN A 1 72  ? -7.994  9.649   9.670   1.00 22.13 ? 52   GLN A C   1 
ATOM   414  O  O   . GLN A 1 72  ? -8.154  10.342  10.677  1.00 21.46 ? 52   GLN A O   1 
ATOM   415  C  CB  . GLN A 1 72  ? -9.317  10.375  7.753   1.00 24.02 ? 52   GLN A CB  1 
ATOM   416  C  CG  . GLN A 1 72  ? -9.533  11.388  6.657   1.00 27.35 ? 52   GLN A CG  1 
ATOM   417  C  CD  . GLN A 1 72  ? -11.004 11.577  6.364   1.00 29.94 ? 52   GLN A CD  1 
ATOM   418  O  OE1 . GLN A 1 72  ? -11.865 11.045  7.077   1.00 32.19 ? 52   GLN A OE1 1 
ATOM   419  N  NE2 . GLN A 1 72  ? -11.307 12.334  5.313   1.00 30.54 ? 52   GLN A NE2 1 
ATOM   420  N  N   . SER A 1 73  ? -7.953  8.318   9.697   1.00 21.56 ? 53   SER A N   1 
ATOM   421  C  CA  . SER A 1 73  ? -8.092  7.584   10.948  1.00 20.55 ? 53   SER A CA  1 
ATOM   422  C  C   . SER A 1 73  ? -6.782  7.577   11.716  1.00 20.46 ? 53   SER A C   1 
ATOM   423  O  O   . SER A 1 73  ? -6.682  6.946   12.760  1.00 21.04 ? 53   SER A O   1 
ATOM   424  C  CB  . SER A 1 73  ? -8.577  6.158   10.698  1.00 20.26 ? 53   SER A CB  1 
ATOM   425  O  OG  . SER A 1 73  ? -7.537  5.366   10.169  1.00 20.50 ? 53   SER A OG  1 
ATOM   426  N  N   . GLY A 1 74  ? -5.785  8.285   11.194  1.00 20.43 ? 54   GLY A N   1 
ATOM   427  C  CA  . GLY A 1 74  ? -4.503  8.434   11.868  1.00 20.23 ? 54   GLY A CA  1 
ATOM   428  C  C   . GLY A 1 74  ? -3.465  7.389   11.503  1.00 20.15 ? 54   GLY A C   1 
ATOM   429  O  O   . GLY A 1 74  ? -2.629  7.040   12.317  1.00 20.96 ? 54   GLY A O   1 
ATOM   430  N  N   . ILE A 1 75  ? -3.522  6.879   10.282  1.00 19.80 ? 55   ILE A N   1 
ATOM   431  C  CA  . ILE A 1 75  ? -2.478  5.990   9.800   1.00 18.63 ? 55   ILE A CA  1 
ATOM   432  C  C   . ILE A 1 75  ? -1.581  6.772   8.840   1.00 18.40 ? 55   ILE A C   1 
ATOM   433  O  O   . ILE A 1 75  ? -2.057  7.584   8.046   1.00 18.17 ? 55   ILE A O   1 
ATOM   434  C  CB  . ILE A 1 75  ? -3.062  4.680   9.221   1.00 18.70 ? 55   ILE A CB  1 
ATOM   435  C  CG1 . ILE A 1 75  ? -3.634  3.836   10.376  1.00 18.50 ? 55   ILE A CG1 1 
ATOM   436  C  CG2 . ILE A 1 75  ? -2.014  3.885   8.442   1.00 18.24 ? 55   ILE A CG2 1 
ATOM   437  C  CD1 . ILE A 1 75  ? -4.559  2.714   9.961   1.00 18.61 ? 55   ILE A CD1 1 
ATOM   438  N  N   . ILE A 1 76  ? -0.277  6.572   8.982   1.00 18.04 ? 56   ILE A N   1 
ATOM   439  C  CA  . ILE A 1 76  ? 0.718   7.219   8.134   1.00 17.63 ? 56   ILE A CA  1 
ATOM   440  C  C   . ILE A 1 76  ? 0.874   6.421   6.842   1.00 16.99 ? 56   ILE A C   1 
ATOM   441  O  O   . ILE A 1 76  ? 0.938   5.185   6.860   1.00 16.43 ? 56   ILE A O   1 
ATOM   442  C  CB  . ILE A 1 76  ? 2.075   7.330   8.869   1.00 17.96 ? 56   ILE A CB  1 
ATOM   443  C  CG1 . ILE A 1 76  ? 1.893   8.123   10.173  1.00 18.29 ? 56   ILE A CG1 1 
ATOM   444  C  CG2 . ILE A 1 76  ? 3.138   7.973   7.975   1.00 17.55 ? 56   ILE A CG2 1 
ATOM   445  C  CD1 . ILE A 1 76  ? 2.851   7.730   11.278  1.00 19.03 ? 56   ILE A CD1 1 
ATOM   446  N  N   . LEU A 1 77  ? 0.923   7.147   5.728   1.00 16.23 ? 57   LEU A N   1 
ATOM   447  C  CA  . LEU A 1 77  ? 0.996   6.544   4.409   1.00 15.68 ? 57   LEU A CA  1 
ATOM   448  C  C   . LEU A 1 77  ? 2.364   6.782   3.770   1.00 15.42 ? 57   LEU A C   1 
ATOM   449  O  O   . LEU A 1 77  ? 2.901   7.892   3.816   1.00 14.95 ? 57   LEU A O   1 
ATOM   450  C  CB  . LEU A 1 77  ? -0.119  7.094   3.512   1.00 15.58 ? 57   LEU A CB  1 
ATOM   451  C  CG  . LEU A 1 77  ? -1.585  7.013   3.954   1.00 15.36 ? 57   LEU A CG  1 
ATOM   452  C  CD1 . LEU A 1 77  ? -2.471  7.563   2.844   1.00 15.71 ? 57   LEU A CD1 1 
ATOM   453  C  CD2 . LEU A 1 77  ? -2.033  5.607   4.322   1.00 15.55 ? 57   LEU A CD2 1 
ATOM   454  N  N   . ALA A 1 78  ? 2.908   5.724   3.175   1.00 15.14 ? 58   ALA A N   1 
ATOM   455  C  CA  . ALA A 1 78  ? 4.234   5.751   2.568   1.00 14.83 ? 58   ALA A CA  1 
ATOM   456  C  C   . ALA A 1 78  ? 4.252   4.989   1.257   1.00 14.71 ? 58   ALA A C   1 
ATOM   457  O  O   . ALA A 1 78  ? 3.477   4.039   1.056   1.00 14.64 ? 58   ALA A O   1 
ATOM   458  C  CB  . ALA A 1 78  ? 5.272   5.169   3.513   1.00 14.86 ? 58   ALA A CB  1 
ATOM   459  N  N   . ILE A 1 79  ? 5.136   5.426   0.369   1.00 14.09 ? 59   ILE A N   1 
ATOM   460  C  CA  . ILE A 1 79  ? 5.410   4.725   -0.865  1.00 13.69 ? 59   ILE A CA  1 
ATOM   461  C  C   . ILE A 1 79  ? 6.861   4.234   -0.854  1.00 14.01 ? 59   ILE A C   1 
ATOM   462  O  O   . ILE A 1 79  ? 7.776   4.954   -0.442  1.00 13.75 ? 59   ILE A O   1 
ATOM   463  C  CB  . ILE A 1 79  ? 5.116   5.624   -2.089  1.00 13.40 ? 59   ILE A CB  1 
ATOM   464  C  CG1 . ILE A 1 79  ? 3.628   5.518   -2.476  1.00 13.06 ? 59   ILE A CG1 1 
ATOM   465  C  CG2 . ILE A 1 79  ? 5.989   5.242   -3.272  1.00 12.97 ? 59   ILE A CG2 1 
ATOM   466  C  CD1 . ILE A 1 79  ? 3.176   6.526   -3.516  1.00 13.35 ? 59   ILE A CD1 1 
ATOM   467  N  N   . ILE A 1 80  ? 7.055   2.980   -1.265  1.00 14.04 ? 60   ILE A N   1 
ATOM   468  C  CA  . ILE A 1 80  ? 8.392   2.439   -1.483  1.00 14.07 ? 60   ILE A CA  1 
ATOM   469  C  C   . ILE A 1 80  ? 8.401   1.752   -2.845  1.00 14.34 ? 60   ILE A C   1 
ATOM   470  O  O   . ILE A 1 80  ? 7.769   0.710   -3.035  1.00 14.12 ? 60   ILE A O   1 
ATOM   471  C  CB  . ILE A 1 80  ? 8.863   1.488   -0.347  1.00 14.01 ? 60   ILE A CB  1 
ATOM   472  C  CG1 . ILE A 1 80  ? 8.538   2.070   1.041   1.00 14.14 ? 60   ILE A CG1 1 
ATOM   473  C  CG2 . ILE A 1 80  ? 10.367  1.241   -0.467  1.00 14.07 ? 60   ILE A CG2 1 
ATOM   474  C  CD1 . ILE A 1 80  ? 8.975   1.208   2.208   1.00 14.39 ? 60   ILE A CD1 1 
ATOM   475  N  N   . THR A 1 81  ? 9.091   2.357   -3.801  1.00 14.77 ? 61   THR A N   1 
ATOM   476  C  CA  . THR A 1 81  ? 9.045   1.861   -5.170  1.00 15.62 ? 61   THR A CA  1 
ATOM   477  C  C   . THR A 1 81  ? 10.431  1.793   -5.785  1.00 15.96 ? 61   THR A C   1 
ATOM   478  O  O   . THR A 1 81  ? 11.300  2.625   -5.498  1.00 15.86 ? 61   THR A O   1 
ATOM   479  C  CB  . THR A 1 81  ? 8.071   2.660   -6.080  1.00 15.79 ? 61   THR A CB  1 
ATOM   480  O  OG1 . THR A 1 81  ? 8.136   2.148   -7.418  1.00 16.99 ? 61   THR A OG1 1 
ATOM   481  C  CG2 . THR A 1 81  ? 8.412   4.148   -6.121  1.00 16.03 ? 61   THR A CG2 1 
ATOM   482  N  N   . GLY A 1 82  ? 10.623  0.773   -6.613  1.00 16.22 ? 62   GLY A N   1 
ATOM   483  C  CA  . GLY A 1 82  ? 11.889  0.529   -7.267  1.00 16.82 ? 62   GLY A CA  1 
ATOM   484  C  C   . GLY A 1 82  ? 12.182  1.549   -8.336  1.00 17.26 ? 62   GLY A C   1 
ATOM   485  O  O   . GLY A 1 82  ? 13.339  1.868   -8.578  1.00 18.49 ? 62   GLY A O   1 
ATOM   486  N  N   . ARG A 1 83  ? 11.140  2.067   -8.978  1.00 17.83 ? 63   ARG A N   1 
ATOM   487  C  CA  . ARG A 1 83  ? 11.319  3.068   -10.022 1.00 18.36 ? 63   ARG A CA  1 
ATOM   488  C  C   . ARG A 1 83  ? 11.223  4.468   -9.441  1.00 19.33 ? 63   ARG A C   1 
ATOM   489  O  O   . ARG A 1 83  ? 11.122  4.634   -8.229  1.00 20.52 ? 63   ARG A O   1 
ATOM   490  C  CB  . ARG A 1 83  ? 10.317  2.855   -11.160 1.00 17.96 ? 63   ARG A CB  1 
ATOM   491  C  CG  . ARG A 1 83  ? 10.639  1.635   -12.021 1.00 17.91 ? 63   ARG A CG  1 
ATOM   492  C  CD  . ARG A 1 83  ? 9.554   1.340   -13.049 1.00 18.01 ? 63   ARG A CD  1 
ATOM   493  N  NE  . ARG A 1 83  ? 9.465   2.405   -14.049 1.00 17.34 ? 63   ARG A NE  1 
ATOM   494  C  CZ  . ARG A 1 83  ? 10.222  2.475   -15.137 1.00 16.87 ? 63   ARG A CZ  1 
ATOM   495  N  NH1 . ARG A 1 83  ? 11.117  1.531   -15.397 1.00 16.57 ? 63   ARG A NH1 1 
ATOM   496  N  NH2 . ARG A 1 83  ? 10.069  3.489   -15.974 1.00 16.23 ? 63   ARG A NH2 1 
ATOM   497  N  N   . SER A 1 84  ? 11.264  5.480   -10.300 1.00 19.47 ? 64   SER A N   1 
ATOM   498  C  CA  . SER A 1 84  ? 11.216  6.863   -9.835  1.00 19.07 ? 64   SER A CA  1 
ATOM   499  C  C   . SER A 1 84  ? 10.612  7.808   -10.879 1.00 18.38 ? 64   SER A C   1 
ATOM   500  O  O   . SER A 1 84  ? 11.065  7.829   -12.022 1.00 18.82 ? 64   SER A O   1 
ATOM   501  C  CB  . SER A 1 84  ? 12.627  7.319   -9.472  1.00 19.47 ? 64   SER A CB  1 
ATOM   502  O  OG  . SER A 1 84  ? 12.634  8.703   -9.233  1.00 20.11 ? 64   SER A OG  1 
ATOM   503  N  N   . SER A 1 85  ? 9.608   8.597   -10.484 1.00 17.75 ? 65   SER A N   1 
ATOM   504  C  CA  . SER A 1 85  ? 8.932   9.522   -11.414 1.00 17.13 ? 65   SER A CA  1 
ATOM   505  C  C   . SER A 1 85  ? 8.195   10.679  -10.728 1.00 16.95 ? 65   SER A C   1 
ATOM   506  O  O   . SER A 1 85  ? 7.823   10.585  -9.553  1.00 16.64 ? 65   SER A O   1 
ATOM   507  C  CB  . SER A 1 85  ? 7.958   8.760   -12.327 1.00 16.56 ? 65   SER A CB  1 
ATOM   508  O  OG  . SER A 1 85  ? 6.790   8.347   -11.622 1.00 15.94 ? 65   SER A OG  1 
ATOM   509  N  N   . ALA A 1 86  ? 7.974   11.765  -11.475 1.00 16.55 ? 66   ALA A N   1 
ATOM   510  C  CA  . ALA A 1 86  ? 7.150   12.882  -10.988 1.00 16.96 ? 66   ALA A CA  1 
ATOM   511  C  C   . ALA A 1 86  ? 5.681   12.464  -10.820 1.00 17.43 ? 66   ALA A C   1 
ATOM   512  O  O   . ALA A 1 86  ? 4.957   13.057  -10.027 1.00 17.65 ? 66   ALA A O   1 
ATOM   513  C  CB  . ALA A 1 86  ? 7.256   14.089  -11.906 1.00 16.40 ? 66   ALA A CB  1 
ATOM   514  N  N   . MET A 1 87  ? 5.244   11.441  -11.550 1.00 17.50 ? 67   MET A N   1 
ATOM   515  C  CA  . MET A 1 87  ? 3.861   10.989  -11.418 1.00 18.40 ? 67   MET A CA  1 
ATOM   516  C  C   . MET A 1 87  ? 3.586   10.471  -10.020 1.00 18.15 ? 67   MET A C   1 
ATOM   517  O  O   . MET A 1 87  ? 2.562   10.801  -9.425  1.00 18.63 ? 67   MET A O   1 
ATOM   518  C  CB  . MET A 1 87  ? 3.506   9.931   -12.464 1.00 18.33 ? 67   MET A CB  1 
ATOM   519  C  CG  . MET A 1 87  ? 3.620   10.430  -13.889 1.00 19.02 ? 67   MET A CG  1 
ATOM   520  S  SD  . MET A 1 87  ? 5.291   10.303  -14.533 1.00 19.97 ? 67   MET A SD  1 
ATOM   521  C  CE  . MET A 1 87  ? 5.303   8.553   -14.911 1.00 18.94 ? 67   MET A CE  1 
ATOM   522  N  N   . VAL A 1 88  ? 4.507   9.665   -9.501  1.00 18.83 ? 68   VAL A N   1 
ATOM   523  C  CA  . VAL A 1 88  ? 4.384   9.112   -8.157  1.00 19.55 ? 68   VAL A CA  1 
ATOM   524  C  C   . VAL A 1 88  ? 4.318   10.219  -7.108  1.00 20.71 ? 68   VAL A C   1 
ATOM   525  O  O   . VAL A 1 88  ? 3.446   10.186  -6.227  1.00 20.54 ? 68   VAL A O   1 
ATOM   526  C  CB  . VAL A 1 88  ? 5.544   8.151   -7.835  1.00 19.61 ? 68   VAL A CB  1 
ATOM   527  C  CG1 . VAL A 1 88  ? 5.573   7.813   -6.350  1.00 19.41 ? 68   VAL A CG1 1 
ATOM   528  C  CG2 . VAL A 1 88  ? 5.441   6.890   -8.688  1.00 19.06 ? 68   VAL A CG2 1 
ATOM   529  N  N   . ASP A 1 89  ? 5.235   11.186  -7.216  1.00 21.17 ? 69   ASP A N   1 
ATOM   530  C  CA  . ASP A 1 89  ? 5.301   12.328  -6.306  1.00 22.32 ? 69   ASP A CA  1 
ATOM   531  C  C   . ASP A 1 89  ? 3.995   13.117  -6.292  1.00 21.73 ? 69   ASP A C   1 
ATOM   532  O  O   . ASP A 1 89  ? 3.479   13.465  -5.221  1.00 21.90 ? 69   ASP A O   1 
ATOM   533  C  CB  . ASP A 1 89  ? 6.466   13.256  -6.679  1.00 23.24 ? 69   ASP A CB  1 
ATOM   534  C  CG  . ASP A 1 89  ? 7.791   12.793  -6.100  1.00 24.40 ? 69   ASP A CG  1 
ATOM   535  O  OD1 . ASP A 1 89  ? 7.997   12.899  -4.865  1.00 24.83 ? 69   ASP A OD1 1 
ATOM   536  O  OD2 . ASP A 1 89  ? 8.638   12.315  -6.881  1.00 25.73 ? 69   ASP A OD2 1 
ATOM   537  N  N   . ARG A 1 90  ? 3.466   13.381  -7.485  1.00 20.40 ? 70   ARG A N   1 
ATOM   538  C  CA  . ARG A 1 90  ? 2.212   14.101  -7.636  1.00 19.78 ? 70   ARG A CA  1 
ATOM   539  C  C   . ARG A 1 90  ? 1.035   13.325  -7.032  1.00 18.52 ? 70   ARG A C   1 
ATOM   540  O  O   . ARG A 1 90  ? 0.259   13.892  -6.263  1.00 18.15 ? 70   ARG A O   1 
ATOM   541  C  CB  . ARG A 1 90  ? 1.960   14.459  -9.109  1.00 20.63 ? 70   ARG A CB  1 
ATOM   542  C  CG  . ARG A 1 90  ? 0.643   15.174  -9.378  1.00 21.38 ? 70   ARG A CG  1 
ATOM   543  C  CD  . ARG A 1 90  ? 0.392   15.344  -10.873 1.00 22.58 ? 70   ARG A CD  1 
ATOM   544  N  NE  . ARG A 1 90  ? -0.837  16.093  -11.131 1.00 23.77 ? 70   ARG A NE  1 
ATOM   545  C  CZ  . ARG A 1 90  ? -1.221  16.578  -12.316 1.00 24.70 ? 70   ARG A CZ  1 
ATOM   546  N  NH1 . ARG A 1 90  ? -0.482  16.401  -13.416 1.00 24.10 ? 70   ARG A NH1 1 
ATOM   547  N  NH2 . ARG A 1 90  ? -2.366  17.247  -12.394 1.00 23.65 ? 70   ARG A NH2 1 
ATOM   548  N  N   . ARG A 1 91  ? 0.909   12.039  -7.360  1.00 17.53 ? 71   ARG A N   1 
ATOM   549  C  CA  . ARG A 1 91  ? -0.171  11.239  -6.813  1.00 16.72 ? 71   ARG A CA  1 
ATOM   550  C  C   . ARG A 1 91  ? -0.061  11.166  -5.296  1.00 17.14 ? 71   ARG A C   1 
ATOM   551  O  O   . ARG A 1 91  ? -1.059  11.310  -4.587  1.00 16.74 ? 71   ARG A O   1 
ATOM   552  C  CB  . ARG A 1 91  ? -0.195  9.842   -7.426  1.00 16.24 ? 71   ARG A CB  1 
ATOM   553  C  CG  . ARG A 1 91  ? -1.366  8.975   -6.985  1.00 16.10 ? 71   ARG A CG  1 
ATOM   554  C  CD  . ARG A 1 91  ? -2.721  9.516   -7.441  1.00 16.25 ? 71   ARG A CD  1 
ATOM   555  N  NE  . ARG A 1 91  ? -3.829  8.602   -7.123  1.00 16.08 ? 71   ARG A NE  1 
ATOM   556  C  CZ  . ARG A 1 91  ? -5.125  8.923   -7.121  1.00 16.47 ? 71   ARG A CZ  1 
ATOM   557  N  NH1 . ARG A 1 91  ? -5.529  10.157  -7.413  1.00 16.45 ? 71   ARG A NH1 1 
ATOM   558  N  NH2 . ARG A 1 91  ? -6.030  7.997   -6.818  1.00 16.48 ? 71   ARG A NH2 1 
ATOM   559  N  N   . ALA A 1 92  ? 1.159   10.967  -4.801  1.00 17.78 ? 72   ALA A N   1 
ATOM   560  C  CA  . ALA A 1 92  ? 1.400   10.899  -3.365  1.00 18.13 ? 72   ALA A CA  1 
ATOM   561  C  C   . ALA A 1 92  ? 1.006   12.209  -2.675  1.00 18.69 ? 72   ALA A C   1 
ATOM   562  O  O   . ALA A 1 92  ? 0.293   12.194  -1.676  1.00 18.36 ? 72   ALA A O   1 
ATOM   563  C  CB  . ALA A 1 92  ? 2.855   10.554  -3.085  1.00 17.69 ? 72   ALA A CB  1 
ATOM   564  N  N   . LYS A 1 93  ? 1.457   13.335  -3.227  1.00 19.88 ? 73   LYS A N   1 
ATOM   565  C  CA  . LYS A 1 93  ? 1.143   14.655  -2.672  1.00 20.32 ? 73   LYS A CA  1 
ATOM   566  C  C   . LYS A 1 93  ? -0.353  14.948  -2.528  1.00 20.00 ? 73   LYS A C   1 
ATOM   567  O  O   . LYS A 1 93  ? -0.781  15.456  -1.493  1.00 20.82 ? 73   LYS A O   1 
ATOM   568  C  CB  . LYS A 1 93  ? 1.846   15.754  -3.471  1.00 22.04 ? 73   LYS A CB  1 
ATOM   569  C  CG  . LYS A 1 93  ? 3.303   15.917  -3.059  1.00 24.21 ? 73   LYS A CG  1 
ATOM   570  C  CD  . LYS A 1 93  ? 4.095   16.784  -4.021  1.00 26.69 ? 73   LYS A CD  1 
ATOM   571  C  CE  . LYS A 1 93  ? 5.572   16.755  -3.651  1.00 28.37 ? 73   LYS A CE  1 
ATOM   572  N  NZ  . LYS A 1 93  ? 6.326   17.851  -4.312  1.00 30.02 ? 73   LYS A NZ  1 
ATOM   573  N  N   . GLU A 1 94  ? -1.155  14.610  -3.535  1.00 18.90 ? 74   GLU A N   1 
ATOM   574  C  CA  . GLU A 1 94  ? -2.602  14.915  -3.474  1.00 17.97 ? 74   GLU A CA  1 
ATOM   575  C  C   . GLU A 1 94  ? -3.379  14.039  -2.484  1.00 17.00 ? 74   GLU A C   1 
ATOM   576  O  O   . GLU A 1 94  ? -4.445  14.431  -2.004  1.00 16.98 ? 74   GLU A O   1 
ATOM   577  C  CB  . GLU A 1 94  ? -3.243  14.849  -4.869  1.00 18.21 ? 74   GLU A CB  1 
ATOM   578  C  CG  . GLU A 1 94  ? -3.451  13.434  -5.385  1.00 17.42 ? 74   GLU A CG  1 
ATOM   579  C  CD  . GLU A 1 94  ? -4.023  13.381  -6.780  1.00 17.32 ? 74   GLU A CD  1 
ATOM   580  O  OE1 . GLU A 1 94  ? -4.793  14.281  -7.154  1.00 17.27 ? 74   GLU A OE1 1 
ATOM   581  O  OE2 . GLU A 1 94  ? -3.719  12.406  -7.498  1.00 17.13 ? 74   GLU A OE2 1 
ATOM   582  N  N   . LEU A 1 95  ? -2.858  12.852  -2.184  1.00 16.30 ? 75   LEU A N   1 
ATOM   583  C  CA  . LEU A 1 95  ? -3.521  11.952  -1.236  1.00 15.89 ? 75   LEU A CA  1 
ATOM   584  C  C   . LEU A 1 95  ? -2.934  12.056  0.172   1.00 15.82 ? 75   LEU A C   1 
ATOM   585  O  O   . LEU A 1 95  ? -3.458  11.458  1.116   1.00 15.61 ? 75   LEU A O   1 
ATOM   586  C  CB  . LEU A 1 95  ? -3.468  10.499  -1.740  1.00 15.63 ? 75   LEU A CB  1 
ATOM   587  C  CG  . LEU A 1 95  ? -4.132  10.236  -3.099  1.00 15.53 ? 75   LEU A CG  1 
ATOM   588  C  CD1 . LEU A 1 95  ? -3.906  8.801   -3.551  1.00 15.56 ? 75   LEU A CD1 1 
ATOM   589  C  CD2 . LEU A 1 95  ? -5.621  10.552  -3.053  1.00 15.59 ? 75   LEU A CD2 1 
ATOM   590  N  N   . GLY A 1 96  ? -1.841  12.806  0.309   1.00 15.49 ? 76   GLY A N   1 
ATOM   591  C  CA  . GLY A 1 96  ? -1.138  12.898  1.579   1.00 15.56 ? 76   GLY A CA  1 
ATOM   592  C  C   . GLY A 1 96  ? -0.444  11.596  1.964   1.00 15.67 ? 76   GLY A C   1 
ATOM   593  O  O   . GLY A 1 96  ? -0.437  11.208  3.142   1.00 15.34 ? 76   GLY A O   1 
ATOM   594  N  N   . ILE A 1 97  ? 0.115   10.906  0.968   1.00 15.16 ? 77   ILE A N   1 
ATOM   595  C  CA  . ILE A 1 97  ? 1.110   9.870   1.227   1.00 15.10 ? 77   ILE A CA  1 
ATOM   596  C  C   . ILE A 1 97  ? 2.374   10.649  1.550   1.00 15.34 ? 77   ILE A C   1 
ATOM   597  O  O   . ILE A 1 97  ? 2.911   11.341  0.684   1.00 15.63 ? 77   ILE A O   1 
ATOM   598  C  CB  . ILE A 1 97  ? 1.342   8.965   0.010   1.00 14.89 ? 77   ILE A CB  1 
ATOM   599  C  CG1 . ILE A 1 97  ? 0.111   8.085   -0.242  1.00 14.50 ? 77   ILE A CG1 1 
ATOM   600  C  CG2 . ILE A 1 97  ? 2.592   8.115   0.214   1.00 14.81 ? 77   ILE A CG2 1 
ATOM   601  C  CD1 . ILE A 1 97  ? 0.048   7.514   -1.638  1.00 14.32 ? 77   ILE A CD1 1 
ATOM   602  N  N   . SER A 1 98  ? 2.825   10.559  2.798   1.00 15.42 ? 78   SER A N   1 
ATOM   603  C  CA  . SER A 1 98  ? 3.762   11.551  3.334   1.00 15.50 ? 78   SER A CA  1 
ATOM   604  C  C   . SER A 1 98  ? 5.240   11.172  3.297   1.00 15.45 ? 78   SER A C   1 
ATOM   605  O  O   . SER A 1 98  ? 6.105   12.051  3.458   1.00 15.25 ? 78   SER A O   1 
ATOM   606  C  CB  . SER A 1 98  ? 3.358   11.941  4.758   1.00 15.58 ? 78   SER A CB  1 
ATOM   607  O  OG  . SER A 1 98  ? 3.073   10.790  5.541   1.00 16.15 ? 78   SER A OG  1 
ATOM   608  N  N   . HIS A 1 99  ? 5.531   9.882   3.117   1.00 15.26 ? 79   HIS A N   1 
ATOM   609  C  CA  . HIS A 1 99  ? 6.912   9.419   2.968   1.00 15.57 ? 79   HIS A CA  1 
ATOM   610  C  C   . HIS A 1 99  ? 7.047   8.724   1.628   1.00 16.20 ? 79   HIS A C   1 
ATOM   611  O  O   . HIS A 1 99  ? 6.451   7.659   1.392   1.00 16.09 ? 79   HIS A O   1 
ATOM   612  C  CB  . HIS A 1 99  ? 7.345   8.507   4.130   1.00 15.49 ? 79   HIS A CB  1 
ATOM   613  C  CG  . HIS A 1 99  ? 7.336   9.192   5.461   1.00 15.79 ? 79   HIS A CG  1 
ATOM   614  N  ND1 . HIS A 1 99  ? 6.212   9.256   6.260   1.00 16.42 ? 79   HIS A ND1 1 
ATOM   615  C  CD2 . HIS A 1 99  ? 8.301   9.880   6.119   1.00 15.66 ? 79   HIS A CD2 1 
ATOM   616  C  CE1 . HIS A 1 99  ? 6.489   9.945   7.355   1.00 15.81 ? 79   HIS A CE1 1 
ATOM   617  N  NE2 . HIS A 1 99  ? 7.749   10.330  7.295   1.00 15.36 ? 79   HIS A NE2 1 
ATOM   618  N  N   . ILE A 1 100 ? 7.803   9.350   0.731   1.00 16.22 ? 80   ILE A N   1 
ATOM   619  C  CA  . ILE A 1 100 ? 7.870   8.851   -0.623  1.00 16.88 ? 80   ILE A CA  1 
ATOM   620  C  C   . ILE A 1 100 ? 9.270   8.361   -0.950  1.00 17.00 ? 80   ILE A C   1 
ATOM   621  O  O   . ILE A 1 100 ? 10.165  9.149   -1.245  1.00 17.44 ? 80   ILE A O   1 
ATOM   622  C  CB  . ILE A 1 100 ? 7.371   9.889   -1.644  1.00 16.45 ? 80   ILE A CB  1 
ATOM   623  C  CG1 . ILE A 1 100 ? 6.069   10.536  -1.152  1.00 16.28 ? 80   ILE A CG1 1 
ATOM   624  C  CG2 . ILE A 1 100 ? 7.168   9.234   -3.003  1.00 16.62 ? 80   ILE A CG2 1 
ATOM   625  C  CD1 . ILE A 1 100 ? 5.963   12.012  -1.471  1.00 16.11 ? 80   ILE A CD1 1 
ATOM   626  N  N   . ILE A 1 101 ? 9.452   7.048   -0.887  1.00 16.48 ? 81   ILE A N   1 
ATOM   627  C  CA  . ILE A 1 101 ? 10.747  6.476   -1.187  1.00 16.23 ? 81   ILE A CA  1 
ATOM   628  C  C   . ILE A 1 101 ? 10.691  5.846   -2.573  1.00 16.13 ? 81   ILE A C   1 
ATOM   629  O  O   . ILE A 1 101 ? 9.909   4.918   -2.818  1.00 15.79 ? 81   ILE A O   1 
ATOM   630  C  CB  . ILE A 1 101 ? 11.206  5.481   -0.106  1.00 16.21 ? 81   ILE A CB  1 
ATOM   631  C  CG1 . ILE A 1 101 ? 11.183  6.155   1.273   1.00 16.10 ? 81   ILE A CG1 1 
ATOM   632  C  CG2 . ILE A 1 101 ? 12.595  4.954   -0.440  1.00 15.89 ? 81   ILE A CG2 1 
ATOM   633  C  CD1 . ILE A 1 101 ? 11.522  5.234   2.434   1.00 15.74 ? 81   ILE A CD1 1 
ATOM   634  N  N   . GLN A 1 102 ? 11.506  6.396   -3.473  1.00 16.10 ? 82   GLN A N   1 
ATOM   635  C  CA  . GLN A 1 102 ? 11.563  5.993   -4.881  1.00 16.51 ? 82   GLN A CA  1 
ATOM   636  C  C   . GLN A 1 102 ? 12.987  5.594   -5.239  1.00 16.72 ? 82   GLN A C   1 
ATOM   637  O  O   . GLN A 1 102 ? 13.930  5.952   -4.532  1.00 16.02 ? 82   GLN A O   1 
ATOM   638  C  CB  . GLN A 1 102 ? 11.127  7.145   -5.795  1.00 16.49 ? 82   GLN A CB  1 
ATOM   639  C  CG  . GLN A 1 102 ? 9.695   7.615   -5.603  1.00 16.03 ? 82   GLN A CG  1 
ATOM   640  C  CD  . GLN A 1 102 ? 9.162   8.397   -6.797  1.00 16.37 ? 82   GLN A CD  1 
ATOM   641  O  OE1 . GLN A 1 102 ? 8.821   7.820   -7.828  1.00 16.20 ? 82   GLN A OE1 1 
ATOM   642  N  NE2 . GLN A 1 102 ? 9.053   9.708   -6.646  1.00 15.74 ? 82   GLN A NE2 1 
ATOM   643  N  N   . GLY A 1 103 ? 13.142  4.867   -6.347  1.00 16.70 ? 83   GLY A N   1 
ATOM   644  C  CA  . GLY A 1 103 ? 14.451  4.384   -6.762  1.00 16.68 ? 83   GLY A CA  1 
ATOM   645  C  C   . GLY A 1 103 ? 15.040  3.424   -5.740  1.00 17.66 ? 83   GLY A C   1 
ATOM   646  O  O   . GLY A 1 103 ? 16.266  3.318   -5.612  1.00 17.17 ? 83   GLY A O   1 
ATOM   647  N  N   . GLN A 1 104 ? 14.162  2.733   -5.009  1.00 17.80 ? 84   GLN A N   1 
ATOM   648  C  CA  . GLN A 1 104 ? 14.568  1.801   -3.964  1.00 18.62 ? 84   GLN A CA  1 
ATOM   649  C  C   . GLN A 1 104 ? 13.830  0.471   -4.090  1.00 18.69 ? 84   GLN A C   1 
ATOM   650  O  O   . GLN A 1 104 ? 12.612  0.405   -3.867  1.00 18.14 ? 84   GLN A O   1 
ATOM   651  C  CB  . GLN A 1 104 ? 14.318  2.424   -2.582  1.00 19.67 ? 84   GLN A CB  1 
ATOM   652  C  CG  . GLN A 1 104 ? 14.515  1.498   -1.382  1.00 20.38 ? 84   GLN A CG  1 
ATOM   653  C  CD  . GLN A 1 104 ? 15.946  0.998   -1.238  1.00 20.97 ? 84   GLN A CD  1 
ATOM   654  O  OE1 . GLN A 1 104 ? 16.392  0.112   -1.977  1.00 20.68 ? 84   GLN A OE1 1 
ATOM   655  N  NE2 . GLN A 1 104 ? 16.672  1.563   -0.273  1.00 20.37 ? 84   GLN A NE2 1 
ATOM   656  N  N   . ASP A 1 105 ? 14.571  -0.580  -4.439  1.00 19.17 ? 85   ASP A N   1 
ATOM   657  C  CA  . ASP A 1 105 ? 14.011  -1.933  -4.541  1.00 19.67 ? 85   ASP A CA  1 
ATOM   658  C  C   . ASP A 1 105 ? 14.206  -2.787  -3.276  1.00 19.34 ? 85   ASP A C   1 
ATOM   659  O  O   . ASP A 1 105 ? 13.537  -3.803  -3.111  1.00 19.07 ? 85   ASP A O   1 
ATOM   660  C  CB  . ASP A 1 105 ? 14.541  -2.663  -5.792  1.00 21.59 ? 85   ASP A CB  1 
ATOM   661  C  CG  . ASP A 1 105 ? 13.562  -2.603  -6.979  1.00 23.09 ? 85   ASP A CG  1 
ATOM   662  O  OD1 . ASP A 1 105 ? 12.339  -2.736  -6.772  1.00 24.65 ? 85   ASP A OD1 1 
ATOM   663  O  OD2 . ASP A 1 105 ? 14.011  -2.432  -8.129  1.00 25.05 ? 85   ASP A OD2 1 
ATOM   664  N  N   . ASP A 1 106 ? 15.110  -2.369  -2.389  1.00 18.80 ? 86   ASP A N   1 
ATOM   665  C  CA  . ASP A 1 106 ? 15.294  -3.024  -1.089  1.00 18.66 ? 86   ASP A CA  1 
ATOM   666  C  C   . ASP A 1 106 ? 14.217  -2.525  -0.123  1.00 17.49 ? 86   ASP A C   1 
ATOM   667  O  O   . ASP A 1 106 ? 14.464  -1.664  0.724   1.00 16.96 ? 86   ASP A O   1 
ATOM   668  C  CB  . ASP A 1 106 ? 16.717  -2.763  -0.556  1.00 20.16 ? 86   ASP A CB  1 
ATOM   669  C  CG  . ASP A 1 106 ? 17.089  -3.639  0.654   1.00 21.40 ? 86   ASP A CG  1 
ATOM   670  O  OD1 . ASP A 1 106 ? 16.316  -4.543  1.069   1.00 22.53 ? 86   ASP A OD1 1 
ATOM   671  O  OD2 . ASP A 1 106 ? 18.185  -3.405  1.209   1.00 22.10 ? 86   ASP A OD2 1 
ATOM   672  N  N   . LYS A 1 107 ? 13.018  -3.081  -0.280  1.00 16.78 ? 87   LYS A N   1 
ATOM   673  C  CA  . LYS A 1 107 ? 11.814  -2.590  0.386   1.00 16.54 ? 87   LYS A CA  1 
ATOM   674  C  C   . LYS A 1 107 ? 11.842  -2.748  1.907   1.00 16.69 ? 87   LYS A C   1 
ATOM   675  O  O   . LYS A 1 107 ? 11.487  -1.818  2.618   1.00 16.07 ? 87   LYS A O   1 
ATOM   676  C  CB  . LYS A 1 107 ? 10.546  -3.255  -0.199  1.00 16.58 ? 87   LYS A CB  1 
ATOM   677  C  CG  . LYS A 1 107 ? 10.379  -3.171  -1.727  1.00 15.91 ? 87   LYS A CG  1 
ATOM   678  C  CD  . LYS A 1 107 ? 10.234  -1.745  -2.236  1.00 15.22 ? 87   LYS A CD  1 
ATOM   679  C  CE  . LYS A 1 107 ? 9.925   -1.691  -3.729  1.00 14.69 ? 87   LYS A CE  1 
ATOM   680  N  NZ  . LYS A 1 107 ? 8.485   -1.874  -4.032  1.00 13.84 ? 87   LYS A NZ  1 
ATOM   681  N  N   . LEU A 1 108 ? 12.251  -3.920  2.404   1.00 16.92 ? 88   LEU A N   1 
ATOM   682  C  CA  . LEU A 1 108 ? 12.331  -4.152  3.859   1.00 16.45 ? 88   LEU A CA  1 
ATOM   683  C  C   . LEU A 1 108 ? 13.288  -3.162  4.530   1.00 16.66 ? 88   LEU A C   1 
ATOM   684  O  O   . LEU A 1 108 ? 12.962  -2.562  5.556   1.00 16.60 ? 88   LEU A O   1 
ATOM   685  C  CB  . LEU A 1 108 ? 12.769  -5.583  4.160   1.00 16.74 ? 88   LEU A CB  1 
ATOM   686  C  CG  . LEU A 1 108 ? 12.112  -6.373  5.310   1.00 17.27 ? 88   LEU A CG  1 
ATOM   687  C  CD1 . LEU A 1 108 ? 13.060  -7.454  5.828   1.00 16.93 ? 88   LEU A CD1 1 
ATOM   688  C  CD2 . LEU A 1 108 ? 11.635  -5.488  6.441   1.00 17.03 ? 88   LEU A CD2 1 
ATOM   689  N  N   . THR A 1 109 ? 14.466  -2.981  3.941   1.00 16.29 ? 89   THR A N   1 
ATOM   690  C  CA  . THR A 1 109 ? 15.429  -2.027  4.476   1.00 16.15 ? 89   THR A CA  1 
ATOM   691  C  C   . THR A 1 109 ? 14.776  -0.664  4.555   1.00 15.69 ? 89   THR A C   1 
ATOM   692  O  O   . THR A 1 109 ? 14.833  -0.018  5.594   1.00 14.92 ? 89   THR A O   1 
ATOM   693  C  CB  . THR A 1 109 ? 16.699  -1.948  3.618   1.00 16.43 ? 89   THR A CB  1 
ATOM   694  O  OG1 . THR A 1 109 ? 17.356  -3.220  3.637   1.00 16.78 ? 89   THR A OG1 1 
ATOM   695  C  CG2 . THR A 1 109 ? 17.661  -0.859  4.138   1.00 16.59 ? 89   THR A CG2 1 
ATOM   696  N  N   . ALA A 1 110 ? 14.135  -0.244  3.463   1.00 15.88 ? 90   ALA A N   1 
ATOM   697  C  CA  . ALA A 1 110 ? 13.465  1.056   3.429   1.00 16.26 ? 90   ALA A CA  1 
ATOM   698  C  C   . ALA A 1 110 ? 12.360  1.162   4.502   1.00 16.62 ? 90   ALA A C   1 
ATOM   699  O  O   . ALA A 1 110 ? 12.252  2.177   5.198   1.00 16.81 ? 90   ALA A O   1 
ATOM   700  C  CB  . ALA A 1 110 ? 12.915  1.330   2.040   1.00 16.71 ? 90   ALA A CB  1 
ATOM   701  N  N   . LEU A 1 111 ? 11.579  0.094   4.657   1.00 16.29 ? 91   LEU A N   1 
ATOM   702  C  CA  . LEU A 1 111 ? 10.526  0.045   5.660   1.00 16.40 ? 91   LEU A CA  1 
ATOM   703  C  C   . LEU A 1 111 ? 11.102  0.180   7.077   1.00 17.38 ? 91   LEU A C   1 
ATOM   704  O  O   . LEU A 1 111 ? 10.695  1.064   7.848   1.00 17.67 ? 91   LEU A O   1 
ATOM   705  C  CB  . LEU A 1 111 ? 9.705   -1.232  5.493   1.00 15.98 ? 91   LEU A CB  1 
ATOM   706  C  CG  . LEU A 1 111 ? 8.482   -1.479  6.384   1.00 15.93 ? 91   LEU A CG  1 
ATOM   707  C  CD1 . LEU A 1 111 ? 7.495   -0.319  6.347   1.00 15.96 ? 91   LEU A CD1 1 
ATOM   708  C  CD2 . LEU A 1 111 ? 7.800   -2.771  5.982   1.00 15.67 ? 91   LEU A CD2 1 
ATOM   709  N  N   . VAL A 1 112 ? 12.071  -0.677  7.395   1.00 17.31 ? 92   VAL A N   1 
ATOM   710  C  CA  . VAL A 1 112 ? 12.809  -0.610  8.654   1.00 17.06 ? 92   VAL A CA  1 
ATOM   711  C  C   . VAL A 1 112 ? 13.363  0.806   8.935   1.00 17.59 ? 92   VAL A C   1 
ATOM   712  O  O   . VAL A 1 112 ? 13.264  1.298   10.053  1.00 18.66 ? 92   VAL A O   1 
ATOM   713  C  CB  . VAL A 1 112 ? 13.915  -1.697  8.692   1.00 16.66 ? 92   VAL A CB  1 
ATOM   714  C  CG1 . VAL A 1 112 ? 14.934  -1.434  9.792   1.00 16.45 ? 92   VAL A CG1 1 
ATOM   715  C  CG2 . VAL A 1 112 ? 13.290  -3.077  8.868   1.00 16.28 ? 92   VAL A CG2 1 
ATOM   716  N  N   . GLY A 1 113 ? 13.940  1.453   7.924   1.00 17.61 ? 93   GLY A N   1 
ATOM   717  C  CA  . GLY A 1 113 ? 14.404  2.837   8.036   1.00 17.97 ? 93   GLY A CA  1 
ATOM   718  C  C   . GLY A 1 113 ? 13.301  3.800   8.446   1.00 18.52 ? 93   GLY A C   1 
ATOM   719  O  O   . GLY A 1 113 ? 13.513  4.656   9.297   1.00 18.59 ? 93   GLY A O   1 
ATOM   720  N  N   . LEU A 1 114 ? 12.120  3.657   7.845   1.00 19.30 ? 94   LEU A N   1 
ATOM   721  C  CA  . LEU A 1 114 ? 10.950  4.450   8.225   1.00 20.52 ? 94   LEU A CA  1 
ATOM   722  C  C   . LEU A 1 114 ? 10.508  4.186   9.664   1.00 20.68 ? 94   LEU A C   1 
ATOM   723  O  O   . LEU A 1 114 ? 10.133  5.102   10.396  1.00 20.38 ? 94   LEU A O   1 
ATOM   724  C  CB  . LEU A 1 114 ? 9.775   4.167   7.278   1.00 21.02 ? 94   LEU A CB  1 
ATOM   725  C  CG  . LEU A 1 114 ? 9.644   5.022   6.020   1.00 21.73 ? 94   LEU A CG  1 
ATOM   726  C  CD1 . LEU A 1 114 ? 8.363   4.642   5.305   1.00 21.48 ? 94   LEU A CD1 1 
ATOM   727  C  CD2 . LEU A 1 114 ? 9.682   6.518   6.322   1.00 21.35 ? 94   LEU A CD2 1 
ATOM   728  N  N   . THR A 1 115 ? 10.561  2.916   10.043  1.00 22.10 ? 95   THR A N   1 
ATOM   729  C  CA  . THR A 1 115 ? 10.175  2.448   11.358  1.00 23.61 ? 95   THR A CA  1 
ATOM   730  C  C   . THR A 1 115 ? 11.024  3.156   12.416  1.00 24.50 ? 95   THR A C   1 
ATOM   731  O  O   . THR A 1 115 ? 10.532  3.543   13.476  1.00 25.41 ? 95   THR A O   1 
ATOM   732  C  CB  . THR A 1 115 ? 10.311  0.910   11.398  1.00 24.50 ? 95   THR A CB  1 
ATOM   733  O  OG1 . THR A 1 115 ? 9.095   0.321   11.870  1.00 27.66 ? 95   THR A OG1 1 
ATOM   734  C  CG2 . THR A 1 115 ? 11.483  0.447   12.230  1.00 23.73 ? 95   THR A CG2 1 
ATOM   735  N  N   . LYS A 1 116 ? 12.292  3.369   12.084  1.00 25.75 ? 96   LYS A N   1 
ATOM   736  C  CA  . LYS A 1 116 ? 13.240  4.031   12.961  1.00 26.71 ? 96   LYS A CA  1 
ATOM   737  C  C   . LYS A 1 116 ? 13.027  5.541   13.057  1.00 26.25 ? 96   LYS A C   1 
ATOM   738  O  O   . LYS A 1 116 ? 13.167  6.107   14.134  1.00 26.25 ? 96   LYS A O   1 
ATOM   739  C  CB  . LYS A 1 116 ? 14.678  3.724   12.521  1.00 27.77 ? 96   LYS A CB  1 
ATOM   740  C  CG  . LYS A 1 116 ? 15.090  2.273   12.720  1.00 29.03 ? 96   LYS A CG  1 
ATOM   741  C  CD  . LYS A 1 116 ? 16.542  2.081   12.321  1.00 31.43 ? 96   LYS A CD  1 
ATOM   742  C  CE  . LYS A 1 116 ? 16.950  0.617   12.371  1.00 34.11 ? 96   LYS A CE  1 
ATOM   743  N  NZ  . LYS A 1 116 ? 18.366  0.444   11.931  1.00 35.29 ? 96   LYS A NZ  1 
ATOM   744  N  N   . LYS A 1 117 ? 12.692  6.202   11.951  1.00 26.62 ? 97   LYS A N   1 
ATOM   745  C  CA  . LYS A 1 117 ? 12.538  7.660   12.008  1.00 27.80 ? 97   LYS A CA  1 
ATOM   746  C  C   . LYS A 1 117 ? 11.175  8.122   12.552  1.00 27.53 ? 97   LYS A C   1 
ATOM   747  O  O   . LYS A 1 117 ? 10.979  9.308   12.858  1.00 26.52 ? 97   LYS A O   1 
ATOM   748  C  CB  . LYS A 1 117 ? 12.921  8.328   10.674  1.00 29.12 ? 97   LYS A CB  1 
ATOM   749  C  CG  . LYS A 1 117 ? 11.808  8.539   9.671   1.00 30.70 ? 97   LYS A CG  1 
ATOM   750  C  CD  . LYS A 1 117 ? 12.341  9.315   8.473   1.00 32.61 ? 97   LYS A CD  1 
ATOM   751  C  CE  . LYS A 1 117 ? 11.239  10.129  7.810   1.00 33.52 ? 97   LYS A CE  1 
ATOM   752  N  NZ  . LYS A 1 117 ? 11.742  11.053  6.754   1.00 34.78 ? 97   LYS A NZ  1 
ATOM   753  N  N   . LEU A 1 118 ? 10.245  7.175   12.678  1.00 27.51 ? 98   LEU A N   1 
ATOM   754  C  CA  . LEU A 1 118 ? 8.931   7.466   13.228  1.00 27.89 ? 98   LEU A CA  1 
ATOM   755  C  C   . LEU A 1 118 ? 8.755   6.886   14.620  1.00 28.46 ? 98   LEU A C   1 
ATOM   756  O  O   . LEU A 1 118 ? 7.790   7.215   15.303  1.00 28.14 ? 98   LEU A O   1 
ATOM   757  C  CB  . LEU A 1 118 ? 7.815   6.949   12.312  1.00 27.73 ? 98   LEU A CB  1 
ATOM   758  C  CG  . LEU A 1 118 ? 7.796   7.372   10.843  1.00 28.20 ? 98   LEU A CG  1 
ATOM   759  C  CD1 . LEU A 1 118 ? 6.562   6.818   10.156  1.00 28.06 ? 98   LEU A CD1 1 
ATOM   760  C  CD2 . LEU A 1 118 ? 7.860   8.881   10.680  1.00 28.69 ? 98   LEU A CD2 1 
ATOM   761  N  N   . GLY A 1 119 ? 9.680   6.021   15.032  1.00 29.03 ? 99   GLY A N   1 
ATOM   762  C  CA  . GLY A 1 119 ? 9.591   5.365   16.334  1.00 30.77 ? 99   GLY A CA  1 
ATOM   763  C  C   . GLY A 1 119 ? 8.441   4.374   16.354  1.00 32.80 ? 99   GLY A C   1 
ATOM   764  O  O   . GLY A 1 119 ? 7.534   4.470   17.178  1.00 34.03 ? 99   GLY A O   1 
ATOM   765  N  N   . ILE A 1 120 ? 8.503   3.410   15.441  1.00 32.92 ? 100  ILE A N   1 
ATOM   766  C  CA  . ILE A 1 120 ? 7.407   2.492   15.177  1.00 31.96 ? 100  ILE A CA  1 
ATOM   767  C  C   . ILE A 1 120 ? 7.995   1.101   14.953  1.00 31.43 ? 100  ILE A C   1 
ATOM   768  O  O   . ILE A 1 120 ? 9.098   0.970   14.439  1.00 31.30 ? 100  ILE A O   1 
ATOM   769  C  CB  . ILE A 1 120 ? 6.579   3.016   13.971  1.00 32.30 ? 100  ILE A CB  1 
ATOM   770  C  CG1 . ILE A 1 120 ? 5.390   3.827   14.482  1.00 32.81 ? 100  ILE A CG1 1 
ATOM   771  C  CG2 . ILE A 1 120 ? 6.093   1.908   13.051  1.00 33.71 ? 100  ILE A CG2 1 
ATOM   772  C  CD1 . ILE A 1 120 ? 4.911   4.890   13.520  1.00 34.00 ? 100  ILE A CD1 1 
ATOM   773  N  N   . GLU A 1 121 ? 7.275   0.067   15.367  1.00 30.37 ? 101  GLU A N   1 
ATOM   774  C  CA  . GLU A 1 121 ? 7.730   -1.290  15.133  1.00 30.68 ? 101  GLU A CA  1 
ATOM   775  C  C   . GLU A 1 121 ? 7.195   -1.800  13.806  1.00 28.71 ? 101  GLU A C   1 
ATOM   776  O  O   . GLU A 1 121 ? 6.151   -1.348  13.342  1.00 27.70 ? 101  GLU A O   1 
ATOM   777  C  CB  . GLU A 1 121 ? 7.273   -2.215  16.260  1.00 33.65 ? 101  GLU A CB  1 
ATOM   778  C  CG  . GLU A 1 121 ? 7.727   -1.821  17.656  1.00 36.59 ? 101  GLU A CG  1 
ATOM   779  C  CD  . GLU A 1 121 ? 6.910   -2.516  18.728  1.00 40.07 ? 101  GLU A CD  1 
ATOM   780  O  OE1 . GLU A 1 121 ? 6.805   -3.769  18.684  1.00 41.68 ? 101  GLU A OE1 1 
ATOM   781  O  OE2 . GLU A 1 121 ? 6.362   -1.815  19.610  1.00 41.16 ? 101  GLU A OE2 1 
ATOM   782  N  N   . LEU A 1 122 ? 7.924   -2.747  13.212  1.00 28.09 ? 102  LEU A N   1 
ATOM   783  C  CA  . LEU A 1 122 ? 7.476   -3.488  12.024  1.00 26.46 ? 102  LEU A CA  1 
ATOM   784  C  C   . LEU A 1 122 ? 6.102   -4.136  12.168  1.00 25.23 ? 102  LEU A C   1 
ATOM   785  O  O   . LEU A 1 122 ? 5.317   -4.163  11.212  1.00 24.02 ? 102  LEU A O   1 
ATOM   786  C  CB  . LEU A 1 122 ? 8.486   -4.578  11.653  1.00 25.91 ? 102  LEU A CB  1 
ATOM   787  C  CG  . LEU A 1 122 ? 9.424   -4.323  10.480  1.00 26.50 ? 102  LEU A CG  1 
ATOM   788  C  CD1 . LEU A 1 122 ? 10.154  -5.613  10.123  1.00 26.35 ? 102  LEU A CD1 1 
ATOM   789  C  CD2 . LEU A 1 122 ? 8.678   -3.780  9.267   1.00 25.16 ? 102  LEU A CD2 1 
ATOM   790  N  N   . SER A 1 123 ? 5.832   -4.685  13.352  1.00 24.71 ? 103  SER A N   1 
ATOM   791  C  CA  . SER A 1 123 ? 4.533   -5.274  13.653  1.00 24.28 ? 103  SER A CA  1 
ATOM   792  C  C   . SER A 1 123 ? 3.411   -4.247  13.484  1.00 23.75 ? 103  SER A C   1 
ATOM   793  O  O   . SER A 1 123 ? 2.258   -4.613  13.255  1.00 23.83 ? 103  SER A O   1 
ATOM   794  C  CB  . SER A 1 123 ? 4.524   -5.873  15.062  1.00 25.39 ? 103  SER A CB  1 
ATOM   795  O  OG  . SER A 1 123 ? 5.012   -4.948  16.026  1.00 25.63 ? 103  SER A OG  1 
ATOM   796  N  N   . HIS A 1 124 ? 3.763   -2.966  13.567  1.00 23.78 ? 104  HIS A N   1 
ATOM   797  C  CA  . HIS A 1 124 ? 2.807   -1.879  13.348  1.00 23.95 ? 104  HIS A CA  1 
ATOM   798  C  C   . HIS A 1 124 ? 2.806   -1.337  11.911  1.00 22.23 ? 104  HIS A C   1 
ATOM   799  O  O   . HIS A 1 124 ? 2.146   -0.336  11.618  1.00 20.57 ? 104  HIS A O   1 
ATOM   800  C  CB  . HIS A 1 124 ? 3.031   -0.748  14.364  1.00 26.83 ? 104  HIS A CB  1 
ATOM   801  C  CG  . HIS A 1 124 ? 2.851   -1.182  15.789  1.00 30.15 ? 104  HIS A CG  1 
ATOM   802  N  ND1 . HIS A 1 124 ? 3.605   -0.671  16.826  1.00 31.63 ? 104  HIS A ND1 1 
ATOM   803  C  CD2 . HIS A 1 124 ? 2.027   -2.107  16.342  1.00 30.02 ? 104  HIS A CD2 1 
ATOM   804  C  CE1 . HIS A 1 124 ? 3.234   -1.247  17.956  1.00 33.55 ? 104  HIS A CE1 1 
ATOM   805  N  NE2 . HIS A 1 124 ? 2.279   -2.122  17.689  1.00 32.09 ? 104  HIS A NE2 1 
ATOM   806  N  N   . CYS A 1 125 ? 3.553   -2.000  11.030  1.00 20.24 ? 105  CYS A N   1 
ATOM   807  C  CA  . CYS A 1 125 ? 3.569   -1.647  9.619   1.00 19.06 ? 105  CYS A CA  1 
ATOM   808  C  C   . CYS A 1 125 ? 2.766   -2.638  8.790   1.00 17.46 ? 105  CYS A C   1 
ATOM   809  O  O   . CYS A 1 125 ? 2.857   -3.850  8.989   1.00 17.08 ? 105  CYS A O   1 
ATOM   810  C  CB  . CYS A 1 125 ? 4.998   -1.569  9.098   1.00 19.10 ? 105  CYS A CB  1 
ATOM   811  S  SG  . CYS A 1 125 ? 5.942   -0.254  9.885   1.00 21.60 ? 105  CYS A SG  1 
ATOM   812  N  N   . ALA A 1 126 ? 1.963   -2.104  7.880   1.00 16.01 ? 106  ALA A N   1 
ATOM   813  C  CA  . ALA A 1 126 ? 1.321   -2.915  6.864   1.00 15.10 ? 106  ALA A CA  1 
ATOM   814  C  C   . ALA A 1 126 ? 2.049   -2.615  5.565   1.00 14.64 ? 106  ALA A C   1 
ATOM   815  O  O   . ALA A 1 126 ? 2.457   -1.469  5.323   1.00 13.74 ? 106  ALA A O   1 
ATOM   816  C  CB  . ALA A 1 126 ? -0.160  -2.587  6.759   1.00 14.83 ? 106  ALA A CB  1 
ATOM   817  N  N   . TYR A 1 127 ? 2.238   -3.644  4.743   1.00 14.19 ? 107  TYR A N   1 
ATOM   818  C  CA  . TYR A 1 127 ? 2.911   -3.472  3.454   1.00 14.08 ? 107  TYR A CA  1 
ATOM   819  C  C   . TYR A 1 127 ? 2.240   -4.307  2.372   1.00 14.03 ? 107  TYR A C   1 
ATOM   820  O  O   . TYR A 1 127 ? 1.884   -5.473  2.597   1.00 13.38 ? 107  TYR A O   1 
ATOM   821  C  CB  . TYR A 1 127 ? 4.424   -3.806  3.534   1.00 13.70 ? 107  TYR A CB  1 
ATOM   822  C  CG  . TYR A 1 127 ? 5.182   -3.479  2.246   1.00 13.33 ? 107  TYR A CG  1 
ATOM   823  C  CD1 . TYR A 1 127 ? 5.682   -2.202  2.019   1.00 13.24 ? 107  TYR A CD1 1 
ATOM   824  C  CD2 . TYR A 1 127 ? 5.363   -4.444  1.251   1.00 13.15 ? 107  TYR A CD2 1 
ATOM   825  C  CE1 . TYR A 1 127 ? 6.344   -1.887  0.841   1.00 13.28 ? 107  TYR A CE1 1 
ATOM   826  C  CE2 . TYR A 1 127 ? 6.021   -4.140  0.071   1.00 12.98 ? 107  TYR A CE2 1 
ATOM   827  C  CZ  . TYR A 1 127 ? 6.515   -2.865  -0.126  1.00 12.96 ? 107  TYR A CZ  1 
ATOM   828  O  OH  . TYR A 1 127 ? 7.164   -2.544  -1.301  1.00 12.95 ? 107  TYR A OH  1 
ATOM   829  N  N   . ILE A 1 128 ? 2.106   -3.689  1.199   1.00 13.62 ? 108  ILE A N   1 
ATOM   830  C  CA  . ILE A 1 128 ? 1.540   -4.332  0.025   1.00 13.40 ? 108  ILE A CA  1 
ATOM   831  C  C   . ILE A 1 128 ? 2.462   -4.221  -1.200  1.00 13.46 ? 108  ILE A C   1 
ATOM   832  O  O   . ILE A 1 128 ? 2.947   -3.126  -1.554  1.00 12.85 ? 108  ILE A O   1 
ATOM   833  C  CB  . ILE A 1 128 ? 0.130   -3.782  -0.291  1.00 13.20 ? 108  ILE A CB  1 
ATOM   834  C  CG1 . ILE A 1 128 ? -0.473  -4.506  -1.503  1.00 13.18 ? 108  ILE A CG1 1 
ATOM   835  C  CG2 . ILE A 1 128 ? 0.176   -2.265  -0.490  1.00 12.96 ? 108  ILE A CG2 1 
ATOM   836  C  CD1 . ILE A 1 128 ? -1.969  -4.297  -1.676  1.00 13.27 ? 108  ILE A CD1 1 
ATOM   837  N  N   . GLY A 1 129 ? 2.687   -5.370  -1.840  1.00 13.43 ? 109  GLY A N   1 
ATOM   838  C  CA  . GLY A 1 129 ? 3.535   -5.452  -3.035  1.00 13.68 ? 109  GLY A CA  1 
ATOM   839  C  C   . GLY A 1 129 ? 3.159   -6.614  -3.932  1.00 13.92 ? 109  GLY A C   1 
ATOM   840  O  O   . GLY A 1 129 ? 2.523   -7.587  -3.485  1.00 13.70 ? 109  GLY A O   1 
ATOM   841  N  N   . ASP A 1 130 ? 3.568   -6.524  -5.193  1.00 14.30 ? 110  ASP A N   1 
ATOM   842  C  CA  . ASP A 1 130 ? 3.186   -7.512  -6.210  1.00 15.09 ? 110  ASP A CA  1 
ATOM   843  C  C   . ASP A 1 130 ? 4.309   -8.457  -6.664  1.00 15.55 ? 110  ASP A C   1 
ATOM   844  O  O   . ASP A 1 130 ? 4.021   -9.485  -7.275  1.00 16.37 ? 110  ASP A O   1 
ATOM   845  C  CB  . ASP A 1 130 ? 2.593   -6.816  -7.444  1.00 14.94 ? 110  ASP A CB  1 
ATOM   846  C  CG  . ASP A 1 130 ? 3.650   -6.047  -8.246  1.00 15.16 ? 110  ASP A CG  1 
ATOM   847  O  OD1 . ASP A 1 130 ? 4.377   -5.228  -7.635  1.00 14.79 ? 110  ASP A OD1 1 
ATOM   848  O  OD2 . ASP A 1 130 ? 3.765   -6.275  -9.473  1.00 14.60 ? 110  ASP A OD2 1 
ATOM   849  N  N   . ASP A 1 131 ? 5.573   -8.125  -6.398  1.00 15.60 ? 111  ASP A N   1 
ATOM   850  C  CA  . ASP A 1 131 ? 6.680   -8.860  -7.024  1.00 15.57 ? 111  ASP A CA  1 
ATOM   851  C  C   . ASP A 1 131 ? 7.823   -9.207  -6.057  1.00 15.87 ? 111  ASP A C   1 
ATOM   852  O  O   . ASP A 1 131 ? 7.711   -9.031  -4.842  1.00 16.40 ? 111  ASP A O   1 
ATOM   853  C  CB  . ASP A 1 131 ? 7.211   -8.095  -8.261  1.00 15.26 ? 111  ASP A CB  1 
ATOM   854  C  CG  . ASP A 1 131 ? 7.629   -9.030  -9.408  1.00 15.54 ? 111  ASP A CG  1 
ATOM   855  O  OD1 . ASP A 1 131 ? 7.912   -10.216 -9.135  1.00 16.10 ? 111  ASP A OD1 1 
ATOM   856  O  OD2 . ASP A 1 131 ? 7.686   -8.591  -10.582 1.00 14.83 ? 111  ASP A OD2 1 
ATOM   857  N  N   . LEU A 1 132 ? 8.922   -9.704  -6.610  1.00 15.47 ? 112  LEU A N   1 
ATOM   858  C  CA  . LEU A 1 132 ? 10.035  -10.208 -5.804  1.00 15.20 ? 112  LEU A CA  1 
ATOM   859  C  C   . LEU A 1 132 ? 10.724  -9.221  -4.851  1.00 14.69 ? 112  LEU A C   1 
ATOM   860  O  O   . LEU A 1 132 ? 11.028  -9.614  -3.729  1.00 15.12 ? 112  LEU A O   1 
ATOM   861  C  CB  . LEU A 1 132 ? 11.050  -10.969 -6.670  1.00 14.69 ? 112  LEU A CB  1 
ATOM   862  C  CG  . LEU A 1 132 ? 10.467  -12.249 -7.284  1.00 14.80 ? 112  LEU A CG  1 
ATOM   863  C  CD1 . LEU A 1 132 ? 11.378  -12.791 -8.377  1.00 14.33 ? 112  LEU A CD1 1 
ATOM   864  C  CD2 . LEU A 1 132 ? 10.122  -13.320 -6.246  1.00 14.51 ? 112  LEU A CD2 1 
ATOM   865  N  N   . PRO A 1 133 ? 10.977  -7.956  -5.272  1.00 14.46 ? 113  PRO A N   1 
ATOM   866  C  CA  . PRO A 1 133 ? 11.581  -7.033  -4.284  1.00 14.26 ? 113  PRO A CA  1 
ATOM   867  C  C   . PRO A 1 133 ? 10.726  -6.758  -3.017  1.00 13.89 ? 113  PRO A C   1 
ATOM   868  O  O   . PRO A 1 133 ? 11.258  -6.288  -2.002  1.00 13.33 ? 113  PRO A O   1 
ATOM   869  C  CB  . PRO A 1 133 ? 11.811  -5.746  -5.084  1.00 14.35 ? 113  PRO A CB  1 
ATOM   870  C  CG  . PRO A 1 133 ? 11.894  -6.191  -6.501  1.00 14.60 ? 113  PRO A CG  1 
ATOM   871  C  CD  . PRO A 1 133 ? 10.976  -7.373  -6.629  1.00 14.47 ? 113  PRO A CD  1 
ATOM   872  N  N   . ASP A 1 134 ? 9.438   -7.078  -3.078  1.00 13.25 ? 114  ASP A N   1 
ATOM   873  C  CA  . ASP A 1 134 ? 8.508   -6.790  -1.991  1.00 13.78 ? 114  ASP A CA  1 
ATOM   874  C  C   . ASP A 1 134 ? 8.321   -7.979  -1.037  1.00 14.40 ? 114  ASP A C   1 
ATOM   875  O  O   . ASP A 1 134 ? 7.735   -7.826  0.034   1.00 14.78 ? 114  ASP A O   1 
ATOM   876  C  CB  . ASP A 1 134 ? 7.125   -6.433  -2.565  1.00 12.95 ? 114  ASP A CB  1 
ATOM   877  C  CG  . ASP A 1 134 ? 7.164   -5.300  -3.563  1.00 12.65 ? 114  ASP A CG  1 
ATOM   878  O  OD1 . ASP A 1 134 ? 7.494   -4.161  -3.163  1.00 12.08 ? 114  ASP A OD1 1 
ATOM   879  O  OD2 . ASP A 1 134 ? 6.815   -5.551  -4.742  1.00 12.39 ? 114  ASP A OD2 1 
ATOM   880  N  N   . LEU A 1 135 ? 8.764   -9.167  -1.448  1.00 14.61 ? 115  LEU A N   1 
ATOM   881  C  CA  . LEU A 1 135 ? 8.480   -10.405 -0.704  1.00 14.96 ? 115  LEU A CA  1 
ATOM   882  C  C   . LEU A 1 135 ? 8.900   -10.360 0.772   1.00 15.17 ? 115  LEU A C   1 
ATOM   883  O  O   . LEU A 1 135 ? 8.097   -10.675 1.657   1.00 15.45 ? 115  LEU A O   1 
ATOM   884  C  CB  . LEU A 1 135 ? 9.009   -11.636 -1.480  1.00 14.67 ? 115  LEU A CB  1 
ATOM   885  C  CG  . LEU A 1 135 ? 9.820   -12.872 -1.049  1.00 15.18 ? 115  LEU A CG  1 
ATOM   886  C  CD1 . LEU A 1 135 ? 9.643   -13.395 0.383   1.00 14.60 ? 115  LEU A CD1 1 
ATOM   887  C  CD2 . LEU A 1 135 ? 9.572   -13.988 -2.056  1.00 14.31 ? 115  LEU A CD2 1 
ATOM   888  N  N   . LYS A 1 136 ? 10.120  -9.916  1.042   1.00 15.30 ? 116  LYS A N   1 
ATOM   889  C  CA  . LYS A 1 136 ? 10.587  -9.806  2.425   1.00 15.66 ? 116  LYS A CA  1 
ATOM   890  C  C   . LYS A 1 136 ? 9.849   -8.752  3.256   1.00 15.36 ? 116  LYS A C   1 
ATOM   891  O  O   . LYS A 1 136 ? 9.592   -8.975  4.441   1.00 15.32 ? 116  LYS A O   1 
ATOM   892  C  CB  . LYS A 1 136 ? 12.103  -9.594  2.483   1.00 16.52 ? 116  LYS A CB  1 
ATOM   893  C  CG  . LYS A 1 136 ? 12.877  -10.864 2.170   1.00 17.36 ? 116  LYS A CG  1 
ATOM   894  C  CD  . LYS A 1 136 ? 14.222  -10.911 2.875   1.00 18.69 ? 116  LYS A CD  1 
ATOM   895  C  CE  . LYS A 1 136 ? 15.242  -10.028 2.185   1.00 19.05 ? 116  LYS A CE  1 
ATOM   896  N  NZ  . LYS A 1 136 ? 16.604  -10.594 2.370   1.00 19.87 ? 116  LYS A NZ  1 
ATOM   897  N  N   . ALA A 1 137 ? 9.513   -7.611  2.648   1.00 14.85 ? 117  ALA A N   1 
ATOM   898  C  CA  . ALA A 1 137 ? 8.726   -6.595  3.347   1.00 14.38 ? 117  ALA A CA  1 
ATOM   899  C  C   . ALA A 1 137 ? 7.328   -7.136  3.624   1.00 14.32 ? 117  ALA A C   1 
ATOM   900  O  O   . ALA A 1 137 ? 6.771   -6.926  4.705   1.00 14.47 ? 117  ALA A O   1 
ATOM   901  C  CB  . ALA A 1 137 ? 8.663   -5.291  2.556   1.00 13.78 ? 117  ALA A CB  1 
ATOM   902  N  N   . VAL A 1 138 ? 6.772   -7.839  2.645   1.00 14.39 ? 118  VAL A N   1 
ATOM   903  C  CA  . VAL A 1 138 ? 5.464   -8.486  2.796   1.00 14.69 ? 118  VAL A CA  1 
ATOM   904  C  C   . VAL A 1 138 ? 5.499   -9.548  3.899   1.00 15.44 ? 118  VAL A C   1 
ATOM   905  O  O   . VAL A 1 138 ? 4.574   -9.651  4.712   1.00 15.19 ? 118  VAL A O   1 
ATOM   906  C  CB  . VAL A 1 138 ? 4.975   -9.104  1.464   1.00 14.37 ? 118  VAL A CB  1 
ATOM   907  C  CG1 . VAL A 1 138 ? 3.838   -10.107 1.700   1.00 13.98 ? 118  VAL A CG1 1 
ATOM   908  C  CG2 . VAL A 1 138 ? 4.541   -8.009  0.505   1.00 13.61 ? 118  VAL A CG2 1 
ATOM   909  N  N   . ARG A 1 139 ? 6.573   -10.330 3.918   1.00 16.50 ? 119  ARG A N   1 
ATOM   910  C  CA  . ARG A 1 139 ? 6.723   -11.393 4.902   1.00 17.70 ? 119  ARG A CA  1 
ATOM   911  C  C   . ARG A 1 139 ? 6.929   -10.812 6.293   1.00 17.95 ? 119  ARG A C   1 
ATOM   912  O  O   . ARG A 1 139 ? 6.314   -11.266 7.248   1.00 17.10 ? 119  ARG A O   1 
ATOM   913  C  CB  . ARG A 1 139 ? 7.907   -12.290 4.552   1.00 17.89 ? 119  ARG A CB  1 
ATOM   914  C  CG  . ARG A 1 139 ? 8.127   -13.442 5.525   1.00 18.68 ? 119  ARG A CG  1 
ATOM   915  C  CD  . ARG A 1 139 ? 9.617   -13.594 5.822   1.00 18.60 ? 119  ARG A CD  1 
ATOM   916  N  NE  . ARG A 1 139 ? 10.325  -14.246 4.740   1.00 18.82 ? 119  ARG A NE  1 
ATOM   917  C  CZ  . ARG A 1 139 ? 11.584  -13.999 4.376   1.00 18.93 ? 119  ARG A CZ  1 
ATOM   918  N  NH1 . ARG A 1 139 ? 12.314  -13.075 4.998   1.00 18.17 ? 119  ARG A NH1 1 
ATOM   919  N  NH2 . ARG A 1 139 ? 12.105  -14.684 3.362   1.00 18.61 ? 119  ARG A NH2 1 
ATOM   920  N  N   . GLU A 1 140 ? 7.791   -9.803  6.397   1.00 18.47 ? 120  GLU A N   1 
ATOM   921  C  CA  . GLU A 1 140 ? 8.256   -9.379  7.706   1.00 19.56 ? 120  GLU A CA  1 
ATOM   922  C  C   . GLU A 1 140 ? 7.370   -8.346  8.405   1.00 19.69 ? 120  GLU A C   1 
ATOM   923  O  O   . GLU A 1 140 ? 7.431   -8.224  9.631   1.00 19.68 ? 120  GLU A O   1 
ATOM   924  C  CB  . GLU A 1 140 ? 9.721   -8.924  7.669   1.00 19.98 ? 120  GLU A CB  1 
ATOM   925  C  CG  . GLU A 1 140 ? 10.737  -10.031 7.387   1.00 21.37 ? 120  GLU A CG  1 
ATOM   926  C  CD  . GLU A 1 140 ? 10.676  -11.203 8.365   1.00 21.63 ? 120  GLU A CD  1 
ATOM   927  O  OE1 . GLU A 1 140 ? 10.454  -11.005 9.579   1.00 21.14 ? 120  GLU A OE1 1 
ATOM   928  O  OE2 . GLU A 1 140 ? 10.856  -12.347 7.911   1.00 22.98 ? 120  GLU A OE2 1 
ATOM   929  N  N   . ALA A 1 141 ? 6.551   -7.622  7.641   1.00 19.33 ? 121  ALA A N   1 
ATOM   930  C  CA  . ALA A 1 141 ? 5.641   -6.618  8.230   1.00 19.43 ? 121  ALA A CA  1 
ATOM   931  C  C   . ALA A 1 141 ? 4.548   -7.267  9.071   1.00 19.01 ? 121  ALA A C   1 
ATOM   932  O  O   . ALA A 1 141 ? 4.181   -8.428  8.851   1.00 19.32 ? 121  ALA A O   1 
ATOM   933  C  CB  . ALA A 1 141 ? 5.019   -5.741  7.147   1.00 19.22 ? 121  ALA A CB  1 
ATOM   934  N  N   . GLY A 1 142 ? 4.018   -6.516  10.029  1.00 18.69 ? 122  GLY A N   1 
ATOM   935  C  CA  . GLY A 1 142 ? 2.901   -7.006  10.834  1.00 18.09 ? 122  GLY A CA  1 
ATOM   936  C  C   . GLY A 1 142 ? 1.736   -7.488  9.986   1.00 17.68 ? 122  GLY A C   1 
ATOM   937  O  O   . GLY A 1 142 ? 1.129   -8.522  10.273  1.00 17.79 ? 122  GLY A O   1 
ATOM   938  N  N   . PHE A 1 143 ? 1.414   -6.727  8.948   1.00 16.62 ? 123  PHE A N   1 
ATOM   939  C  CA  . PHE A 1 143 ? 0.362   -7.109  8.020   1.00 16.00 ? 123  PHE A CA  1 
ATOM   940  C  C   . PHE A 1 143 ? 0.892   -7.036  6.584   1.00 15.84 ? 123  PHE A C   1 
ATOM   941  O  O   . PHE A 1 143 ? 1.172   -5.951  6.066   1.00 15.69 ? 123  PHE A O   1 
ATOM   942  C  CB  . PHE A 1 143 ? -0.873  -6.228  8.222   1.00 15.52 ? 123  PHE A CB  1 
ATOM   943  C  CG  . PHE A 1 143 ? -2.062  -6.623  7.382   1.00 15.59 ? 123  PHE A CG  1 
ATOM   944  C  CD1 . PHE A 1 143 ? -2.339  -7.961  7.104   1.00 15.92 ? 123  PHE A CD1 1 
ATOM   945  C  CD2 . PHE A 1 143 ? -2.945  -5.650  6.912   1.00 15.28 ? 123  PHE A CD2 1 
ATOM   946  C  CE1 . PHE A 1 143 ? -3.455  -8.313  6.352   1.00 15.54 ? 123  PHE A CE1 1 
ATOM   947  C  CE2 . PHE A 1 143 ? -4.057  -6.000  6.162   1.00 15.31 ? 123  PHE A CE2 1 
ATOM   948  C  CZ  . PHE A 1 143 ? -4.306  -7.329  5.873   1.00 15.09 ? 123  PHE A CZ  1 
ATOM   949  N  N   . GLY A 1 144 ? 1.066   -8.204  5.967   1.00 15.28 ? 124  GLY A N   1 
ATOM   950  C  CA  . GLY A 1 144 ? 1.604   -8.273  4.621   1.00 14.72 ? 124  GLY A CA  1 
ATOM   951  C  C   . GLY A 1 144 ? 0.539   -8.630  3.612   1.00 14.31 ? 124  GLY A C   1 
ATOM   952  O  O   . GLY A 1 144 ? -0.197  -9.615  3.796   1.00 14.49 ? 124  GLY A O   1 
ATOM   953  N  N   . ILE A 1 145 ? 0.478   -7.847  2.536   1.00 13.68 ? 125  ILE A N   1 
ATOM   954  C  CA  . ILE A 1 145 ? -0.535  -8.025  1.501   1.00 13.74 ? 125  ILE A CA  1 
ATOM   955  C  C   . ILE A 1 145 ? 0.074   -8.164  0.100   1.00 13.99 ? 125  ILE A C   1 
ATOM   956  O  O   . ILE A 1 145 ? 1.041   -7.468  -0.243  1.00 12.96 ? 125  ILE A O   1 
ATOM   957  C  CB  . ILE A 1 145 ? -1.560  -6.856  1.470   1.00 13.67 ? 125  ILE A CB  1 
ATOM   958  C  CG1 . ILE A 1 145 ? -2.067  -6.480  2.871   1.00 13.88 ? 125  ILE A CG1 1 
ATOM   959  C  CG2 . ILE A 1 145 ? -2.749  -7.205  0.598   1.00 13.68 ? 125  ILE A CG2 1 
ATOM   960  C  CD1 . ILE A 1 145 ? -1.391  -5.270  3.487   1.00 13.51 ? 125  ILE A CD1 1 
ATOM   961  N  N   . SER A 1 146 ? -0.502  -9.063  -0.702  1.00 13.95 ? 126  SER A N   1 
ATOM   962  C  CA  . SER A 1 146 ? -0.231  -9.067  -2.134  1.00 15.07 ? 126  SER A CA  1 
ATOM   963  C  C   . SER A 1 146 ? -1.532  -9.086  -2.946  1.00 16.25 ? 126  SER A C   1 
ATOM   964  O  O   . SER A 1 146 ? -2.621  -8.912  -2.400  1.00 16.99 ? 126  SER A O   1 
ATOM   965  C  CB  . SER A 1 146 ? 0.709   -10.210 -2.536  1.00 14.58 ? 126  SER A CB  1 
ATOM   966  O  OG  . SER A 1 146 ? 1.169   -10.017 -3.854  1.00 14.11 ? 126  SER A OG  1 
ATOM   967  N  N   . VAL A 1 147 ? -1.408  -9.279  -4.253  1.00 17.53 ? 127  VAL A N   1 
ATOM   968  C  CA  . VAL A 1 147 ? -2.536  -9.115  -5.172  1.00 17.63 ? 127  VAL A CA  1 
ATOM   969  C  C   . VAL A 1 147 ? -2.659  -10.340 -6.081  1.00 18.45 ? 127  VAL A C   1 
ATOM   970  O  O   . VAL A 1 147 ? -1.711  -11.130 -6.172  1.00 18.27 ? 127  VAL A O   1 
ATOM   971  C  CB  . VAL A 1 147 ? -2.398  -7.815  -5.997  1.00 17.54 ? 127  VAL A CB  1 
ATOM   972  C  CG1 . VAL A 1 147 ? -2.592  -6.599  -5.095  1.00 17.49 ? 127  VAL A CG1 1 
ATOM   973  C  CG2 . VAL A 1 147 ? -1.055  -7.746  -6.727  1.00 17.29 ? 127  VAL A CG2 1 
ATOM   974  N  N   . PRO A 1 148 ? -3.818  -10.514 -6.759  1.00 19.28 ? 128  PRO A N   1 
ATOM   975  C  CA  . PRO A 1 148 ? -4.002  -11.749 -7.533  1.00 19.62 ? 128  PRO A CA  1 
ATOM   976  C  C   . PRO A 1 148 ? -2.956  -11.926 -8.642  1.00 20.72 ? 128  PRO A C   1 
ATOM   977  O  O   . PRO A 1 148 ? -2.550  -13.052 -8.936  1.00 21.54 ? 128  PRO A O   1 
ATOM   978  C  CB  . PRO A 1 148 ? -5.416  -11.593 -8.114  1.00 19.59 ? 128  PRO A CB  1 
ATOM   979  C  CG  . PRO A 1 148 ? -6.085  -10.585 -7.230  1.00 19.39 ? 128  PRO A CG  1 
ATOM   980  C  CD  . PRO A 1 148 ? -4.996  -9.630  -6.864  1.00 18.90 ? 128  PRO A CD  1 
ATOM   981  N  N   . ASN A 1 149 ? -2.499  -10.828 -9.231  1.00 21.28 ? 129  ASN A N   1 
ATOM   982  C  CA  . ASN A 1 149 ? -1.451  -10.923 -10.228 1.00 21.65 ? 129  ASN A CA  1 
ATOM   983  C  C   . ASN A 1 149 ? -0.043  -10.734 -9.656  1.00 20.90 ? 129  ASN A C   1 
ATOM   984  O  O   . ASN A 1 149 ? 0.915   -10.481 -10.386 1.00 21.13 ? 129  ASN A O   1 
ATOM   985  C  CB  . ASN A 1 149 ? -1.747  -9.996  -11.407 1.00 23.02 ? 129  ASN A CB  1 
ATOM   986  C  CG  . ASN A 1 149 ? -2.893  -10.511 -12.265 1.00 24.49 ? 129  ASN A CG  1 
ATOM   987  O  OD1 . ASN A 1 149 ? -2.692  -11.339 -13.157 1.00 25.85 ? 129  ASN A OD1 1 
ATOM   988  N  ND2 . ASN A 1 149 ? -4.107  -10.033 -11.990 1.00 24.95 ? 129  ASN A ND2 1 
ATOM   989  N  N   . GLY A 1 150 ? 0.070   -10.881 -8.344  1.00 20.04 ? 130  GLY A N   1 
ATOM   990  C  CA  . GLY A 1 150 ? 1.370   -10.889 -7.689  1.00 18.92 ? 130  GLY A CA  1 
ATOM   991  C  C   . GLY A 1 150 ? 2.100   -12.178 -8.033  1.00 18.30 ? 130  GLY A C   1 
ATOM   992  O  O   . GLY A 1 150 ? 1.458   -13.194 -8.323  1.00 17.27 ? 130  GLY A O   1 
ATOM   993  N  N   . CYS A 1 151 ? 3.437   -12.137 -8.017  1.00 17.58 ? 131  CYS A N   1 
ATOM   994  C  CA  . CYS A 1 151 ? 4.228   -13.334 -8.262  1.00 17.70 ? 131  CYS A CA  1 
ATOM   995  C  C   . CYS A 1 151 ? 3.952   -14.305 -7.125  1.00 18.02 ? 131  CYS A C   1 
ATOM   996  O  O   . CYS A 1 151 ? 3.666   -13.886 -6.005  1.00 17.48 ? 131  CYS A O   1 
ATOM   997  C  CB  . CYS A 1 151 ? 5.717   -13.010 -8.369  1.00 17.55 ? 131  CYS A CB  1 
ATOM   998  S  SG  . CYS A 1 151 ? 6.468   -12.480 -6.819  1.00 17.89 ? 131  CYS A SG  1 
ATOM   999  N  N   . GLU A 1 152 ? 4.011   -15.594 -7.428  1.00 18.51 ? 132  GLU A N   1 
ATOM   1000 C  CA  . GLU A 1 152 ? 3.605   -16.640 -6.496  1.00 19.81 ? 132  GLU A CA  1 
ATOM   1001 C  C   . GLU A 1 152 ? 4.348   -16.570 -5.171  1.00 19.14 ? 132  GLU A C   1 
ATOM   1002 O  O   . GLU A 1 152 ? 3.759   -16.772 -4.104  1.00 18.80 ? 132  GLU A O   1 
ATOM   1003 C  CB  . GLU A 1 152 ? 3.833   -18.010 -7.144  1.00 22.35 ? 132  GLU A CB  1 
ATOM   1004 C  CG  . GLU A 1 152 ? 3.274   -19.194 -6.382  1.00 25.22 ? 132  GLU A CG  1 
ATOM   1005 C  CD  . GLU A 1 152 ? 3.367   -20.487 -7.182  1.00 28.66 ? 132  GLU A CD  1 
ATOM   1006 O  OE1 . GLU A 1 152 ? 3.869   -20.426 -8.331  1.00 29.40 ? 132  GLU A OE1 1 
ATOM   1007 O  OE2 . GLU A 1 152 ? 2.930   -21.556 -6.672  1.00 27.90 ? 132  GLU A OE2 1 
ATOM   1008 N  N   . GLN A 1 153 ? 5.643   -16.274 -5.256  1.00 18.59 ? 133  GLN A N   1 
ATOM   1009 C  CA  . GLN A 1 153 ? 6.549   -16.267 -4.103  1.00 17.90 ? 133  GLN A CA  1 
ATOM   1010 C  C   . GLN A 1 153 ? 6.159   -15.215 -3.065  1.00 17.61 ? 133  GLN A C   1 
ATOM   1011 O  O   . GLN A 1 153 ? 6.205   -15.487 -1.860  1.00 17.10 ? 133  GLN A O   1 
ATOM   1012 C  CB  . GLN A 1 153 ? 7.997   -16.046 -4.557  1.00 17.94 ? 133  GLN A CB  1 
ATOM   1013 C  CG  . GLN A 1 153 ? 8.569   -17.140 -5.445  1.00 17.73 ? 133  GLN A CG  1 
ATOM   1014 C  CD  . GLN A 1 153 ? 8.073   -17.084 -6.877  1.00 17.56 ? 133  GLN A CD  1 
ATOM   1015 O  OE1 . GLN A 1 153 ? 8.161   -18.073 -7.602  1.00 18.59 ? 133  GLN A OE1 1 
ATOM   1016 N  NE2 . GLN A 1 153 ? 7.535   -15.942 -7.290  1.00 17.33 ? 133  GLN A NE2 1 
ATOM   1017 N  N   . THR A 1 154 ? 5.772   -14.028 -3.537  1.00 16.84 ? 134  THR A N   1 
ATOM   1018 C  CA  . THR A 1 154 ? 5.279   -12.979 -2.657  1.00 16.75 ? 134  THR A CA  1 
ATOM   1019 C  C   . THR A 1 154 ? 3.883   -13.302 -2.093  1.00 17.29 ? 134  THR A C   1 
ATOM   1020 O  O   . THR A 1 154 ? 3.591   -13.008 -0.929  1.00 16.70 ? 134  THR A O   1 
ATOM   1021 C  CB  . THR A 1 154 ? 5.256   -11.620 -3.363  1.00 16.56 ? 134  THR A CB  1 
ATOM   1022 O  OG1 . THR A 1 154 ? 6.585   -11.271 -3.780  1.00 16.04 ? 134  THR A OG1 1 
ATOM   1023 C  CG2 . THR A 1 154 ? 4.735   -10.546 -2.417  1.00 16.22 ? 134  THR A CG2 1 
ATOM   1024 N  N   . ARG A 1 155 ? 3.028   -13.898 -2.920  1.00 17.69 ? 135  ARG A N   1 
ATOM   1025 C  CA  . ARG A 1 155 ? 1.690   -14.305 -2.479  1.00 18.70 ? 135  ARG A CA  1 
ATOM   1026 C  C   . ARG A 1 155 ? 1.775   -15.389 -1.416  1.00 19.20 ? 135  ARG A C   1 
ATOM   1027 O  O   . ARG A 1 155 ? 0.989   -15.389 -0.462  1.00 19.98 ? 135  ARG A O   1 
ATOM   1028 C  CB  . ARG A 1 155 ? 0.837   -14.799 -3.657  1.00 18.16 ? 135  ARG A CB  1 
ATOM   1029 C  CG  . ARG A 1 155 ? 0.244   -13.696 -4.514  1.00 17.69 ? 135  ARG A CG  1 
ATOM   1030 C  CD  . ARG A 1 155 ? -0.716  -14.256 -5.554  1.00 18.28 ? 135  ARG A CD  1 
ATOM   1031 N  NE  . ARG A 1 155 ? -0.027  -14.801 -6.733  1.00 19.03 ? 135  ARG A NE  1 
ATOM   1032 C  CZ  . ARG A 1 155 ? -0.099  -16.071 -7.131  1.00 19.04 ? 135  ARG A CZ  1 
ATOM   1033 N  NH1 . ARG A 1 155 ? -0.832  -16.948 -6.465  1.00 19.95 ? 135  ARG A NH1 1 
ATOM   1034 N  NH2 . ARG A 1 155 ? 0.553   -16.470 -8.206  1.00 19.38 ? 135  ARG A NH2 1 
ATOM   1035 N  N   . ALA A 1 156 ? 2.743   -16.293 -1.581  1.00 19.27 ? 136  ALA A N   1 
ATOM   1036 C  CA  . ALA A 1 156 ? 2.968   -17.408 -0.661  1.00 19.11 ? 136  ALA A CA  1 
ATOM   1037 C  C   . ALA A 1 156 ? 3.241   -16.938 0.763   1.00 19.33 ? 136  ALA A C   1 
ATOM   1038 O  O   . ALA A 1 156 ? 2.927   -17.637 1.741   1.00 18.93 ? 136  ALA A O   1 
ATOM   1039 C  CB  . ALA A 1 156 ? 4.128   -18.260 -1.151  1.00 18.82 ? 136  ALA A CB  1 
ATOM   1040 N  N   . VAL A 1 157 ? 3.805   -15.737 0.856   1.00 18.78 ? 137  VAL A N   1 
ATOM   1041 C  CA  . VAL A 1 157 ? 4.371   -15.206 2.084   1.00 18.77 ? 137  VAL A CA  1 
ATOM   1042 C  C   . VAL A 1 157 ? 3.489   -14.086 2.697   1.00 19.06 ? 137  VAL A C   1 
ATOM   1043 O  O   . VAL A 1 157 ? 3.837   -13.458 3.704   1.00 18.69 ? 137  VAL A O   1 
ATOM   1044 C  CB  . VAL A 1 157 ? 5.840   -14.789 1.782   1.00 18.86 ? 137  VAL A CB  1 
ATOM   1045 C  CG1 . VAL A 1 157 ? 6.019   -13.297 1.513   1.00 17.90 ? 137  VAL A CG1 1 
ATOM   1046 C  CG2 . VAL A 1 157 ? 6.806   -15.360 2.804   1.00 18.89 ? 137  VAL A CG2 1 
ATOM   1047 N  N   . SER A 1 158 ? 2.321   -13.859 2.104   1.00 19.15 ? 138  SER A N   1 
ATOM   1048 C  CA  . SER A 1 158 ? 1.485   -12.752 2.528   1.00 19.13 ? 138  SER A CA  1 
ATOM   1049 C  C   . SER A 1 158 ? 0.424   -13.223 3.521   1.00 19.24 ? 138  SER A C   1 
ATOM   1050 O  O   . SER A 1 158 ? 0.118   -14.417 3.589   1.00 20.20 ? 138  SER A O   1 
ATOM   1051 C  CB  . SER A 1 158 ? 0.848   -12.093 1.321   1.00 19.43 ? 138  SER A CB  1 
ATOM   1052 O  OG  . SER A 1 158 ? -0.156  -12.926 0.789   1.00 20.38 ? 138  SER A OG  1 
ATOM   1053 N  N   . ASP A 1 159 ? -0.119  -12.287 4.298   1.00 18.68 ? 139  ASP A N   1 
ATOM   1054 C  CA  . ASP A 1 159 ? -1.208  -12.586 5.235   1.00 18.23 ? 139  ASP A CA  1 
ATOM   1055 C  C   . ASP A 1 159 ? -2.540  -12.501 4.527   1.00 18.55 ? 139  ASP A C   1 
ATOM   1056 O  O   . ASP A 1 159 ? -3.534  -13.090 4.965   1.00 19.79 ? 139  ASP A O   1 
ATOM   1057 C  CB  . ASP A 1 159 ? -1.207  -11.588 6.386   1.00 17.52 ? 139  ASP A CB  1 
ATOM   1058 C  CG  . ASP A 1 159 ? 0.060   -11.644 7.184   1.00 17.32 ? 139  ASP A CG  1 
ATOM   1059 O  OD1 . ASP A 1 159 ? 0.374   -12.736 7.708   1.00 17.21 ? 139  ASP A OD1 1 
ATOM   1060 O  OD2 . ASP A 1 159 ? 0.748   -10.605 7.271   1.00 17.28 ? 139  ASP A OD2 1 
ATOM   1061 N  N   . TYR A 1 160 ? -2.566  -11.742 3.444   1.00 17.88 ? 140  TYR A N   1 
ATOM   1062 C  CA  . TYR A 1 160 ? -3.792  -11.499 2.723   1.00 17.61 ? 140  TYR A CA  1 
ATOM   1063 C  C   . TYR A 1 160 ? -3.481  -11.220 1.263   1.00 17.45 ? 140  TYR A C   1 
ATOM   1064 O  O   . TYR A 1 160 ? -2.472  -10.586 0.937   1.00 17.17 ? 140  TYR A O   1 
ATOM   1065 C  CB  . TYR A 1 160 ? -4.539  -10.323 3.363   1.00 18.20 ? 140  TYR A CB  1 
ATOM   1066 C  CG  . TYR A 1 160 ? -5.853  -9.992  2.702   1.00 18.60 ? 140  TYR A CG  1 
ATOM   1067 C  CD1 . TYR A 1 160 ? -6.940  -10.866 2.789   1.00 18.62 ? 140  TYR A CD1 1 
ATOM   1068 C  CD2 . TYR A 1 160 ? -6.012  -8.800  1.991   1.00 18.49 ? 140  TYR A CD2 1 
ATOM   1069 C  CE1 . TYR A 1 160 ? -8.150  -10.566 2.175   1.00 19.03 ? 140  TYR A CE1 1 
ATOM   1070 C  CE2 . TYR A 1 160 ? -7.216  -8.492  1.376   1.00 18.49 ? 140  TYR A CE2 1 
ATOM   1071 C  CZ  . TYR A 1 160 ? -8.281  -9.374  1.468   1.00 18.94 ? 140  TYR A CZ  1 
ATOM   1072 O  OH  . TYR A 1 160 ? -9.484  -9.067  0.860   1.00 18.32 ? 140  TYR A OH  1 
ATOM   1073 N  N   . ILE A 1 161 ? -4.340  -11.742 0.397   1.00 17.70 ? 141  ILE A N   1 
ATOM   1074 C  CA  . ILE A 1 161 ? -4.325  -11.464 -1.030  1.00 17.79 ? 141  ILE A CA  1 
ATOM   1075 C  C   . ILE A 1 161 ? -5.637  -10.777 -1.356  1.00 17.15 ? 141  ILE A C   1 
ATOM   1076 O  O   . ILE A 1 161 ? -6.714  -11.325 -1.101  1.00 16.48 ? 141  ILE A O   1 
ATOM   1077 C  CB  . ILE A 1 161 ? -4.263  -12.753 -1.877  1.00 18.08 ? 141  ILE A CB  1 
ATOM   1078 C  CG1 . ILE A 1 161 ? -3.048  -13.598 -1.503  1.00 18.54 ? 141  ILE A CG1 1 
ATOM   1079 C  CG2 . ILE A 1 161 ? -4.232  -12.406 -3.365  1.00 18.54 ? 141  ILE A CG2 1 
ATOM   1080 C  CD1 . ILE A 1 161 ? -1.748  -12.828 -1.547  1.00 19.29 ? 141  ILE A CD1 1 
ATOM   1081 N  N   . THR A 1 162 ? -5.555  -9.586  -1.932  1.00 16.75 ? 142  THR A N   1 
ATOM   1082 C  CA  . THR A 1 162 ? -6.768  -8.841  -2.244  1.00 16.91 ? 142  THR A CA  1 
ATOM   1083 C  C   . THR A 1 162 ? -7.598  -9.609  -3.263  1.00 17.29 ? 142  THR A C   1 
ATOM   1084 O  O   . THR A 1 162 ? -7.072  -10.486 -3.965  1.00 16.57 ? 142  THR A O   1 
ATOM   1085 C  CB  . THR A 1 162 ? -6.437  -7.440  -2.775  1.00 16.94 ? 142  THR A CB  1 
ATOM   1086 O  OG1 . THR A 1 162 ? -5.704  -7.554  -3.998  1.00 16.47 ? 142  THR A OG1 1 
ATOM   1087 C  CG2 . THR A 1 162 ? -5.602  -6.694  -1.755  1.00 16.74 ? 142  THR A CG2 1 
ATOM   1088 N  N   . THR A 1 163 ? -8.893  -9.307  -3.309  1.00 18.12 ? 143  THR A N   1 
ATOM   1089 C  CA  . THR A 1 163 ? -9.774  -9.795  -4.376  1.00 19.09 ? 143  THR A CA  1 
ATOM   1090 C  C   . THR A 1 163 ? -9.606  -8.934  -5.635  1.00 19.40 ? 143  THR A C   1 
ATOM   1091 O  O   . THR A 1 163 ? -9.418  -9.466  -6.728  1.00 19.66 ? 143  THR A O   1 
ATOM   1092 C  CB  . THR A 1 163 ? -11.250 -9.799  -3.934  1.00 19.69 ? 143  THR A CB  1 
ATOM   1093 O  OG1 . THR A 1 163 ? -11.398 -10.650 -2.788  1.00 21.18 ? 143  THR A OG1 1 
ATOM   1094 C  CG2 . THR A 1 163 ? -12.170 -10.300 -5.054  1.00 19.48 ? 143  THR A CG2 1 
ATOM   1095 N  N   . LYS A 1 164 ? -9.679  -7.615  -5.478  1.00 19.26 ? 144  LYS A N   1 
ATOM   1096 C  CA  . LYS A 1 164 ? -9.469  -6.698  -6.598  1.00 19.44 ? 144  LYS A CA  1 
ATOM   1097 C  C   . LYS A 1 164 ? -7.991  -6.637  -6.943  1.00 18.38 ? 144  LYS A C   1 
ATOM   1098 O  O   . LYS A 1 164 ? -7.142  -6.845  -6.087  1.00 18.28 ? 144  LYS A O   1 
ATOM   1099 C  CB  . LYS A 1 164 ? -10.013 -5.303  -6.279  1.00 20.89 ? 144  LYS A CB  1 
ATOM   1100 C  CG  . LYS A 1 164 ? -11.535 -5.229  -6.228  1.00 22.85 ? 144  LYS A CG  1 
ATOM   1101 C  CD  . LYS A 1 164 ? -11.985 -4.155  -5.248  1.00 24.29 ? 144  LYS A CD  1 
ATOM   1102 C  CE  . LYS A 1 164 ? -13.481 -4.217  -4.974  1.00 24.89 ? 144  LYS A CE  1 
ATOM   1103 N  NZ  . LYS A 1 164 ? -14.188 -2.968  -5.389  1.00 25.78 ? 144  LYS A NZ  1 
ATOM   1104 N  N   . THR A 1 165 ? -7.697  -6.363  -8.204  1.00 17.34 ? 145  THR A N   1 
ATOM   1105 C  CA  . THR A 1 165 ? -6.339  -6.368  -8.704  1.00 17.01 ? 145  THR A CA  1 
ATOM   1106 C  C   . THR A 1 165 ? -5.718  -4.972  -8.604  1.00 16.55 ? 145  THR A C   1 
ATOM   1107 O  O   . THR A 1 165 ? -6.421  -3.999  -8.341  1.00 15.78 ? 145  THR A O   1 
ATOM   1108 C  CB  . THR A 1 165 ? -6.321  -6.808  -10.169 1.00 17.50 ? 145  THR A CB  1 
ATOM   1109 O  OG1 . THR A 1 165 ? -7.114  -5.895  -10.937 1.00 18.86 ? 145  THR A OG1 1 
ATOM   1110 C  CG2 . THR A 1 165 ? -6.898  -8.202  -10.321 1.00 18.10 ? 145  THR A CG2 1 
ATOM   1111 N  N   . GLY A 1 166 ? -4.405  -4.887  -8.855  1.00 16.04 ? 146  GLY A N   1 
ATOM   1112 C  CA  . GLY A 1 166 ? -3.640  -3.637  -8.743  1.00 15.23 ? 146  GLY A CA  1 
ATOM   1113 C  C   . GLY A 1 166 ? -4.094  -2.583  -9.724  1.00 14.95 ? 146  GLY A C   1 
ATOM   1114 O  O   . GLY A 1 166 ? -4.342  -2.880  -10.889 1.00 14.38 ? 146  GLY A O   1 
ATOM   1115 N  N   . GLY A 1 167 ? -4.228  -1.352  -9.248  1.00 14.78 ? 147  GLY A N   1 
ATOM   1116 C  CA  . GLY A 1 167 ? -4.771  -0.269  -10.075 1.00 16.36 ? 147  GLY A CA  1 
ATOM   1117 C  C   . GLY A 1 167 ? -6.245  -0.476  -10.388 1.00 16.82 ? 147  GLY A C   1 
ATOM   1118 O  O   . GLY A 1 167 ? -6.784  0.129   -11.299 1.00 17.30 ? 147  GLY A O   1 
ATOM   1119 N  N   . ASN A 1 168 ? -6.897  -1.337  -9.620  1.00 17.27 ? 148  ASN A N   1 
ATOM   1120 C  CA  . ASN A 1 168 ? -8.311  -1.610  -9.808  1.00 18.24 ? 148  ASN A CA  1 
ATOM   1121 C  C   . ASN A 1 168 ? -9.039  -1.763  -8.480  1.00 17.40 ? 148  ASN A C   1 
ATOM   1122 O  O   . ASN A 1 168 ? -10.133 -2.316  -8.418  1.00 17.12 ? 148  ASN A O   1 
ATOM   1123 C  CB  . ASN A 1 168 ? -8.497  -2.856  -10.678 1.00 19.85 ? 148  ASN A CB  1 
ATOM   1124 C  CG  . ASN A 1 168 ? -8.419  -2.542  -12.155 1.00 21.28 ? 148  ASN A CG  1 
ATOM   1125 O  OD1 . ASN A 1 168 ? -7.474  -2.941  -12.842 1.00 22.45 ? 148  ASN A OD1 1 
ATOM   1126 N  ND2 . ASN A 1 168 ? -9.405  -1.794  -12.649 1.00 22.05 ? 148  ASN A ND2 1 
ATOM   1127 N  N   . GLY A 1 169 ? -8.416  -1.272  -7.415  1.00 17.22 ? 149  GLY A N   1 
ATOM   1128 C  CA  . GLY A 1 169 ? -9.072  -1.235  -6.111  1.00 16.81 ? 149  GLY A CA  1 
ATOM   1129 C  C   . GLY A 1 169 ? -8.544  -2.236  -5.109  1.00 16.21 ? 149  GLY A C   1 
ATOM   1130 O  O   . GLY A 1 169 ? -9.187  -2.478  -4.080  1.00 16.33 ? 149  GLY A O   1 
ATOM   1131 N  N   . ALA A 1 170 ? -7.382  -2.823  -5.399  1.00 15.22 ? 150  ALA A N   1 
ATOM   1132 C  CA  . ALA A 1 170 ? -6.669  -3.614  -4.398  1.00 14.62 ? 150  ALA A CA  1 
ATOM   1133 C  C   . ALA A 1 170 ? -6.378  -2.764  -3.158  1.00 14.36 ? 150  ALA A C   1 
ATOM   1134 O  O   . ALA A 1 170 ? -6.587  -3.211  -2.026  1.00 14.23 ? 150  ALA A O   1 
ATOM   1135 C  CB  . ALA A 1 170 ? -5.380  -4.175  -4.975  1.00 14.39 ? 150  ALA A CB  1 
ATOM   1136 N  N   . VAL A 1 171 ? -5.904  -1.539  -3.381  1.00 13.91 ? 151  VAL A N   1 
ATOM   1137 C  CA  . VAL A 1 171 ? -5.585  -0.606  -2.296  1.00 13.98 ? 151  VAL A CA  1 
ATOM   1138 C  C   . VAL A 1 171 ? -6.842  -0.172  -1.534  1.00 13.92 ? 151  VAL A C   1 
ATOM   1139 O  O   . VAL A 1 171 ? -6.903  -0.254  -0.301  1.00 14.03 ? 151  VAL A O   1 
ATOM   1140 C  CB  . VAL A 1 171 ? -4.789  0.615   -2.811  1.00 13.88 ? 151  VAL A CB  1 
ATOM   1141 C  CG1 . VAL A 1 171 ? -4.647  1.667   -1.727  1.00 13.69 ? 151  VAL A CG1 1 
ATOM   1142 C  CG2 . VAL A 1 171 ? -3.422  0.172   -3.305  1.00 13.97 ? 151  VAL A CG2 1 
ATOM   1143 N  N   . ARG A 1 172 ? -7.850  0.279   -2.269  1.00 14.07 ? 152  ARG A N   1 
ATOM   1144 C  CA  . ARG A 1 172 ? -9.133  0.602   -1.661  1.00 13.88 ? 152  ARG A CA  1 
ATOM   1145 C  C   . ARG A 1 172 ? -9.547  -0.528  -0.731  1.00 13.89 ? 152  ARG A C   1 
ATOM   1146 O  O   . ARG A 1 172 ? -9.894  -0.287  0.417   1.00 13.82 ? 152  ARG A O   1 
ATOM   1147 C  CB  . ARG A 1 172 ? -10.197 0.864   -2.736  1.00 13.60 ? 152  ARG A CB  1 
ATOM   1148 C  CG  . ARG A 1 172 ? -11.612 1.090   -2.207  1.00 13.54 ? 152  ARG A CG  1 
ATOM   1149 C  CD  . ARG A 1 172 ? -11.694 2.132   -1.090  1.00 13.41 ? 152  ARG A CD  1 
ATOM   1150 N  NE  . ARG A 1 172 ? -13.090 2.517   -0.872  1.00 13.48 ? 152  ARG A NE  1 
ATOM   1151 C  CZ  . ARG A 1 172 ? -13.713 3.476   -1.562  1.00 13.33 ? 152  ARG A CZ  1 
ATOM   1152 N  NH1 . ARG A 1 172 ? -13.052 4.162   -2.486  1.00 12.91 ? 152  ARG A NH1 1 
ATOM   1153 N  NH2 . ARG A 1 172 ? -14.991 3.749   -1.330  1.00 13.23 ? 152  ARG A NH2 1 
ATOM   1154 N  N   . GLU A 1 173 ? -9.473  -1.760  -1.230  1.00 14.35 ? 153  GLU A N   1 
ATOM   1155 C  CA  . GLU A 1 173 ? -9.900  -2.937  -0.491  1.00 15.00 ? 153  GLU A CA  1 
ATOM   1156 C  C   . GLU A 1 173 ? -9.139  -3.116  0.830   1.00 15.04 ? 153  GLU A C   1 
ATOM   1157 O  O   . GLU A 1 173 ? -9.744  -3.401  1.871   1.00 15.05 ? 153  GLU A O   1 
ATOM   1158 C  CB  . GLU A 1 173 ? -9.743  -4.172  -1.378  1.00 15.62 ? 153  GLU A CB  1 
ATOM   1159 C  CG  . GLU A 1 173 ? -10.204 -5.466  -0.746  1.00 16.60 ? 153  GLU A CG  1 
ATOM   1160 C  CD  . GLU A 1 173 ? -10.061 -6.638  -1.695  1.00 17.36 ? 153  GLU A CD  1 
ATOM   1161 O  OE1 . GLU A 1 173 ? -10.169 -6.440  -2.922  1.00 18.11 ? 153  GLU A OE1 1 
ATOM   1162 O  OE2 . GLU A 1 173 ? -9.826  -7.762  -1.218  1.00 18.00 ? 153  GLU A OE2 1 
ATOM   1163 N  N   . VAL A 1 174 ? -7.818  -2.945  0.787   1.00 14.75 ? 154  VAL A N   1 
ATOM   1164 C  CA  . VAL A 1 174 ? -6.998  -3.087  1.988   1.00 14.57 ? 154  VAL A CA  1 
ATOM   1165 C  C   . VAL A 1 174 ? -7.225  -1.923  2.965   1.00 14.40 ? 154  VAL A C   1 
ATOM   1166 O  O   . VAL A 1 174 ? -7.161  -2.101  4.192   1.00 14.56 ? 154  VAL A O   1 
ATOM   1167 C  CB  . VAL A 1 174 ? -5.499  -3.348  1.659   1.00 14.48 ? 154  VAL A CB  1 
ATOM   1168 C  CG1 . VAL A 1 174 ? -4.928  -2.281  0.749   1.00 15.07 ? 154  VAL A CG1 1 
ATOM   1169 C  CG2 . VAL A 1 174 ? -4.668  -3.450  2.921   1.00 14.45 ? 154  VAL A CG2 1 
ATOM   1170 N  N   . CYS A 1 175 ? -7.539  -0.747  2.429   1.00 14.19 ? 155  CYS A N   1 
ATOM   1171 C  CA  . CYS A 1 175 ? -7.841  0.394   3.272   1.00 14.16 ? 155  CYS A CA  1 
ATOM   1172 C  C   . CYS A 1 175 ? -9.083  0.126   4.093   1.00 14.11 ? 155  CYS A C   1 
ATOM   1173 O  O   . CYS A 1 175 ? -9.131  0.382   5.299   1.00 13.74 ? 155  CYS A O   1 
ATOM   1174 C  CB  . CYS A 1 175 ? -8.049  1.625   2.416   1.00 14.48 ? 155  CYS A CB  1 
ATOM   1175 S  SG  . CYS A 1 175 ? -6.506  2.229   1.739   1.00 14.49 ? 155  CYS A SG  1 
ATOM   1176 N  N   . GLU A 1 176 ? -10.085 -0.408  3.418   1.00 14.10 ? 156  GLU A N   1 
ATOM   1177 C  CA  . GLU A 1 176 ? -11.334 -0.755  4.057   1.00 14.71 ? 156  GLU A CA  1 
ATOM   1178 C  C   . GLU A 1 176 ? -11.140 -1.827  5.108   1.00 14.72 ? 156  GLU A C   1 
ATOM   1179 O  O   . GLU A 1 176 ? -11.733 -1.755  6.170   1.00 14.97 ? 156  GLU A O   1 
ATOM   1180 C  CB  . GLU A 1 176 ? -12.348 -1.176  3.012   1.00 14.89 ? 156  GLU A CB  1 
ATOM   1181 C  CG  . GLU A 1 176 ? -12.734 -0.005  2.129   1.00 15.33 ? 156  GLU A CG  1 
ATOM   1182 C  CD  . GLU A 1 176 ? -13.951 -0.285  1.282   1.00 16.36 ? 156  GLU A CD  1 
ATOM   1183 O  OE1 . GLU A 1 176 ? -14.501 -1.412  1.367   1.00 15.29 ? 156  GLU A OE1 1 
ATOM   1184 O  OE2 . GLU A 1 176 ? -14.345 0.642   0.531   1.00 16.60 ? 156  GLU A OE2 1 
ATOM   1185 N  N   . LEU A 1 177 ? -10.265 -2.781  4.816   1.00 14.73 ? 157  LEU A N   1 
ATOM   1186 C  CA  . LEU A 1 177 ? -9.945  -3.862  5.731   1.00 15.05 ? 157  LEU A CA  1 
ATOM   1187 C  C   . LEU A 1 177 ? -9.276  -3.379  7.028   1.00 14.60 ? 157  LEU A C   1 
ATOM   1188 O  O   . LEU A 1 177 ? -9.659  -3.786  8.128   1.00 13.99 ? 157  LEU A O   1 
ATOM   1189 C  CB  . LEU A 1 177 ? -9.037  -4.858  5.022   1.00 15.82 ? 157  LEU A CB  1 
ATOM   1190 C  CG  . LEU A 1 177 ? -9.394  -6.335  5.168   1.00 16.57 ? 157  LEU A CG  1 
ATOM   1191 C  CD1 . LEU A 1 177 ? -8.611  -7.160  4.160   1.00 16.82 ? 157  LEU A CD1 1 
ATOM   1192 C  CD2 . LEU A 1 177 ? -9.118  -6.832  6.577   1.00 17.01 ? 157  LEU A CD2 1 
ATOM   1193 N  N   . ILE A 1 178 ? -8.269  -2.515  6.895   1.00 14.90 ? 158  ILE A N   1 
ATOM   1194 C  CA  . ILE A 1 178 ? -7.599  -1.954  8.061   1.00 14.88 ? 158  ILE A CA  1 
ATOM   1195 C  C   . ILE A 1 178 ? -8.582  -1.104  8.875   1.00 14.75 ? 158  ILE A C   1 
ATOM   1196 O  O   . ILE A 1 178 ? -8.648  -1.216  10.107  1.00 14.37 ? 158  ILE A O   1 
ATOM   1197 C  CB  . ILE A 1 178 ? -6.335  -1.160  7.677   1.00 14.84 ? 158  ILE A CB  1 
ATOM   1198 C  CG1 . ILE A 1 178 ? -5.301  -2.096  7.032   1.00 15.13 ? 158  ILE A CG1 1 
ATOM   1199 C  CG2 . ILE A 1 178 ? -5.743  -0.521  8.914   1.00 15.13 ? 158  ILE A CG2 1 
ATOM   1200 C  CD1 . ILE A 1 178 ? -4.228  -1.406  6.218   1.00 14.73 ? 158  ILE A CD1 1 
ATOM   1201 N  N   . LEU A 1 179 ? -9.365  -0.282  8.184   1.00 14.65 ? 159  LEU A N   1 
ATOM   1202 C  CA  . LEU A 1 179 ? -10.386 0.522   8.852   1.00 14.98 ? 159  LEU A CA  1 
ATOM   1203 C  C   . LEU A 1 179 ? -11.333 -0.338  9.703   1.00 15.03 ? 159  LEU A C   1 
ATOM   1204 O  O   . LEU A 1 179 ? -11.580 0.000   10.861  1.00 14.71 ? 159  LEU A O   1 
ATOM   1205 C  CB  . LEU A 1 179 ? -11.161 1.377   7.848   1.00 14.97 ? 159  LEU A CB  1 
ATOM   1206 C  CG  . LEU A 1 179 ? -10.422 2.585   7.244   1.00 15.14 ? 159  LEU A CG  1 
ATOM   1207 C  CD1 . LEU A 1 179 ? -11.235 3.191   6.105   1.00 14.66 ? 159  LEU A CD1 1 
ATOM   1208 C  CD2 . LEU A 1 179 ? -10.127 3.644   8.304   1.00 15.17 ? 159  LEU A CD2 1 
ATOM   1209 N  N   . LYS A 1 180 ? -11.823 -1.449  9.138   1.00 15.33 ? 160  LYS A N   1 
ATOM   1210 C  CA  . LYS A 1 180 ? -12.759 -2.367  9.829   1.00 16.14 ? 160  LYS A CA  1 
ATOM   1211 C  C   . LYS A 1 180 ? -12.116 -3.046  11.043  1.00 16.41 ? 160  LYS A C   1 
ATOM   1212 O  O   . LYS A 1 180 ? -12.756 -3.228  12.090  1.00 16.11 ? 160  LYS A O   1 
ATOM   1213 C  CB  . LYS A 1 180 ? -13.271 -3.441  8.872   1.00 16.90 ? 160  LYS A CB  1 
ATOM   1214 C  CG  . LYS A 1 180 ? -14.278 -2.938  7.852   1.00 18.32 ? 160  LYS A CG  1 
ATOM   1215 C  CD  . LYS A 1 180 ? -14.369 -3.876  6.660   1.00 19.70 ? 160  LYS A CD  1 
ATOM   1216 C  CE  . LYS A 1 180 ? -15.616 -3.620  5.826   1.00 20.33 ? 160  LYS A CE  1 
ATOM   1217 N  NZ  . LYS A 1 180 ? -15.703 -4.594  4.696   1.00 21.36 ? 160  LYS A NZ  1 
ATOM   1218 N  N   . ALA A 1 181 ? -10.843 -3.408  10.896  1.00 16.19 ? 161  ALA A N   1 
ATOM   1219 C  CA  . ALA A 1 181 ? -10.098 -3.990  11.995  1.00 16.45 ? 161  ALA A CA  1 
ATOM   1220 C  C   . ALA A 1 181 ? -9.939  -2.995  13.146  1.00 16.61 ? 161  ALA A C   1 
ATOM   1221 O  O   . ALA A 1 181 ? -9.962  -3.386  14.305  1.00 16.19 ? 161  ALA A O   1 
ATOM   1222 C  CB  . ALA A 1 181 ? -8.754  -4.486  11.513  1.00 16.06 ? 161  ALA A CB  1 
ATOM   1223 N  N   . GLN A 1 182 ? -9.826  -1.707  12.816  1.00 17.15 ? 162  GLN A N   1 
ATOM   1224 C  CA  . GLN A 1 182 ? -9.615  -0.655  13.818  1.00 16.75 ? 162  GLN A CA  1 
ATOM   1225 C  C   . GLN A 1 182 ? -10.917 0.059   14.257  1.00 17.22 ? 162  GLN A C   1 
ATOM   1226 O  O   . GLN A 1 182 ? -10.880 1.085   14.956  1.00 16.43 ? 162  GLN A O   1 
ATOM   1227 C  CB  . GLN A 1 182 ? -8.549  0.335   13.330  1.00 16.81 ? 162  GLN A CB  1 
ATOM   1228 C  CG  . GLN A 1 182 ? -7.265  -0.365  12.871  1.00 16.78 ? 162  GLN A CG  1 
ATOM   1229 C  CD  . GLN A 1 182 ? -6.053  0.553   12.763  1.00 17.15 ? 162  GLN A CD  1 
ATOM   1230 O  OE1 . GLN A 1 182 ? -6.162  1.774   12.899  1.00 17.04 ? 162  GLN A OE1 1 
ATOM   1231 N  NE2 . GLN A 1 182 ? -4.880  -0.042  12.533  1.00 16.82 ? 162  GLN A NE2 1 
ATOM   1232 N  N   . ASN A 1 183 ? -12.056 -0.520  13.871  1.00 17.32 ? 163  ASN A N   1 
ATOM   1233 C  CA  . ASN A 1 183 ? -13.378 0.025   14.174  1.00 18.21 ? 163  ASN A CA  1 
ATOM   1234 C  C   . ASN A 1 183 ? -13.556 1.470   13.703  1.00 18.33 ? 163  ASN A C   1 
ATOM   1235 O  O   . ASN A 1 183 ? -14.113 2.297   14.435  1.00 18.06 ? 163  ASN A O   1 
ATOM   1236 C  CB  . ASN A 1 183 ? -13.677 -0.078  15.682  1.00 18.73 ? 163  ASN A CB  1 
ATOM   1237 C  CG  . ASN A 1 183 ? -13.507 -1.480  16.216  1.00 18.52 ? 163  ASN A CG  1 
ATOM   1238 O  OD1 . ASN A 1 183 ? -13.849 -2.460  15.561  1.00 18.59 ? 163  ASN A OD1 1 
ATOM   1239 N  ND2 . ASN A 1 183 ? -12.981 -1.579  17.423  1.00 19.45 ? 163  ASN A ND2 1 
ATOM   1240 N  N   . ASN A 1 184 ? -13.080 1.763   12.492  1.00 17.61 ? 164  ASN A N   1 
ATOM   1241 C  CA  . ASN A 1 184 ? -13.154 3.111   11.938  1.00 18.08 ? 164  ASN A CA  1 
ATOM   1242 C  C   . ASN A 1 184 ? -13.915 3.204   10.615  1.00 17.80 ? 164  ASN A C   1 
ATOM   1243 O  O   . ASN A 1 184 ? -14.183 4.296   10.115  1.00 18.16 ? 164  ASN A O   1 
ATOM   1244 C  CB  . ASN A 1 184 ? -11.742 3.697   11.806  1.00 18.87 ? 164  ASN A CB  1 
ATOM   1245 C  CG  . ASN A 1 184 ? -11.108 3.973   13.159  1.00 19.63 ? 164  ASN A CG  1 
ATOM   1246 O  OD1 . ASN A 1 184 ? -11.756 4.524   14.044  1.00 20.05 ? 164  ASN A OD1 1 
ATOM   1247 N  ND2 . ASN A 1 184 ? -9.843  3.586   13.329  1.00 19.64 ? 164  ASN A ND2 1 
ATOM   1248 N  N   . PHE A 1 185 ? -14.291 2.053   10.070  1.00 17.97 ? 165  PHE A N   1 
ATOM   1249 C  CA  . PHE A 1 185 ? -14.896 1.992   8.745   1.00 17.41 ? 165  PHE A CA  1 
ATOM   1250 C  C   . PHE A 1 185 ? -16.346 2.459   8.746   1.00 17.35 ? 165  PHE A C   1 
ATOM   1251 O  O   . PHE A 1 185 ? -16.691 3.408   8.025   1.00 16.96 ? 165  PHE A O   1 
ATOM   1252 C  CB  . PHE A 1 185 ? -14.790 0.576   8.160   1.00 17.71 ? 165  PHE A CB  1 
ATOM   1253 C  CG  . PHE A 1 185 ? -15.394 0.440   6.776   1.00 18.07 ? 165  PHE A CG  1 
ATOM   1254 C  CD1 . PHE A 1 185 ? -14.786 1.042   5.668   1.00 17.97 ? 165  PHE A CD1 1 
ATOM   1255 C  CD2 . PHE A 1 185 ? -16.580 -0.266  6.585   1.00 17.77 ? 165  PHE A CD2 1 
ATOM   1256 C  CE1 . PHE A 1 185 ? -15.348 0.933   4.401   1.00 18.13 ? 165  PHE A CE1 1 
ATOM   1257 C  CE2 . PHE A 1 185 ? -17.138 -0.383  5.315   1.00 17.85 ? 165  PHE A CE2 1 
ATOM   1258 C  CZ  . PHE A 1 185 ? -16.523 0.218   4.224   1.00 17.97 ? 165  PHE A CZ  1 
ATOM   1259 N  N   . ASP A 1 186 ? -17.188 1.788   9.544   1.00 17.00 ? 166  ASP A N   1 
ATOM   1260 C  CA  . ASP A 1 186 ? -18.613 2.121   9.624   1.00 16.78 ? 166  ASP A CA  1 
ATOM   1261 C  C   . ASP A 1 186 ? -18.848 3.599   9.924   1.00 16.59 ? 166  ASP A C   1 
ATOM   1262 O  O   . ASP A 1 186 ? -19.709 4.228   9.303   1.00 16.65 ? 166  ASP A O   1 
ATOM   1263 C  CB  . ASP A 1 186 ? -19.349 1.228   10.634  1.00 17.30 ? 166  ASP A CB  1 
ATOM   1264 C  CG  . ASP A 1 186 ? -19.498 -0.209  10.150  1.00 17.79 ? 166  ASP A CG  1 
ATOM   1265 O  OD1 . ASP A 1 186 ? -18.922 -0.545  9.089   1.00 17.29 ? 166  ASP A OD1 1 
ATOM   1266 O  OD2 . ASP A 1 186 ? -20.179 -1.007  10.840  1.00 18.04 ? 166  ASP A OD2 1 
ATOM   1267 N  N   . ALA A 1 187 ? -18.074 4.157   10.852  1.00 16.16 ? 167  ALA A N   1 
ATOM   1268 C  CA  . ALA A 1 187 ? -18.167 5.590   11.163  1.00 15.87 ? 167  ALA A CA  1 
ATOM   1269 C  C   . ALA A 1 187 ? -17.850 6.470   9.950   1.00 15.59 ? 167  ALA A C   1 
ATOM   1270 O  O   . ALA A 1 187 ? -18.554 7.448   9.684   1.00 15.56 ? 167  ALA A O   1 
ATOM   1271 C  CB  . ALA A 1 187 ? -17.265 5.953   12.337  1.00 15.66 ? 167  ALA A CB  1 
ATOM   1272 N  N   . PHE A 1 188 ? -16.794 6.117   9.222   1.00 15.68 ? 168  PHE A N   1 
ATOM   1273 C  CA  . PHE A 1 188 ? -16.400 6.850   8.019   1.00 15.98 ? 168  PHE A CA  1 
ATOM   1274 C  C   . PHE A 1 188 ? -17.537 6.839   6.987   1.00 16.15 ? 168  PHE A C   1 
ATOM   1275 O  O   . PHE A 1 188 ? -17.950 7.890   6.466   1.00 15.80 ? 168  PHE A O   1 
ATOM   1276 C  CB  . PHE A 1 188 ? -15.102 6.263   7.436   1.00 15.76 ? 168  PHE A CB  1 
ATOM   1277 C  CG  . PHE A 1 188 ? -14.659 6.916   6.150   1.00 15.66 ? 168  PHE A CG  1 
ATOM   1278 C  CD1 . PHE A 1 188 ? -14.162 8.225   6.146   1.00 15.22 ? 168  PHE A CD1 1 
ATOM   1279 C  CD2 . PHE A 1 188 ? -14.728 6.221   4.939   1.00 15.35 ? 168  PHE A CD2 1 
ATOM   1280 C  CE1 . PHE A 1 188 ? -13.757 8.835   4.959   1.00 15.41 ? 168  PHE A CE1 1 
ATOM   1281 C  CE2 . PHE A 1 188 ? -14.329 6.833   3.748   1.00 15.46 ? 168  PHE A CE2 1 
ATOM   1282 C  CZ  . PHE A 1 188 ? -13.839 8.139   3.761   1.00 14.69 ? 168  PHE A CZ  1 
ATOM   1283 N  N   . ILE A 1 189 ? -18.042 5.639   6.723   1.00 16.29 ? 169  ILE A N   1 
ATOM   1284 C  CA  . ILE A 1 189 ? -19.184 5.435   5.843   1.00 16.63 ? 169  ILE A CA  1 
ATOM   1285 C  C   . ILE A 1 189 ? -20.319 6.345   6.262   1.00 16.70 ? 169  ILE A C   1 
ATOM   1286 O  O   . ILE A 1 189 ? -20.856 7.075   5.439   1.00 16.66 ? 169  ILE A O   1 
ATOM   1287 C  CB  . ILE A 1 189 ? -19.675 3.972   5.889   1.00 16.90 ? 169  ILE A CB  1 
ATOM   1288 C  CG1 . ILE A 1 189 ? -18.662 3.031   5.231   1.00 17.11 ? 169  ILE A CG1 1 
ATOM   1289 C  CG2 . ILE A 1 189 ? -21.052 3.827   5.257   1.00 16.84 ? 169  ILE A CG2 1 
ATOM   1290 C  CD1 . ILE A 1 189 ? -17.922 3.640   4.056   1.00 17.67 ? 169  ILE A CD1 1 
ATOM   1291 N  N   . ALA A 1 190 ? -20.665 6.300   7.551   1.00 16.88 ? 170  ALA A N   1 
ATOM   1292 C  CA  . ALA A 1 190 ? -21.764 7.108   8.100   1.00 16.31 ? 170  ALA A CA  1 
ATOM   1293 C  C   . ALA A 1 190 ? -21.685 8.599   7.755   1.00 16.06 ? 170  ALA A C   1 
ATOM   1294 O  O   . ALA A 1 190 ? -22.723 9.246   7.640   1.00 15.46 ? 170  ALA A O   1 
ATOM   1295 C  CB  . ALA A 1 190 ? -21.894 6.902   9.610   1.00 16.06 ? 170  ALA A CB  1 
ATOM   1296 N  N   . THR A 1 191 ? -20.477 9.149   7.587   1.00 16.17 ? 171  THR A N   1 
ATOM   1297 C  CA  . THR A 1 191 ? -20.345 10.581  7.233   1.00 15.78 ? 171  THR A CA  1 
ATOM   1298 C  C   . THR A 1 191 ? -20.852 10.902  5.818   1.00 15.75 ? 171  THR A C   1 
ATOM   1299 O  O   . THR A 1 191 ? -20.968 12.074  5.437   1.00 15.23 ? 171  THR A O   1 
ATOM   1300 C  CB  . THR A 1 191 ? -18.904 11.126  7.377   1.00 16.30 ? 171  THR A CB  1 
ATOM   1301 O  OG1 . THR A 1 191 ? -18.073 10.595  6.335   1.00 16.33 ? 171  THR A OG1 1 
ATOM   1302 C  CG2 . THR A 1 191 ? -18.317 10.802  8.751   1.00 16.51 ? 171  THR A CG2 1 
ATOM   1303 N  N   . PHE A 1 192 ? -21.158 9.854   5.053   1.00 15.41 ? 172  PHE A N   1 
ATOM   1304 C  CA  . PHE A 1 192 ? -21.626 10.005  3.680   1.00 15.37 ? 172  PHE A CA  1 
ATOM   1305 C  C   . PHE A 1 192 ? -23.091 9.619   3.581   1.00 15.83 ? 172  PHE A C   1 
ATOM   1306 O  O   . PHE A 1 192 ? -23.659 9.597   2.489   1.00 16.04 ? 172  PHE A O   1 
ATOM   1307 C  CB  . PHE A 1 192 ? -20.779 9.156   2.723   1.00 14.90 ? 172  PHE A CB  1 
ATOM   1308 C  CG  . PHE A 1 192 ? -19.357 9.644   2.578   1.00 14.81 ? 172  PHE A CG  1 
ATOM   1309 C  CD1 . PHE A 1 192 ? -19.058 10.741  1.755   1.00 14.76 ? 172  PHE A CD1 1 
ATOM   1310 C  CD2 . PHE A 1 192 ? -18.326 9.026   3.268   1.00 14.46 ? 172  PHE A CD2 1 
ATOM   1311 C  CE1 . PHE A 1 192 ? -17.755 11.214  1.628   1.00 14.52 ? 172  PHE A CE1 1 
ATOM   1312 C  CE2 . PHE A 1 192 ? -17.018 9.488   3.144   1.00 15.22 ? 172  PHE A CE2 1 
ATOM   1313 C  CZ  . PHE A 1 192 ? -16.727 10.578  2.316   1.00 14.79 ? 172  PHE A CZ  1 
ATOM   1314 N  N   . GLN A 1 193 ? -23.691 9.298   4.727   1.00 15.56 ? 173  GLN A N   1 
ATOM   1315 C  CA  . GLN A 1 193 ? -25.086 8.880   4.776   1.00 15.64 ? 173  GLN A CA  1 
ATOM   1316 C  C   . GLN A 1 193 ? -25.922 9.878   5.560   1.00 15.47 ? 173  GLN A C   1 
ATOM   1317 O  O   . GLN A 1 193 ? -27.137 9.819   5.490   1.00 15.85 ? 173  GLN A O   1 
ATOM   1318 C  CB  . GLN A 1 193 ? -25.206 7.498   5.416   1.00 15.53 ? 173  GLN A CB  1 
ATOM   1319 C  CG  . GLN A 1 193 ? -24.518 6.374   4.660   1.00 15.10 ? 173  GLN A CG  1 
ATOM   1320 C  CD  . GLN A 1 193 ? -24.558 5.077   5.443   1.00 14.91 ? 173  GLN A CD  1 
ATOM   1321 O  OE1 . GLN A 1 193 ? -24.358 5.068   6.655   1.00 14.75 ? 173  GLN A OE1 1 
ATOM   1322 N  NE2 . GLN A 1 193 ? -24.829 3.977   4.760   1.00 15.17 ? 173  GLN A NE2 1 
HETATM 1323 C  C1  . KDO B 2 .   ? 10.778  -2.500  -14.866 1.00 31.31 ? 1174 KDO A C1  1 
HETATM 1324 O  O1A . KDO B 2 .   ? 9.799   -2.906  -15.517 1.00 30.05 ? 1174 KDO A O1A 1 
HETATM 1325 O  O1B . KDO B 2 .   ? 11.408  -1.466  -15.182 1.00 30.44 ? 1174 KDO A O1B 1 
HETATM 1326 C  C2  . KDO B 2 .   ? 11.186  -3.269  -13.624 1.00 32.87 ? 1174 KDO A C2  1 
HETATM 1327 O  O2  . KDO B 2 .   ? 10.437  -4.493  -13.523 1.00 31.42 ? 1174 KDO A O2  1 
HETATM 1328 C  C3  . KDO B 2 .   ? 12.683  -3.620  -13.641 1.00 34.15 ? 1174 KDO A C3  1 
HETATM 1329 C  C4  . KDO B 2 .   ? 13.175  -4.090  -12.263 1.00 35.34 ? 1174 KDO A C4  1 
HETATM 1330 O  O4  . KDO B 2 .   ? 14.604  -4.174  -12.236 1.00 36.55 ? 1174 KDO A O4  1 
HETATM 1331 C  C5  . KDO B 2 .   ? 12.732  -3.148  -11.147 1.00 34.96 ? 1174 KDO A C5  1 
HETATM 1332 O  O5  . KDO B 2 .   ? 13.446  -1.907  -11.273 1.00 34.98 ? 1174 KDO A O5  1 
HETATM 1333 C  C6  . KDO B 2 .   ? 11.212  -2.961  -11.235 1.00 34.55 ? 1174 KDO A C6  1 
HETATM 1334 O  O6  . KDO B 2 .   ? 10.891  -2.405  -12.515 1.00 33.11 ? 1174 KDO A O6  1 
HETATM 1335 C  C7  . KDO B 2 .   ? 10.624  -2.104  -10.119 1.00 34.20 ? 1174 KDO A C7  1 
HETATM 1336 O  O7  . KDO B 2 .   ? 10.819  -2.780  -8.871  1.00 35.76 ? 1174 KDO A O7  1 
HETATM 1337 C  C8  . KDO B 2 .   ? 9.134   -1.868  -10.333 1.00 33.21 ? 1174 KDO A C8  1 
HETATM 1338 O  O8  . KDO B 2 .   ? 8.688   -0.755  -9.547  1.00 33.05 ? 1174 KDO A O8  1 
HETATM 1339 MG MG  . MG  C 3 .   ? 5.535   -3.617  -8.001  1.00 17.55 ? 1175 MG  A MG  1 
HETATM 1340 MG MG  . MG  D 3 .   ? -5.275  2.123   -21.467 0.25 16.25 ? 1176 MG  A MG  1 
HETATM 1341 MG MG  . MG  E 3 .   ? -2.770  6.541   -22.488 0.25 85.28 ? 1177 MG  A MG  1 
HETATM 1342 MG MG  . MG  F 3 .   ? -1.258  9.207   -23.105 0.25 25.76 ? 1178 MG  A MG  1 
HETATM 1343 O  O   . HOH G 4 .   ? -15.019 -14.037 7.330   1.00 35.30 ? 2001 HOH A O   1 
HETATM 1344 O  O   . HOH G 4 .   ? -4.353  -14.161 12.662  1.00 35.69 ? 2002 HOH A O   1 
HETATM 1345 O  O   . HOH G 4 .   ? -9.340  -20.299 12.100  1.00 38.01 ? 2003 HOH A O   1 
HETATM 1346 O  O   . HOH G 4 .   ? -5.227  -8.489  17.724  1.00 34.07 ? 2004 HOH A O   1 
HETATM 1347 O  O   . HOH G 4 .   ? -3.991  3.475   14.230  1.00 29.79 ? 2005 HOH A O   1 
HETATM 1348 O  O   . HOH G 4 .   ? 6.534   -1.835  -8.405  1.00 17.06 ? 2006 HOH A O   1 
HETATM 1349 O  O   . HOH G 4 .   ? 7.077   -4.676  -7.159  1.00 14.92 ? 2007 HOH A O   1 
HETATM 1350 O  O   . HOH G 4 .   ? 9.402   -1.465  -6.909  1.00 6.22  ? 2008 HOH A O   1 
HETATM 1351 O  O   . HOH G 4 .   ? 5.854   -4.521  -9.840  1.00 12.78 ? 2009 HOH A O   1 
HETATM 1352 O  O   . HOH G 4 .   ? 2.885   0.497   -13.603 1.00 13.21 ? 2010 HOH A O   1 
HETATM 1353 O  O   . HOH G 4 .   ? 7.043   3.524   -9.628  1.00 23.69 ? 2011 HOH A O   1 
HETATM 1354 O  O   . HOH G 4 .   ? -0.805  -6.909  -9.943  1.00 20.17 ? 2012 HOH A O   1 
HETATM 1355 O  O   . HOH G 4 .   ? -5.148  -0.957  -6.206  1.00 5.35  ? 2013 HOH A O   1 
HETATM 1356 O  O   . HOH G 4 .   ? -4.391  3.522   -7.347  1.00 10.11 ? 2014 HOH A O   1 
HETATM 1357 O  O   . HOH G 4 .   ? -2.035  1.420   -16.374 1.00 13.50 ? 2015 HOH A O   1 
HETATM 1358 O  O   . HOH G 4 .   ? -5.325  -4.070  -16.363 1.00 29.56 ? 2016 HOH A O   1 
HETATM 1359 O  O   . HOH G 4 .   ? -6.349  -1.425  -15.374 1.00 28.40 ? 2017 HOH A O   1 
HETATM 1360 O  O   . HOH G 4 .   ? 0.103   2.622   -15.301 1.00 4.69  ? 2018 HOH A O   1 
HETATM 1361 O  O   . HOH G 4 .   ? 5.098   4.186   -16.024 1.00 18.51 ? 2019 HOH A O   1 
HETATM 1362 O  O   . HOH G 4 .   ? 3.759   8.346   -22.162 1.00 10.18 ? 2020 HOH A O   1 
HETATM 1363 O  O   . HOH G 4 .   ? 1.802   9.348   -23.966 1.00 11.69 ? 2021 HOH A O   1 
HETATM 1364 O  O   . HOH G 4 .   ? 4.579   14.559  -24.389 1.00 28.67 ? 2022 HOH A O   1 
HETATM 1365 O  O   . HOH G 4 .   ? 12.173  8.534   -25.672 1.00 23.41 ? 2023 HOH A O   1 
HETATM 1366 O  O   . HOH G 4 .   ? 5.922   9.927   -33.529 1.00 21.20 ? 2024 HOH A O   1 
HETATM 1367 O  O   . HOH G 4 .   ? 3.575   17.733  -25.077 0.25 29.08 ? 2025 HOH A O   1 
HETATM 1368 O  O   . HOH G 4 .   ? 9.530   9.655   -16.005 1.00 27.87 ? 2026 HOH A O   1 
HETATM 1369 O  O   . HOH G 4 .   ? 10.880  6.424   -14.292 1.00 25.43 ? 2027 HOH A O   1 
HETATM 1370 O  O   . HOH G 4 .   ? 7.741   5.546   -11.684 1.00 16.60 ? 2028 HOH A O   1 
HETATM 1371 O  O   . HOH G 4 .   ? -4.307  5.781   -6.196  1.00 13.82 ? 2029 HOH A O   1 
HETATM 1372 O  O   . HOH G 4 .   ? -12.304 -0.722  -5.308  1.00 33.63 ? 2030 HOH A O   1 
HETATM 1373 O  O   . HOH G 4 .   ? -15.755 -0.040  -4.501  1.00 15.42 ? 2031 HOH A O   1 
HETATM 1374 O  O   . HOH G 4 .   ? 4.358   -15.054 11.804  1.00 29.25 ? 2032 HOH A O   1 
HETATM 1375 O  O   . HOH G 4 .   ? -16.373 -4.416  9.775   1.00 26.42 ? 2033 HOH A O   1 
HETATM 1376 O  O   . HOH G 4 .   ? 12.773  4.953   -12.991 1.00 19.38 ? 2034 HOH A O   1 
HETATM 1377 O  O   . HOH G 4 .   ? 9.464   11.694  -14.169 1.00 13.27 ? 2035 HOH A O   1 
HETATM 1378 O  O   . HOH G 4 .   ? -0.707  16.515  -6.104  1.00 30.29 ? 2036 HOH A O   1 
HETATM 1379 O  O   . HOH G 4 .   ? 0.851   15.474  0.891   1.00 20.47 ? 2037 HOH A O   1 
HETATM 1380 O  O   . HOH G 4 .   ? 3.179   13.900  0.190   1.00 21.44 ? 2038 HOH A O   1 
HETATM 1381 O  O   . HOH G 4 .   ? 9.063   11.827  1.490   1.00 26.57 ? 2039 HOH A O   1 
HETATM 1382 O  O   . HOH G 4 .   ? 14.133  -6.327  1.007   1.00 15.49 ? 2040 HOH A O   1 
HETATM 1383 O  O   . HOH G 4 .   ? 11.341  -6.727  0.714   1.00 22.55 ? 2041 HOH A O   1 
HETATM 1384 O  O   . HOH G 4 .   ? 13.589  4.336   4.590   1.00 25.53 ? 2042 HOH A O   1 
HETATM 1385 O  O   . HOH G 4 .   ? 15.486  6.409   8.466   1.00 31.19 ? 2043 HOH A O   1 
HETATM 1386 O  O   . HOH G 4 .   ? 11.427  2.544   16.291  1.00 33.97 ? 2044 HOH A O   1 
HETATM 1387 O  O   . HOH G 4 .   ? 5.115   -4.876  20.479  1.00 41.92 ? 2045 HOH A O   1 
HETATM 1388 O  O   . HOH G 4 .   ? 10.680  -3.051  14.614  1.00 33.42 ? 2046 HOH A O   1 
HETATM 1389 O  O   . HOH G 4 .   ? 6.081   -8.453  -2.900  1.00 38.37 ? 2047 HOH A O   1 
HETATM 1390 O  O   . HOH G 4 .   ? 8.072   -5.817  -10.982 1.00 12.86 ? 2048 HOH A O   1 
HETATM 1391 O  O   . HOH G 4 .   ? 12.274  -9.325  -1.190  1.00 17.43 ? 2049 HOH A O   1 
HETATM 1392 O  O   . HOH G 4 .   ? 4.968   -12.925 7.842   1.00 20.33 ? 2050 HOH A O   1 
HETATM 1393 O  O   . HOH G 4 .   ? -3.220  -7.663  -9.438  1.00 4.95  ? 2051 HOH A O   1 
HETATM 1394 O  O   . HOH G 4 .   ? -0.722  -10.615 -15.167 1.00 28.35 ? 2052 HOH A O   1 
HETATM 1395 O  O   . HOH G 4 .   ? -7.002  -11.131 -12.478 1.00 31.24 ? 2053 HOH A O   1 
HETATM 1396 O  O   . HOH G 4 .   ? 4.615   -16.650 -9.831  1.00 27.39 ? 2054 HOH A O   1 
HETATM 1397 O  O   . HOH G 4 .   ? 5.929   -23.813 -9.228  1.00 35.66 ? 2055 HOH A O   1 
HETATM 1398 O  O   . HOH G 4 .   ? 8.126   -17.064 -0.836  1.00 16.98 ? 2056 HOH A O   1 
HETATM 1399 O  O   . HOH G 4 .   ? 6.939   -17.909 -10.385 1.00 26.06 ? 2057 HOH A O   1 
HETATM 1400 O  O   . HOH G 4 .   ? 8.754   -20.707 -6.055  1.00 18.17 ? 2058 HOH A O   1 
HETATM 1401 O  O   . HOH G 4 .   ? 8.543   -14.939 -9.543  1.00 20.66 ? 2059 HOH A O   1 
HETATM 1402 O  O   . HOH G 4 .   ? -1.353  -17.440 -3.572  1.00 32.64 ? 2060 HOH A O   1 
HETATM 1403 O  O   . HOH G 4 .   ? 5.452   -16.344 6.257   1.00 23.63 ? 2061 HOH A O   1 
HETATM 1404 O  O   . HOH G 4 .   ? 2.790   -13.322 8.952   1.00 17.22 ? 2062 HOH A O   1 
HETATM 1405 O  O   . HOH G 4 .   ? -9.524  -11.973 -1.164  1.00 29.34 ? 2063 HOH A O   1 
HETATM 1406 O  O   . HOH G 4 .   ? -12.830 -1.924  -2.511  1.00 22.94 ? 2064 HOH A O   1 
HETATM 1407 O  O   . HOH G 4 .   ? -10.364 -6.397  -10.175 1.00 27.74 ? 2065 HOH A O   1 
HETATM 1408 O  O   . HOH G 4 .   ? -10.153 0.496   -14.078 1.00 45.82 ? 2066 HOH A O   1 
HETATM 1409 O  O   . HOH G 4 .   ? -12.729 -1.522  -12.525 1.00 52.26 ? 2067 HOH A O   1 
HETATM 1410 O  O   . HOH G 4 .   ? -13.130 -6.652  -2.724  1.00 29.18 ? 2068 HOH A O   1 
HETATM 1411 O  O   . HOH G 4 .   ? -15.451 -0.528  -1.769  1.00 32.76 ? 2069 HOH A O   1 
HETATM 1412 O  O   . HOH G 4 .   ? -14.357 -3.966  2.418   1.00 21.64 ? 2070 HOH A O   1 
HETATM 1413 O  O   . HOH G 4 .   ? -13.575 -5.820  13.091  1.00 31.94 ? 2071 HOH A O   1 
HETATM 1414 O  O   . HOH G 4 .   ? -5.134  1.806   16.196  1.00 34.47 ? 2072 HOH A O   1 
HETATM 1415 O  O   . HOH G 4 .   ? -7.172  3.552   15.027  1.00 28.97 ? 2073 HOH A O   1 
HETATM 1416 O  O   . HOH G 4 .   ? -16.713 2.537   12.499  1.00 15.65 ? 2074 HOH A O   1 
HETATM 1417 O  O   . HOH G 4 .   ? -15.933 -0.383  11.787  1.00 2.00  ? 2075 HOH A O   1 
HETATM 1418 O  O   . HOH G 4 .   ? -14.108 6.292   14.448  1.00 23.60 ? 2076 HOH A O   1 
HETATM 1419 O  O   . HOH G 4 .   ? -11.132 5.166   16.629  1.00 34.93 ? 2077 HOH A O   1 
HETATM 1420 O  O   . HOH G 4 .   ? -22.251 2.971   8.944   1.00 24.75 ? 2078 HOH A O   1 
HETATM 1421 O  O   . HOH G 4 .   ? -20.657 -3.526  9.771   1.00 18.34 ? 2079 HOH A O   1 
HETATM 1422 O  O   . HOH G 4 .   ? -18.781 -3.066  7.633   1.00 40.81 ? 2080 HOH A O   1 
HETATM 1423 O  O   . HOH G 4 .   ? -21.675 0.169   12.947  1.00 21.56 ? 2081 HOH A O   1 
HETATM 1424 O  O   . HOH G 4 .   ? 9.485   -5.125  -8.540  1.00 23.57 ? 2082 HOH A O   1 
HETATM 1425 O  O   . HOH G 4 .   ? 15.509  -1.749  -13.200 1.00 38.16 ? 2083 HOH A O   1 
HETATM 1426 O  O   . HOH G 4 .   ? -2.461  3.761   -22.128 1.00 30.59 ? 2084 HOH A O   1 
HETATM 1427 O  O   . HOH G 4 .   ? -5.317  2.080   -23.781 1.00 18.95 ? 2085 HOH A O   1 
HETATM 1428 O  O   . HOH G 4 .   ? -5.079  -0.322  -21.941 1.00 42.87 ? 2086 HOH A O   1 
# 
